data_9DFV
#
_entry.id   9DFV
#
_cell.length_a   1.00
_cell.length_b   1.00
_cell.length_c   1.00
_cell.angle_alpha   90.00
_cell.angle_beta   90.00
_cell.angle_gamma   90.00
#
_symmetry.space_group_name_H-M   'P 1'
#
loop_
_entity.id
_entity.type
_entity.pdbx_description
1 polymer 'Actin, alpha skeletal muscle'
2 polymer 'Unconventional myosin-VIIa'
3 non-polymer "ADENOSINE-5'-DIPHOSPHATE"
4 non-polymer 'MAGNESIUM ION'
#
loop_
_entity_poly.entity_id
_entity_poly.type
_entity_poly.pdbx_seq_one_letter_code
_entity_poly.pdbx_strand_id
1 'polypeptide(L)'
;MCDEDETTALVCDNGSGLVKAGFAGDDAPRAVFPSIVGRPRHQGVMVGMGQKDSYVGDEAQSKRGILTLKYPIE(HIC)G
IITNWDDMEKIWHHTFYNELRVAPEEHPTLLTEAPLNPKANREKMTQIMFETFNVPAMYVAIQAVLSLYASGRTTGIVLD
SGDGVTHNVPIYEGYALPHAIMRLDLAGRDLTDYLMKILTERGYSFVTTAEREIVRDIKEKLCYVALDFENEMATAASSS
SLEKSYELPDGQVITIGNERFRCPETLFQPSFIGMESAGIHETTYNSIMKCDIDIRKDLYANNVMSGGTTMYPGIADRMQ
KEITALAPSTMKIKIIAPPERKYSVWIGGSILASLSTFQQMWITKQEYDEAGPSIVHRKCF
;
A,B,C
2 'polypeptide(L)'
;LQKGDYVWMDLKSGQEFDVPIGAVVKLCDSGQIQAVDDEDNEHWISPQNATHIKPMHPTSVHGVEDMIRLGDLNEAGILR
NLLIRYRDHLIYTYTGSILVAVNPYQLLSIYSPEHIRQYTNKKIGEMPPHIFAIADNCYFNMKRNNRDQCCIISGESGAG
KTESTKLILQFLAAISGQHSWIEQQVLEATPILEAFGNAKTIRNDNSSRFGKYIDIHFNKRGAIEGAKIEQYLLEKSRVC
RQAPDERNYHVFYCMLEGMNEEEKKKLGLGQAADYNYLAMGNCITCEGRVDSQEYANIRSAMKVLMFTDTENWEISKLLA
AILHMGNLQYEARTFENLDACEVLFSPSLATAASLLEVNPPDLMSCLTSRTLITRGETVSTPLSREQALDVRDAFVKGIY
GRLFVWIVEKINAAIYKPPPLEVKNSRRSIGLLDIFGFENFTVNSFEQLCINFANEHLQQFFVRHVFKLEQEEYDLESID
WLHIEFTDNQEALDMIANRPMNVISLIDEESKFPKGTDATMLHKLNSQHKLNANYVPPKNSHETQFGINHFAGVVYYESQ
GFLEKNRDTLHGDIIQLVHSSRNKFIKQIFQADVAMGAETRKRSPTLSSQFKRSLELLMRTLGACQPFFVRCIKPNEFKK
PMLFDRHLCVRQLRYSGMMETIRIRHAGYP
;
D
#
loop_
_chem_comp.id
_chem_comp.type
_chem_comp.name
_chem_comp.formula
ADP non-polymer ADENOSINE-5'-DIPHOSPHATE 'C10 H15 N5 O10 P2'
MG non-polymer 'MAGNESIUM ION' 'Mg 2'
#
# COMPACT_ATOMS: atom_id res chain seq x y z
N ASP A 5 -17.79 11.49 37.32
CA ASP A 5 -17.15 11.68 38.62
C ASP A 5 -15.64 11.50 38.51
N GLU A 6 -15.21 10.28 38.23
CA GLU A 6 -13.78 9.97 38.11
C GLU A 6 -13.34 10.13 36.66
N THR A 7 -13.34 11.38 36.21
CA THR A 7 -12.92 11.73 34.86
C THR A 7 -11.45 12.14 34.90
N THR A 8 -10.57 11.24 34.47
CA THR A 8 -9.14 11.52 34.48
C THR A 8 -8.82 12.61 33.47
N ALA A 9 -7.95 13.54 33.86
CA ALA A 9 -7.55 14.63 32.99
C ALA A 9 -6.47 14.16 32.02
N LEU A 10 -6.30 14.92 30.95
CA LEU A 10 -5.30 14.64 29.93
C LEU A 10 -4.22 15.70 29.95
N VAL A 11 -2.96 15.26 29.90
CA VAL A 11 -1.81 16.16 29.82
C VAL A 11 -1.13 15.92 28.49
N CYS A 12 -1.09 16.96 27.66
CA CYS A 12 -0.51 16.88 26.32
C CYS A 12 0.58 17.93 26.21
N ASP A 13 1.84 17.51 26.39
CA ASP A 13 2.98 18.40 26.27
C ASP A 13 3.45 18.36 24.81
N ASN A 14 2.75 19.11 23.97
CA ASN A 14 3.04 19.16 22.54
C ASN A 14 4.21 20.10 22.30
N GLY A 15 5.40 19.55 22.22
CA GLY A 15 6.59 20.32 21.93
C GLY A 15 6.82 20.46 20.43
N SER A 16 7.98 21.03 20.09
CA SER A 16 8.33 21.25 18.70
C SER A 16 8.75 19.96 18.01
N GLY A 17 9.46 19.09 18.73
CA GLY A 17 9.98 17.88 18.12
C GLY A 17 9.27 16.60 18.51
N LEU A 18 8.89 16.48 19.77
CA LEU A 18 8.21 15.28 20.28
C LEU A 18 6.92 15.67 20.96
N VAL A 19 5.93 14.80 20.87
CA VAL A 19 4.63 14.99 21.51
C VAL A 19 4.52 13.99 22.66
N LYS A 20 4.33 14.51 23.87
CA LYS A 20 4.18 13.69 25.05
C LYS A 20 2.74 13.80 25.56
N ALA A 21 2.06 12.67 25.66
CA ALA A 21 0.67 12.63 26.06
C ALA A 21 0.45 11.54 27.10
N GLY A 22 -0.62 11.68 27.87
CA GLY A 22 -0.91 10.72 28.90
C GLY A 22 -2.08 11.19 29.75
N PHE A 23 -2.24 10.52 30.89
CA PHE A 23 -3.33 10.82 31.83
C PHE A 23 -2.74 11.42 33.10
N ALA A 24 -3.49 12.34 33.71
CA ALA A 24 -3.03 13.00 34.92
C ALA A 24 -3.01 12.01 36.07
N GLY A 25 -1.81 11.70 36.56
CA GLY A 25 -1.67 10.74 37.64
C GLY A 25 -0.63 9.68 37.35
N ASP A 26 -0.39 9.40 36.07
CA ASP A 26 0.56 8.38 35.68
C ASP A 26 1.99 8.84 35.95
N ASP A 27 2.88 7.86 36.10
CA ASP A 27 4.28 8.17 36.37
C ASP A 27 5.00 8.68 35.12
N ALA A 28 4.70 8.09 33.97
CA ALA A 28 5.38 8.38 32.72
C ALA A 28 4.36 8.62 31.62
N PRO A 29 4.72 9.36 30.58
CA PRO A 29 3.79 9.59 29.47
C PRO A 29 3.40 8.28 28.80
N ARG A 30 2.13 8.19 28.39
CA ARG A 30 1.65 6.98 27.74
C ARG A 30 2.15 6.88 26.30
N ALA A 31 2.11 8.00 25.56
CA ALA A 31 2.47 8.01 24.14
C ALA A 31 3.51 9.09 23.90
N VAL A 32 4.65 8.69 23.34
CA VAL A 32 5.69 9.62 22.90
C VAL A 32 6.04 9.28 21.45
N PHE A 33 5.97 10.28 20.58
CA PHE A 33 6.21 10.08 19.16
C PHE A 33 6.61 11.41 18.55
N PRO A 34 7.34 11.39 17.42
CA PRO A 34 7.76 12.65 16.79
C PRO A 34 6.58 13.46 16.29
N SER A 35 6.76 14.78 16.29
CA SER A 35 5.72 15.72 15.85
C SER A 35 5.95 16.10 14.39
N ILE A 36 5.75 15.11 13.51
CA ILE A 36 5.96 15.29 12.08
C ILE A 36 4.72 14.83 11.32
N VAL A 37 4.50 15.44 10.17
CA VAL A 37 3.46 15.03 9.23
C VAL A 37 4.11 14.87 7.87
N GLY A 38 3.98 13.68 7.29
CA GLY A 38 4.63 13.36 6.02
C GLY A 38 3.62 13.21 4.91
N ARG A 39 4.03 13.58 3.70
CA ARG A 39 3.19 13.46 2.51
C ARG A 39 4.00 12.82 1.39
N PRO A 40 3.37 11.98 0.56
CA PRO A 40 4.11 11.33 -0.53
C PRO A 40 4.64 12.34 -1.53
N ARG A 41 5.84 12.06 -2.04
CA ARG A 41 6.50 12.92 -3.02
C ARG A 41 6.86 12.17 -4.30
N HIS A 42 6.46 10.92 -4.44
CA HIS A 42 6.76 10.11 -5.61
C HIS A 42 5.46 9.74 -6.32
N GLN A 43 5.58 8.90 -7.34
CA GLN A 43 4.45 8.51 -8.18
C GLN A 43 3.97 7.13 -7.77
N GLY A 44 2.67 7.02 -7.50
CA GLY A 44 2.07 5.74 -7.17
C GLY A 44 1.68 4.96 -8.40
N VAL A 45 2.25 3.76 -8.57
CA VAL A 45 2.07 2.99 -9.78
C VAL A 45 1.24 1.73 -9.58
N MET A 46 1.27 1.14 -8.39
CA MET A 46 0.52 -0.09 -8.14
C MET A 46 -0.93 0.26 -7.81
N VAL A 47 -1.84 -0.07 -8.72
CA VAL A 47 -3.26 0.15 -8.48
C VAL A 47 -3.75 -0.80 -7.40
N GLY A 48 -4.65 -0.31 -6.55
CA GLY A 48 -5.15 -1.09 -5.45
C GLY A 48 -4.35 -1.02 -4.17
N MET A 49 -3.24 -0.29 -4.17
CA MET A 49 -2.47 -0.11 -2.95
C MET A 49 -3.16 0.91 -2.05
N GLY A 50 -2.93 0.78 -0.74
CA GLY A 50 -3.52 1.69 0.21
C GLY A 50 -3.07 3.13 0.03
N GLN A 51 -4.00 4.01 -0.31
CA GLN A 51 -3.69 5.40 -0.63
C GLN A 51 -3.97 6.26 0.59
N LYS A 52 -2.91 6.68 1.28
CA LYS A 52 -2.99 7.63 2.38
C LYS A 52 -2.25 8.90 1.98
N ASP A 53 -2.88 10.04 2.21
CA ASP A 53 -2.29 11.33 1.83
C ASP A 53 -1.54 11.99 2.98
N SER A 54 -1.45 11.34 4.14
CA SER A 54 -0.74 11.92 5.27
C SER A 54 -0.34 10.81 6.23
N TYR A 55 0.85 10.93 6.79
CA TYR A 55 1.34 10.02 7.83
C TYR A 55 1.80 10.85 9.02
N VAL A 56 1.34 10.48 10.22
CA VAL A 56 1.56 11.26 11.42
C VAL A 56 2.26 10.39 12.46
N GLY A 57 3.33 10.93 13.05
CA GLY A 57 3.99 10.26 14.14
C GLY A 57 4.96 9.17 13.73
N ASP A 58 4.93 8.06 14.47
CA ASP A 58 5.84 6.94 14.19
C ASP A 58 5.59 6.31 12.83
N GLU A 59 4.36 6.39 12.32
CA GLU A 59 4.06 5.86 11.00
C GLU A 59 4.77 6.64 9.90
N ALA A 60 5.15 7.88 10.16
CA ALA A 60 5.82 8.72 9.18
C ALA A 60 7.34 8.54 9.17
N GLN A 61 7.89 7.80 10.13
CA GLN A 61 9.31 7.50 10.15
C GLN A 61 9.62 6.06 9.74
N SER A 62 8.60 5.26 9.49
CA SER A 62 8.78 3.93 8.91
C SER A 62 8.74 3.97 7.39
N LYS A 63 7.74 4.65 6.82
CA LYS A 63 7.74 4.97 5.39
C LYS A 63 8.41 6.32 5.15
N ARG A 64 9.61 6.47 5.71
CA ARG A 64 10.29 7.76 5.72
C ARG A 64 10.95 8.09 4.38
N GLY A 65 11.34 7.08 3.61
CA GLY A 65 12.04 7.29 2.37
C GLY A 65 11.18 7.67 1.18
N ILE A 66 9.87 7.80 1.35
CA ILE A 66 9.00 8.18 0.25
C ILE A 66 8.11 9.34 0.67
N LEU A 67 8.53 10.09 1.69
CA LEU A 67 7.73 11.18 2.25
C LEU A 67 8.58 12.42 2.43
N THR A 68 7.90 13.56 2.46
CA THR A 68 8.51 14.82 2.87
C THR A 68 8.00 15.16 4.27
N LEU A 69 8.93 15.28 5.22
CA LEU A 69 8.59 15.48 6.62
C LEU A 69 8.63 16.97 6.96
N LYS A 70 7.54 17.47 7.55
CA LYS A 70 7.41 18.88 7.88
C LYS A 70 6.95 19.01 9.33
N TYR A 71 7.71 19.75 10.13
CA TYR A 71 7.32 20.01 11.50
C TYR A 71 6.31 21.15 11.55
N PRO A 72 5.12 20.95 12.13
CA PRO A 72 4.15 22.05 12.22
C PRO A 72 4.51 23.09 13.26
N ILE A 73 5.42 22.80 14.17
CA ILE A 73 5.81 23.72 15.23
C ILE A 73 7.30 24.00 15.09
N GLU A 74 7.66 25.27 14.99
CA GLU A 74 9.06 25.67 14.97
C GLU A 74 9.29 26.84 15.93
N HIC A 75 10.29 26.68 16.78
CA HIC A 75 10.63 27.67 17.79
C HIC A 75 9.45 27.91 18.72
O HIC A 75 9.16 29.02 19.18
CB HIC A 75 11.08 29.03 17.22
CG HIC A 75 12.27 28.91 16.37
ND1 HIC A 75 13.42 28.16 16.72
CD2 HIC A 75 12.45 29.49 15.10
CE1 HIC A 75 14.27 28.30 15.68
NE2 HIC A 75 13.72 29.10 14.67
CZ HIC A 75 14.34 29.47 13.44
N GLY A 76 8.73 26.83 18.98
CA GLY A 76 7.61 26.86 19.90
C GLY A 76 6.38 27.58 19.41
N ILE A 77 6.35 27.94 18.12
CA ILE A 77 5.24 28.65 17.52
C ILE A 77 4.65 27.77 16.42
N ILE A 78 3.32 27.59 16.47
CA ILE A 78 2.64 26.73 15.51
C ILE A 78 2.46 27.52 14.21
N THR A 79 3.13 27.07 13.15
CA THR A 79 3.05 27.75 11.86
C THR A 79 1.99 27.18 10.95
N ASN A 80 1.76 25.87 10.99
CA ASN A 80 0.74 25.21 10.18
C ASN A 80 -0.38 24.77 11.10
N TRP A 81 -1.59 25.26 10.85
CA TRP A 81 -2.72 25.01 11.73
C TRP A 81 -3.64 23.91 11.26
N ASP A 82 -3.27 23.18 10.20
CA ASP A 82 -3.96 21.97 9.80
C ASP A 82 -3.16 20.72 10.14
N ASP A 83 -1.85 20.75 9.94
CA ASP A 83 -1.00 19.65 10.41
C ASP A 83 -1.06 19.50 11.92
N MET A 84 -1.22 20.61 12.64
CA MET A 84 -1.32 20.52 14.10
C MET A 84 -2.64 19.88 14.50
N GLU A 85 -3.72 20.19 13.78
CA GLU A 85 -4.98 19.49 14.01
C GLU A 85 -4.85 18.01 13.72
N LYS A 86 -4.12 17.66 12.64
CA LYS A 86 -3.88 16.25 12.35
C LYS A 86 -3.14 15.57 13.49
N ILE A 87 -2.12 16.22 14.02
CA ILE A 87 -1.34 15.65 15.11
C ILE A 87 -2.19 15.49 16.37
N TRP A 88 -3.01 16.49 16.68
CA TRP A 88 -3.88 16.38 17.85
C TRP A 88 -4.91 15.27 17.67
N HIS A 89 -5.46 15.13 16.46
CA HIS A 89 -6.39 14.04 16.19
C HIS A 89 -5.71 12.68 16.38
N HIS A 90 -4.49 12.54 15.87
CA HIS A 90 -3.74 11.30 16.07
C HIS A 90 -3.53 11.04 17.55
N THR A 91 -3.10 12.06 18.29
CA THR A 91 -2.82 11.89 19.71
C THR A 91 -4.05 11.46 20.48
N PHE A 92 -5.20 12.09 20.20
CA PHE A 92 -6.40 11.81 20.97
C PHE A 92 -7.00 10.45 20.58
N TYR A 93 -7.20 10.21 19.28
CA TYR A 93 -7.94 9.02 18.88
C TYR A 93 -7.04 7.80 18.70
N ASN A 94 -5.91 7.94 18.02
CA ASN A 94 -5.12 6.79 17.63
C ASN A 94 -4.05 6.40 18.65
N GLU A 95 -3.70 7.31 19.57
CA GLU A 95 -2.64 7.04 20.54
C GLU A 95 -3.18 6.85 21.95
N LEU A 96 -4.06 7.75 22.41
CA LEU A 96 -4.65 7.62 23.73
C LEU A 96 -5.95 6.84 23.74
N ARG A 97 -6.61 6.71 22.58
CA ARG A 97 -7.86 5.96 22.44
C ARG A 97 -8.93 6.50 23.40
N VAL A 98 -9.07 7.82 23.42
CA VAL A 98 -10.04 8.48 24.30
C VAL A 98 -10.85 9.48 23.48
N ALA A 99 -12.04 9.77 23.98
CA ALA A 99 -12.90 10.78 23.36
C ALA A 99 -12.51 12.16 23.88
N PRO A 100 -12.16 13.12 23.01
CA PRO A 100 -11.76 14.44 23.50
C PRO A 100 -12.85 15.19 24.24
N GLU A 101 -14.12 14.83 24.05
CA GLU A 101 -15.22 15.61 24.60
C GLU A 101 -15.59 15.21 26.03
N GLU A 102 -14.85 14.29 26.65
CA GLU A 102 -15.15 13.86 28.01
C GLU A 102 -13.96 13.96 28.95
N HIS A 103 -12.83 14.51 28.50
CA HIS A 103 -11.64 14.65 29.33
C HIS A 103 -11.16 16.09 29.28
N PRO A 104 -11.01 16.77 30.41
CA PRO A 104 -10.30 18.05 30.41
C PRO A 104 -8.86 17.85 29.97
N THR A 105 -8.33 18.81 29.23
CA THR A 105 -7.00 18.70 28.65
C THR A 105 -6.12 19.85 29.15
N LEU A 106 -4.85 19.54 29.38
CA LEU A 106 -3.86 20.51 29.83
C LEU A 106 -2.77 20.63 28.78
N LEU A 107 -2.49 21.86 28.36
CA LEU A 107 -1.51 22.12 27.32
C LEU A 107 -0.36 22.95 27.89
N THR A 108 0.78 22.88 27.20
CA THR A 108 2.00 23.55 27.63
C THR A 108 2.50 24.47 26.53
N GLU A 109 3.22 25.51 26.94
CA GLU A 109 3.69 26.54 26.01
C GLU A 109 4.95 27.18 26.55
N ALA A 110 5.73 27.77 25.64
CA ALA A 110 6.93 28.49 26.02
C ALA A 110 6.57 29.81 26.71
N PRO A 111 7.51 30.38 27.48
CA PRO A 111 7.19 31.63 28.21
C PRO A 111 6.73 32.77 27.31
N LEU A 112 7.54 33.19 26.35
CA LEU A 112 7.25 34.36 25.54
C LEU A 112 6.91 33.93 24.13
N ASN A 113 5.63 33.80 23.84
CA ASN A 113 5.11 33.44 22.53
C ASN A 113 4.00 34.41 22.16
N PRO A 114 3.71 34.55 20.87
CA PRO A 114 2.61 35.43 20.45
C PRO A 114 1.29 34.98 21.04
N LYS A 115 0.44 35.97 21.36
CA LYS A 115 -0.85 35.68 21.97
C LYS A 115 -1.78 34.94 21.01
N ALA A 116 -1.59 35.13 19.71
CA ALA A 116 -2.40 34.44 18.72
C ALA A 116 -2.26 32.93 18.84
N ASN A 117 -1.07 32.46 19.22
CA ASN A 117 -0.88 31.03 19.41
C ASN A 117 -1.82 30.48 20.48
N ARG A 118 -1.85 31.13 21.64
CA ARG A 118 -2.73 30.68 22.72
C ARG A 118 -4.19 30.81 22.32
N GLU A 119 -4.55 31.91 21.64
CA GLU A 119 -5.94 32.11 21.26
C GLU A 119 -6.41 31.04 20.27
N LYS A 120 -5.58 30.72 19.27
CA LYS A 120 -5.95 29.70 18.30
C LYS A 120 -5.98 28.32 18.94
N MET A 121 -5.07 28.05 19.88
CA MET A 121 -5.13 26.78 20.61
C MET A 121 -6.45 26.66 21.37
N THR A 122 -6.85 27.74 22.04
CA THR A 122 -8.13 27.77 22.75
C THR A 122 -9.28 27.51 21.79
N GLN A 123 -9.30 28.21 20.65
CA GLN A 123 -10.41 28.09 19.72
C GLN A 123 -10.48 26.68 19.15
N ILE A 124 -9.34 26.10 18.79
CA ILE A 124 -9.33 24.75 18.24
C ILE A 124 -9.83 23.75 19.29
N MET A 125 -9.30 23.84 20.51
CA MET A 125 -9.70 22.90 21.55
C MET A 125 -11.19 22.98 21.85
N PHE A 126 -11.74 24.20 21.87
CA PHE A 126 -13.14 24.37 22.27
C PHE A 126 -14.13 24.29 21.11
N GLU A 127 -13.67 24.28 19.86
CA GLU A 127 -14.60 24.25 18.74
C GLU A 127 -14.46 23.03 17.84
N THR A 128 -13.29 22.42 17.76
CA THR A 128 -13.10 21.25 16.92
C THR A 128 -13.19 19.95 17.73
N PHE A 129 -12.42 19.85 18.81
CA PHE A 129 -12.46 18.66 19.66
C PHE A 129 -13.47 18.77 20.78
N ASN A 130 -13.98 19.96 21.07
CA ASN A 130 -15.05 20.16 22.04
C ASN A 130 -14.68 19.62 23.41
N VAL A 131 -13.51 20.03 23.90
CA VAL A 131 -13.06 19.56 25.23
C VAL A 131 -13.95 20.18 26.30
N PRO A 132 -14.27 19.47 27.37
CA PRO A 132 -15.05 20.10 28.46
C PRO A 132 -14.35 21.26 29.12
N ALA A 133 -13.02 21.18 29.25
CA ALA A 133 -12.24 22.22 29.92
C ALA A 133 -10.83 22.19 29.38
N MET A 134 -10.10 23.28 29.63
CA MET A 134 -8.76 23.42 29.10
C MET A 134 -7.92 24.25 30.08
N TYR A 135 -6.60 24.10 29.97
CA TYR A 135 -5.68 25.01 30.63
C TYR A 135 -4.36 25.00 29.88
N VAL A 136 -3.71 26.16 29.83
CA VAL A 136 -2.41 26.32 29.20
C VAL A 136 -1.43 26.78 30.28
N ALA A 137 -0.33 26.05 30.42
CA ALA A 137 0.62 26.30 31.49
C ALA A 137 2.03 26.43 30.92
N ILE A 138 2.90 27.09 31.69
CA ILE A 138 4.29 27.24 31.28
C ILE A 138 5.07 25.98 31.63
N GLN A 139 5.84 25.48 30.68
CA GLN A 139 6.59 24.24 30.88
C GLN A 139 7.62 24.39 31.99
N ALA A 140 8.27 25.55 32.05
CA ALA A 140 9.33 25.77 33.03
C ALA A 140 8.79 25.69 34.45
N VAL A 141 7.54 26.10 34.66
CA VAL A 141 6.91 25.95 35.98
C VAL A 141 6.69 24.47 36.29
N LEU A 142 6.22 23.71 35.31
CA LEU A 142 5.97 22.28 35.54
C LEU A 142 7.24 21.52 35.83
N SER A 143 8.38 22.00 35.32
CA SER A 143 9.65 21.35 35.65
C SER A 143 9.91 21.38 37.15
N LEU A 144 9.54 22.48 37.81
CA LEU A 144 9.72 22.55 39.26
C LEU A 144 8.81 21.57 39.98
N TYR A 145 7.56 21.43 39.53
CA TYR A 145 6.67 20.43 40.11
C TYR A 145 7.28 19.05 39.99
N ALA A 146 7.85 18.73 38.83
CA ALA A 146 8.49 17.43 38.65
C ALA A 146 9.68 17.27 39.59
N SER A 147 10.50 18.32 39.73
CA SER A 147 11.66 18.25 40.60
C SER A 147 11.30 18.27 42.08
N GLY A 148 10.05 18.56 42.41
CA GLY A 148 9.63 18.58 43.80
C GLY A 148 10.25 19.69 44.60
N ARG A 149 10.30 20.89 44.02
CA ARG A 149 10.85 22.06 44.68
C ARG A 149 9.91 23.24 44.50
N THR A 150 10.08 24.25 45.35
CA THR A 150 9.34 25.51 45.23
C THR A 150 10.24 26.70 44.96
N THR A 151 11.54 26.47 44.79
CA THR A 151 12.50 27.55 44.58
C THR A 151 13.61 27.06 43.67
N GLY A 152 13.98 27.89 42.71
CA GLY A 152 15.08 27.59 41.81
C GLY A 152 14.80 28.12 40.42
N ILE A 153 15.89 28.30 39.66
CA ILE A 153 15.82 28.74 38.27
C ILE A 153 15.97 27.52 37.38
N VAL A 154 15.03 27.34 36.45
CA VAL A 154 14.96 26.13 35.63
C VAL A 154 15.46 26.46 34.23
N LEU A 155 16.30 25.58 33.68
CA LEU A 155 16.83 25.72 32.34
C LEU A 155 16.19 24.65 31.45
N ASP A 156 15.18 25.03 30.68
CA ASP A 156 14.45 24.11 29.82
C ASP A 156 14.90 24.31 28.39
N SER A 157 15.34 23.23 27.73
CA SER A 157 15.82 23.28 26.36
C SER A 157 15.33 22.05 25.61
N GLY A 158 14.37 22.24 24.72
CA GLY A 158 13.92 21.18 23.84
C GLY A 158 14.65 21.24 22.52
N ASP A 159 13.90 21.27 21.42
CA ASP A 159 14.48 21.51 20.11
C ASP A 159 13.87 22.72 19.40
N GLY A 160 12.97 23.44 20.06
CA GLY A 160 12.47 24.69 19.53
C GLY A 160 13.03 25.93 20.19
N VAL A 161 13.05 25.95 21.53
CA VAL A 161 13.45 27.12 22.30
C VAL A 161 14.18 26.69 23.56
N THR A 162 14.97 27.61 24.11
CA THR A 162 15.63 27.45 25.39
C THR A 162 15.31 28.67 26.25
N HIS A 163 14.72 28.43 27.42
CA HIS A 163 14.25 29.52 28.27
C HIS A 163 14.62 29.27 29.73
N ASN A 164 14.74 30.36 30.48
CA ASN A 164 15.04 30.32 31.91
C ASN A 164 13.94 31.07 32.65
N VAL A 165 13.40 30.46 33.71
CA VAL A 165 12.36 31.07 34.52
C VAL A 165 12.75 30.94 35.99
N PRO A 166 13.07 32.04 36.69
CA PRO A 166 13.39 31.93 38.12
C PRO A 166 12.15 32.03 38.99
N ILE A 167 12.05 31.12 39.97
CA ILE A 167 10.88 31.06 40.86
C ILE A 167 11.38 30.96 42.29
N TYR A 168 10.72 31.69 43.19
CA TYR A 168 11.05 31.67 44.61
C TYR A 168 9.77 31.54 45.42
N GLU A 169 9.65 30.44 46.15
CA GLU A 169 8.50 30.17 47.01
C GLU A 169 7.18 30.28 46.24
N GLY A 170 7.19 29.76 45.01
CA GLY A 170 6.00 29.81 44.17
C GLY A 170 5.75 31.12 43.48
N TYR A 171 6.62 32.11 43.65
CA TYR A 171 6.49 33.40 43.01
C TYR A 171 7.50 33.51 41.88
N ALA A 172 7.02 33.88 40.69
CA ALA A 172 7.86 34.00 39.51
C ALA A 172 8.20 35.47 39.27
N LEU A 173 9.41 35.70 38.77
CA LEU A 173 9.85 37.06 38.44
C LEU A 173 9.82 37.22 36.93
N PRO A 174 8.73 37.79 36.37
CA PRO A 174 8.61 37.84 34.91
C PRO A 174 9.71 38.65 34.23
N HIS A 175 10.22 39.70 34.88
CA HIS A 175 11.23 40.53 34.24
C HIS A 175 12.57 39.81 34.09
N ALA A 176 12.76 38.69 34.77
CA ALA A 176 14.00 37.92 34.68
C ALA A 176 13.87 36.71 33.78
N ILE A 177 12.79 36.60 33.02
CA ILE A 177 12.59 35.48 32.12
C ILE A 177 13.35 35.74 30.82
N MET A 178 14.17 34.77 30.42
CA MET A 178 14.96 34.86 29.20
C MET A 178 14.50 33.78 28.23
N ARG A 179 14.59 34.06 26.93
CA ARG A 179 14.16 33.13 25.90
C ARG A 179 15.12 33.17 24.73
N LEU A 180 15.66 32.01 24.37
CA LEU A 180 16.53 31.86 23.21
C LEU A 180 15.90 30.86 22.25
N ASP A 181 16.20 31.04 20.96
CA ASP A 181 15.69 30.16 19.91
C ASP A 181 16.73 29.17 19.42
N LEU A 182 17.85 29.03 20.12
CA LEU A 182 18.85 28.02 19.79
C LEU A 182 18.53 26.74 20.55
N ALA A 183 18.39 25.64 19.85
CA ALA A 183 17.91 24.41 20.49
C ALA A 183 18.33 23.21 19.65
N GLY A 184 17.70 22.07 19.91
CA GLY A 184 18.13 20.81 19.31
C GLY A 184 18.04 20.80 17.79
N ARG A 185 17.02 21.44 17.23
CA ARG A 185 16.92 21.48 15.77
C ARG A 185 18.08 22.25 15.17
N ASP A 186 18.47 23.37 15.78
CA ASP A 186 19.62 24.11 15.32
C ASP A 186 20.90 23.30 15.50
N LEU A 187 20.98 22.53 16.59
CA LEU A 187 22.12 21.65 16.79
C LEU A 187 22.21 20.62 15.67
N THR A 188 21.08 20.02 15.30
CA THR A 188 21.05 19.04 14.23
C THR A 188 21.47 19.66 12.90
N ASP A 189 20.96 20.87 12.62
CA ASP A 189 21.33 21.54 11.38
C ASP A 189 22.82 21.88 11.34
N TYR A 190 23.38 22.32 12.47
CA TYR A 190 24.80 22.65 12.50
C TYR A 190 25.65 21.39 12.31
N LEU A 191 25.24 20.28 12.93
CA LEU A 191 25.96 19.03 12.72
C LEU A 191 25.87 18.58 11.26
N MET A 192 24.68 18.71 10.66
CA MET A 192 24.50 18.34 9.26
C MET A 192 25.36 19.22 8.35
N LYS A 193 25.58 20.48 8.75
CA LYS A 193 26.46 21.35 7.97
C LYS A 193 27.91 20.94 8.13
N ILE A 194 28.35 20.65 9.36
CA ILE A 194 29.77 20.38 9.59
C ILE A 194 30.15 18.95 9.20
N LEU A 195 29.19 18.08 8.95
CA LEU A 195 29.52 16.74 8.48
C LEU A 195 30.06 16.76 7.05
N THR A 196 29.78 17.83 6.30
CA THR A 196 30.25 17.91 4.91
C THR A 196 31.76 18.05 4.84
N GLU A 197 32.41 18.45 5.94
CA GLU A 197 33.87 18.54 5.93
C GLU A 197 34.52 17.19 5.71
N ARG A 198 33.98 16.15 6.34
CA ARG A 198 34.53 14.80 6.20
C ARG A 198 34.10 14.12 4.90
N GLY A 199 33.09 14.65 4.22
CA GLY A 199 32.61 14.09 2.97
C GLY A 199 31.17 13.64 3.01
N TYR A 200 30.65 13.27 4.18
CA TYR A 200 29.26 12.83 4.27
C TYR A 200 28.31 13.98 3.96
N SER A 201 27.30 13.69 3.14
CA SER A 201 26.35 14.71 2.68
C SER A 201 24.94 14.25 2.98
N PHE A 202 24.23 15.03 3.81
CA PHE A 202 22.82 14.77 4.12
C PHE A 202 22.04 16.03 3.80
N VAL A 203 21.04 15.91 2.93
CA VAL A 203 20.28 17.07 2.48
C VAL A 203 18.78 16.89 2.75
N THR A 204 18.26 15.70 2.46
CA THR A 204 16.83 15.48 2.54
C THR A 204 16.33 15.49 3.98
N THR A 205 15.02 15.73 4.13
CA THR A 205 14.41 15.70 5.45
C THR A 205 14.51 14.32 6.08
N ALA A 206 14.52 13.27 5.25
CA ALA A 206 14.76 11.93 5.77
C ALA A 206 16.16 11.79 6.33
N GLU A 207 17.15 12.38 5.65
CA GLU A 207 18.52 12.32 6.15
C GLU A 207 18.71 13.20 7.38
N ARG A 208 17.85 14.20 7.56
CA ARG A 208 17.90 15.01 8.77
C ARG A 208 17.67 14.15 10.01
N GLU A 209 16.76 13.18 9.92
CA GLU A 209 16.52 12.28 11.05
C GLU A 209 17.77 11.43 11.35
N ILE A 210 18.45 10.98 10.31
CA ILE A 210 19.68 10.22 10.51
C ILE A 210 20.73 11.08 11.20
N VAL A 211 20.85 12.34 10.77
CA VAL A 211 21.80 13.26 11.40
C VAL A 211 21.45 13.47 12.87
N ARG A 212 20.16 13.63 13.16
CA ARG A 212 19.72 13.79 14.54
C ARG A 212 20.06 12.56 15.37
N ASP A 213 19.87 11.37 14.80
CA ASP A 213 20.21 10.15 15.52
C ASP A 213 21.70 10.05 15.80
N ILE A 214 22.53 10.42 14.81
CA ILE A 214 23.97 10.45 15.02
C ILE A 214 24.32 11.40 16.15
N LYS A 215 23.69 12.58 16.15
CA LYS A 215 23.93 13.54 17.22
C LYS A 215 23.57 12.96 18.59
N GLU A 216 22.37 12.38 18.71
CA GLU A 216 21.92 11.84 19.99
C GLU A 216 22.79 10.69 20.48
N LYS A 217 23.33 9.87 19.57
CA LYS A 217 24.08 8.70 20.00
C LYS A 217 25.59 8.94 20.13
N LEU A 218 26.14 10.00 19.54
CA LEU A 218 27.58 10.20 19.60
C LEU A 218 28.03 11.53 20.17
N CYS A 219 27.18 12.56 20.18
CA CYS A 219 27.64 13.87 20.61
C CYS A 219 27.70 13.99 22.13
N TYR A 220 28.64 14.81 22.60
CA TYR A 220 28.79 15.07 24.03
C TYR A 220 29.37 16.46 24.20
N VAL A 221 29.23 16.99 25.42
CA VAL A 221 29.73 18.33 25.76
C VAL A 221 31.11 18.18 26.39
N ALA A 222 32.09 18.88 25.81
CA ALA A 222 33.46 18.84 26.30
C ALA A 222 33.65 19.89 27.39
N LEU A 223 34.30 19.49 28.48
CA LEU A 223 34.51 20.39 29.60
C LEU A 223 35.43 21.55 29.21
N ASP A 224 36.51 21.25 28.47
CA ASP A 224 37.46 22.26 28.02
C ASP A 224 37.58 22.16 26.50
N PHE A 225 37.01 23.15 25.82
CA PHE A 225 36.90 23.08 24.36
C PHE A 225 38.26 23.09 23.69
N GLU A 226 39.19 23.92 24.16
CA GLU A 226 40.49 24.00 23.51
C GLU A 226 41.30 22.72 23.70
N ASN A 227 41.29 22.18 24.91
CA ASN A 227 41.98 20.92 25.15
C ASN A 227 41.35 19.78 24.36
N GLU A 228 40.03 19.83 24.19
CA GLU A 228 39.40 18.75 23.45
C GLU A 228 39.75 18.87 21.96
N MET A 229 39.85 20.11 21.44
CA MET A 229 40.47 20.34 20.15
C MET A 229 41.85 19.70 20.05
N ALA A 230 42.70 19.94 21.04
CA ALA A 230 44.06 19.41 20.98
C ALA A 230 44.06 17.89 20.96
N THR A 231 43.25 17.27 21.82
CA THR A 231 43.21 15.81 21.89
C THR A 231 42.67 15.22 20.60
N ALA A 232 41.61 15.82 20.04
CA ALA A 232 41.05 15.33 18.79
C ALA A 232 42.05 15.47 17.64
N ALA A 233 42.78 16.58 17.61
CA ALA A 233 43.74 16.79 16.52
C ALA A 233 44.98 15.92 16.67
N SER A 234 45.34 15.55 17.90
CA SER A 234 46.55 14.77 18.12
C SER A 234 46.30 13.26 18.18
N SER A 235 45.06 12.82 18.32
CA SER A 235 44.78 11.40 18.46
C SER A 235 43.40 11.09 17.90
N SER A 236 43.17 9.81 17.59
CA SER A 236 41.90 9.32 17.09
C SER A 236 41.06 8.64 18.15
N SER A 237 41.42 8.80 19.43
CA SER A 237 40.67 8.15 20.50
C SER A 237 39.25 8.69 20.59
N LEU A 238 39.05 9.96 20.23
CA LEU A 238 37.74 10.57 20.29
C LEU A 238 36.84 10.17 19.11
N GLU A 239 37.38 9.49 18.12
CA GLU A 239 36.61 9.13 16.94
C GLU A 239 35.71 7.93 17.22
N LYS A 240 34.48 7.99 16.70
CA LYS A 240 33.51 6.91 16.83
C LYS A 240 32.93 6.59 15.46
N SER A 241 32.31 5.42 15.36
CA SER A 241 31.73 4.95 14.12
C SER A 241 30.23 4.77 14.26
N TYR A 242 29.51 5.00 13.17
CA TYR A 242 28.05 4.86 13.13
C TYR A 242 27.67 4.33 11.77
N GLU A 243 26.74 3.38 11.74
CA GLU A 243 26.34 2.71 10.50
C GLU A 243 25.06 3.32 9.96
N LEU A 244 25.09 3.78 8.72
CA LEU A 244 23.93 4.34 8.07
C LEU A 244 22.92 3.23 7.75
N PRO A 245 21.65 3.60 7.49
CA PRO A 245 20.64 2.57 7.22
C PRO A 245 20.96 1.66 6.04
N ASP A 246 21.70 2.16 5.04
CA ASP A 246 22.04 1.34 3.89
C ASP A 246 23.26 0.46 4.12
N GLY A 247 23.91 0.57 5.28
CA GLY A 247 25.07 -0.25 5.60
C GLY A 247 26.40 0.48 5.56
N GLN A 248 26.44 1.70 5.03
CA GLN A 248 27.69 2.46 5.02
C GLN A 248 28.08 2.86 6.43
N VAL A 249 29.39 2.94 6.67
CA VAL A 249 29.95 3.26 7.98
C VAL A 249 30.61 4.62 7.91
N ILE A 250 30.24 5.51 8.80
CA ILE A 250 30.83 6.84 8.90
C ILE A 250 31.61 6.93 10.20
N THR A 251 32.61 7.81 10.21
CA THR A 251 33.43 8.07 11.38
C THR A 251 33.48 9.56 11.62
N ILE A 252 33.18 9.99 12.85
CA ILE A 252 33.19 11.40 13.20
C ILE A 252 34.14 11.61 14.37
N GLY A 253 34.86 12.73 14.33
CA GLY A 253 35.84 13.04 15.35
C GLY A 253 35.47 14.23 16.21
N ASN A 254 36.06 15.39 15.91
CA ASN A 254 35.83 16.57 16.74
C ASN A 254 34.39 17.07 16.65
N GLU A 255 33.64 16.64 15.62
CA GLU A 255 32.25 17.06 15.50
C GLU A 255 31.41 16.65 16.70
N ARG A 256 31.78 15.54 17.36
CA ARG A 256 31.00 15.03 18.49
C ARG A 256 30.79 16.10 19.55
N PHE A 257 31.82 16.90 19.83
CA PHE A 257 31.74 17.97 20.80
C PHE A 257 31.81 19.37 20.20
N ARG A 258 31.99 19.48 18.88
CA ARG A 258 31.77 20.77 18.24
C ARG A 258 30.27 21.06 18.10
N CYS A 259 29.48 20.04 17.81
CA CYS A 259 28.04 20.27 17.64
C CYS A 259 27.36 20.75 18.92
N PRO A 260 27.55 20.12 20.09
CA PRO A 260 26.89 20.65 21.30
C PRO A 260 27.47 21.96 21.79
N GLU A 261 28.67 22.33 21.33
CA GLU A 261 29.34 23.50 21.86
C GLU A 261 28.60 24.79 21.53
N THR A 262 27.77 24.76 20.48
CA THR A 262 27.08 25.98 20.07
C THR A 262 26.12 26.47 21.14
N LEU A 263 25.75 25.61 22.09
CA LEU A 263 24.94 26.05 23.23
C LEU A 263 25.68 27.10 24.04
N PHE A 264 26.98 26.89 24.27
CA PHE A 264 27.77 27.83 25.05
C PHE A 264 28.39 28.92 24.20
N GLN A 265 28.55 28.68 22.89
CA GLN A 265 29.08 29.67 21.95
C GLN A 265 28.13 29.75 20.76
N PRO A 266 27.04 30.51 20.89
CA PRO A 266 26.07 30.61 19.78
C PRO A 266 26.62 31.27 18.53
N SER A 267 27.84 31.82 18.58
CA SER A 267 28.40 32.48 17.39
C SER A 267 28.70 31.47 16.28
N PHE A 268 28.73 30.18 16.61
CA PHE A 268 29.02 29.16 15.60
C PHE A 268 27.97 29.16 14.49
N ILE A 269 26.70 29.26 14.86
CA ILE A 269 25.62 29.24 13.87
C ILE A 269 25.26 30.67 13.50
N GLY A 270 26.10 31.63 13.90
CA GLY A 270 25.92 33.00 13.47
C GLY A 270 24.99 33.84 14.29
N MET A 271 24.73 33.48 15.55
CA MET A 271 23.89 34.27 16.42
C MET A 271 24.74 35.12 17.35
N GLU A 272 24.24 36.30 17.68
CA GLU A 272 24.92 37.25 18.55
C GLU A 272 24.64 37.00 20.02
N SER A 273 23.69 36.12 20.35
CA SER A 273 23.30 35.91 21.73
C SER A 273 24.42 35.22 22.52
N ALA A 274 24.32 35.32 23.83
CA ALA A 274 25.27 34.68 24.73
C ALA A 274 24.90 33.22 24.97
N GLY A 275 25.81 32.50 25.62
CA GLY A 275 25.58 31.10 25.89
C GLY A 275 24.53 30.89 26.96
N ILE A 276 24.18 29.62 27.16
CA ILE A 276 23.17 29.27 28.15
C ILE A 276 23.66 29.60 29.55
N HIS A 277 24.95 29.43 29.81
CA HIS A 277 25.50 29.75 31.13
C HIS A 277 25.38 31.24 31.42
N GLU A 278 25.73 32.08 30.45
CA GLU A 278 25.62 33.52 30.65
C GLU A 278 24.16 33.94 30.76
N THR A 279 23.28 33.31 29.98
CA THR A 279 21.86 33.61 30.08
C THR A 279 21.33 33.28 31.47
N THR A 280 21.70 32.12 32.01
CA THR A 280 21.26 31.74 33.36
C THR A 280 21.82 32.69 34.41
N TYR A 281 23.10 33.06 34.27
CA TYR A 281 23.70 33.98 35.24
C TYR A 281 23.01 35.33 35.20
N ASN A 282 22.71 35.85 34.01
CA ASN A 282 22.02 37.13 33.90
C ASN A 282 20.62 37.04 34.46
N SER A 283 19.92 35.93 34.23
CA SER A 283 18.59 35.75 34.79
C SER A 283 18.64 35.74 36.31
N ILE A 284 19.66 35.10 36.88
CA ILE A 284 19.81 35.11 38.33
C ILE A 284 20.11 36.53 38.83
N MET A 285 20.97 37.25 38.13
CA MET A 285 21.35 38.59 38.56
C MET A 285 20.18 39.56 38.48
N LYS A 286 19.26 39.35 37.54
CA LYS A 286 18.10 40.23 37.43
C LYS A 286 17.19 40.12 38.63
N CYS A 287 17.26 39.02 39.37
CA CYS A 287 16.39 38.81 40.52
C CYS A 287 16.88 39.62 41.72
N ASP A 288 16.11 39.55 42.80
CA ASP A 288 16.45 40.27 44.03
C ASP A 288 17.72 39.70 44.64
N ILE A 289 18.39 40.53 45.44
CA ILE A 289 19.70 40.16 45.97
C ILE A 289 19.58 38.98 46.94
N ASP A 290 18.49 38.92 47.70
CA ASP A 290 18.32 37.85 48.67
C ASP A 290 18.04 36.52 47.98
N ILE A 291 17.33 36.56 46.85
CA ILE A 291 16.91 35.33 46.17
C ILE A 291 18.09 34.65 45.50
N ARG A 292 19.18 35.39 45.26
CA ARG A 292 20.24 34.90 44.39
C ARG A 292 20.93 33.66 44.94
N LYS A 293 21.13 33.60 46.26
CA LYS A 293 21.80 32.43 46.83
C LYS A 293 20.98 31.16 46.64
N ASP A 294 19.67 31.24 46.92
CA ASP A 294 18.81 30.08 46.75
C ASP A 294 18.68 29.71 45.27
N LEU A 295 18.68 30.70 44.38
CA LEU A 295 18.66 30.40 42.96
C LEU A 295 19.95 29.70 42.52
N TYR A 296 21.09 30.14 43.07
CA TYR A 296 22.35 29.48 42.76
C TYR A 296 22.34 28.03 43.24
N ALA A 297 21.82 27.79 44.44
CA ALA A 297 21.81 26.45 45.00
C ALA A 297 20.88 25.49 44.28
N ASN A 298 19.98 25.99 43.41
CA ASN A 298 18.98 25.16 42.75
C ASN A 298 18.89 25.57 41.28
N ASN A 299 19.64 24.86 40.43
CA ASN A 299 19.56 25.03 38.98
C ASN A 299 18.99 23.74 38.39
N VAL A 300 17.73 23.78 37.97
CA VAL A 300 17.05 22.61 37.43
C VAL A 300 17.16 22.62 35.92
N MET A 301 17.66 21.53 35.35
CA MET A 301 17.78 21.38 33.91
C MET A 301 16.71 20.42 33.41
N SER A 302 16.06 20.80 32.30
CA SER A 302 15.02 20.00 31.70
C SER A 302 15.13 20.06 30.18
N GLY A 303 14.57 19.07 29.52
CA GLY A 303 14.52 19.02 28.08
C GLY A 303 15.54 18.04 27.50
N GLY A 304 15.29 17.64 26.26
CA GLY A 304 16.17 16.67 25.61
C GLY A 304 17.55 17.24 25.31
N THR A 305 17.63 18.53 24.99
CA THR A 305 18.92 19.15 24.67
C THR A 305 19.86 19.14 25.86
N THR A 306 19.34 18.99 27.08
CA THR A 306 20.17 18.94 28.28
C THR A 306 20.66 17.54 28.62
N MET A 307 20.49 16.58 27.70
CA MET A 307 20.88 15.20 27.96
C MET A 307 22.28 14.85 27.48
N TYR A 308 23.04 15.81 26.95
CA TYR A 308 24.40 15.51 26.54
C TYR A 308 25.25 15.14 27.76
N PRO A 309 26.16 14.17 27.64
CA PRO A 309 27.08 13.90 28.74
C PRO A 309 28.00 15.08 29.01
N GLY A 310 28.19 15.39 30.30
CA GLY A 310 29.08 16.46 30.70
C GLY A 310 28.49 17.84 30.69
N ILE A 311 27.24 18.00 30.23
CA ILE A 311 26.64 19.33 30.14
C ILE A 311 26.46 19.91 31.54
N ALA A 312 26.06 19.07 32.50
CA ALA A 312 25.89 19.55 33.87
C ALA A 312 27.22 19.99 34.47
N ASP A 313 28.28 19.21 34.23
CA ASP A 313 29.60 19.57 34.75
C ASP A 313 30.08 20.89 34.17
N ARG A 314 29.95 21.05 32.85
CA ARG A 314 30.40 22.30 32.24
C ARG A 314 29.53 23.47 32.68
N MET A 315 28.23 23.27 32.84
CA MET A 315 27.35 24.32 33.31
C MET A 315 27.76 24.76 34.72
N GLN A 316 28.05 23.79 35.58
CA GLN A 316 28.53 24.13 36.92
C GLN A 316 29.85 24.89 36.87
N LYS A 317 30.76 24.47 35.99
CA LYS A 317 32.04 25.16 35.88
C LYS A 317 31.86 26.62 35.45
N GLU A 318 31.06 26.85 34.42
CA GLU A 318 30.86 28.21 33.92
C GLU A 318 30.15 29.07 34.95
N ILE A 319 29.11 28.55 35.60
CA ILE A 319 28.37 29.36 36.56
C ILE A 319 29.22 29.60 37.81
N THR A 320 30.10 28.66 38.16
CA THR A 320 31.03 28.89 39.25
C THR A 320 32.02 29.99 38.90
N ALA A 321 32.51 30.00 37.66
CA ALA A 321 33.42 31.06 37.23
C ALA A 321 32.73 32.42 37.26
N LEU A 322 31.47 32.49 36.81
CA LEU A 322 30.77 33.77 36.77
C LEU A 322 30.37 34.25 38.16
N ALA A 323 29.83 33.36 38.98
CA ALA A 323 29.27 33.71 40.27
C ALA A 323 30.35 33.95 41.32
N PRO A 324 30.01 34.62 42.42
CA PRO A 324 30.98 34.80 43.50
C PRO A 324 31.43 33.48 44.08
N SER A 325 32.66 33.46 44.60
CA SER A 325 33.27 32.23 45.07
C SER A 325 32.53 31.67 46.29
N THR A 326 32.00 32.55 47.15
CA THR A 326 31.32 32.10 48.36
C THR A 326 30.07 31.28 48.03
N MET A 327 29.33 31.71 47.00
CA MET A 327 28.11 31.01 46.65
C MET A 327 28.40 29.60 46.18
N LYS A 328 27.50 28.67 46.50
CA LYS A 328 27.63 27.28 46.12
C LYS A 328 26.74 27.01 44.92
N ILE A 329 27.35 26.63 43.80
CA ILE A 329 26.62 26.35 42.56
C ILE A 329 26.30 24.86 42.53
N LYS A 330 25.01 24.54 42.43
CA LYS A 330 24.55 23.17 42.33
C LYS A 330 23.66 23.03 41.10
N ILE A 331 24.03 22.13 40.20
CA ILE A 331 23.28 21.89 38.98
C ILE A 331 22.44 20.64 39.20
N ILE A 332 21.13 20.80 39.23
CA ILE A 332 20.20 19.69 39.45
C ILE A 332 19.77 19.16 38.09
N ALA A 333 20.23 17.96 37.75
CA ALA A 333 19.93 17.31 36.48
C ALA A 333 19.35 15.93 36.77
N PRO A 334 18.05 15.82 36.96
CA PRO A 334 17.43 14.51 37.24
C PRO A 334 17.61 13.57 36.07
N PRO A 335 17.72 12.27 36.33
CA PRO A 335 17.91 11.31 35.23
C PRO A 335 16.77 11.32 34.23
N GLU A 336 15.54 11.60 34.66
CA GLU A 336 14.38 11.61 33.78
C GLU A 336 13.97 13.02 33.36
N ARG A 337 14.95 13.92 33.23
CA ARG A 337 14.64 15.31 32.90
C ARG A 337 14.03 15.46 31.51
N LYS A 338 14.09 14.42 30.67
CA LYS A 338 13.48 14.51 29.35
C LYS A 338 11.96 14.53 29.45
N TYR A 339 11.39 14.03 30.54
CA TYR A 339 9.94 13.98 30.73
C TYR A 339 9.48 14.79 31.94
N SER A 340 10.35 15.64 32.49
CA SER A 340 10.01 16.37 33.71
C SER A 340 8.85 17.32 33.47
N VAL A 341 8.79 17.94 32.29
CA VAL A 341 7.68 18.85 31.99
C VAL A 341 6.36 18.11 32.07
N TRP A 342 6.28 16.93 31.46
CA TRP A 342 5.04 16.16 31.50
C TRP A 342 4.72 15.68 32.91
N ILE A 343 5.74 15.25 33.66
CA ILE A 343 5.49 14.78 35.03
C ILE A 343 4.93 15.91 35.88
N GLY A 344 5.52 17.09 35.77
CA GLY A 344 5.01 18.25 36.50
C GLY A 344 3.62 18.63 36.07
N GLY A 345 3.34 18.55 34.77
CA GLY A 345 1.99 18.81 34.30
C GLY A 345 0.97 17.84 34.87
N SER A 346 1.33 16.56 34.94
CA SER A 346 0.46 15.57 35.54
C SER A 346 0.21 15.87 37.01
N ILE A 347 1.27 16.21 37.75
CA ILE A 347 1.11 16.55 39.17
C ILE A 347 0.20 17.75 39.33
N LEU A 348 0.41 18.78 38.50
CA LEU A 348 -0.44 19.97 38.60
C LEU A 348 -1.89 19.66 38.28
N ALA A 349 -2.13 18.85 37.24
CA ALA A 349 -3.50 18.51 36.87
C ALA A 349 -4.16 17.58 37.87
N SER A 350 -3.39 16.88 38.70
CA SER A 350 -3.93 15.99 39.71
C SER A 350 -4.10 16.64 41.08
N LEU A 351 -4.21 17.96 41.13
CA LEU A 351 -4.36 18.70 42.38
C LEU A 351 -5.81 19.14 42.55
N SER A 352 -6.32 19.04 43.77
CA SER A 352 -7.68 19.51 44.06
C SER A 352 -7.76 21.03 43.93
N THR A 353 -6.72 21.74 44.34
CA THR A 353 -6.71 23.21 44.27
C THR A 353 -6.74 23.70 42.83
N PHE A 354 -6.32 22.88 41.87
CA PHE A 354 -6.29 23.30 40.48
C PHE A 354 -7.64 23.17 39.79
N GLN A 355 -8.59 22.44 40.37
CA GLN A 355 -9.82 22.10 39.67
C GLN A 355 -10.75 23.28 39.44
N GLN A 356 -10.55 24.39 40.13
CA GLN A 356 -11.34 25.59 39.86
C GLN A 356 -10.59 26.59 38.98
N MET A 357 -9.44 26.20 38.44
CA MET A 357 -8.67 27.04 37.54
C MET A 357 -8.82 26.63 36.08
N TRP A 358 -9.59 25.59 35.79
CA TRP A 358 -9.86 25.21 34.41
C TRP A 358 -10.68 26.29 33.72
N ILE A 359 -10.48 26.43 32.42
CA ILE A 359 -11.33 27.26 31.59
C ILE A 359 -12.45 26.38 31.05
N THR A 360 -13.67 26.63 31.50
CA THR A 360 -14.80 25.80 31.13
C THR A 360 -15.43 26.28 29.82
N LYS A 361 -16.30 25.44 29.27
CA LYS A 361 -16.95 25.77 28.00
C LYS A 361 -17.85 27.00 28.12
N GLN A 362 -18.50 27.19 29.27
CA GLN A 362 -19.38 28.33 29.45
C GLN A 362 -18.60 29.65 29.39
N GLU A 363 -17.44 29.70 30.06
CA GLU A 363 -16.65 30.91 30.06
C GLU A 363 -16.15 31.24 28.66
N TYR A 364 -15.72 30.23 27.90
CA TYR A 364 -15.33 30.48 26.52
C TYR A 364 -16.51 30.96 25.69
N ASP A 365 -17.68 30.34 25.86
CA ASP A 365 -18.86 30.74 25.11
C ASP A 365 -19.28 32.17 25.42
N GLU A 366 -19.02 32.66 26.63
CA GLU A 366 -19.41 34.02 26.99
C GLU A 366 -18.33 35.06 26.78
N ALA A 367 -17.06 34.66 26.67
CA ALA A 367 -15.96 35.63 26.61
C ALA A 367 -15.17 35.59 25.31
N GLY A 368 -15.23 34.52 24.53
CA GLY A 368 -14.44 34.40 23.33
C GLY A 368 -13.05 33.86 23.60
N PRO A 369 -12.21 33.81 22.57
CA PRO A 369 -10.86 33.24 22.73
C PRO A 369 -9.94 34.06 23.62
N SER A 370 -10.36 35.23 24.11
CA SER A 370 -9.52 36.08 24.95
C SER A 370 -9.60 35.72 26.42
N ILE A 371 -10.40 34.71 26.79
CA ILE A 371 -10.51 34.33 28.20
C ILE A 371 -9.20 33.71 28.69
N VAL A 372 -8.41 33.12 27.79
CA VAL A 372 -7.17 32.48 28.19
C VAL A 372 -6.17 33.49 28.72
N HIS A 373 -6.19 34.72 28.19
CA HIS A 373 -5.24 35.73 28.64
C HIS A 373 -5.48 36.12 30.10
N ARG A 374 -6.74 36.17 30.53
CA ARG A 374 -7.06 36.53 31.90
C ARG A 374 -7.16 35.33 32.84
N LYS A 375 -7.25 34.11 32.30
CA LYS A 375 -7.27 32.92 33.15
C LYS A 375 -5.91 32.25 33.28
N CYS A 376 -5.30 31.86 32.16
CA CYS A 376 -4.01 31.18 32.17
C CYS A 376 -2.90 32.22 32.22
N PHE A 377 -2.22 32.30 33.36
CA PHE A 377 -1.08 33.19 33.54
C PHE A 377 -1.44 34.65 33.31
N THR B 7 -17.72 -9.47 -19.40
CA THR B 7 -16.69 -9.41 -20.45
C THR B 7 -15.29 -9.45 -19.85
N THR B 8 -14.66 -10.62 -19.92
CA THR B 8 -13.33 -10.80 -19.35
C THR B 8 -12.32 -9.95 -20.10
N ALA B 9 -11.43 -9.30 -19.36
CA ALA B 9 -10.39 -8.49 -19.97
C ALA B 9 -9.34 -9.37 -20.63
N LEU B 10 -8.69 -8.83 -21.66
CA LEU B 10 -7.63 -9.52 -22.38
C LEU B 10 -6.30 -8.91 -22.00
N VAL B 11 -5.34 -9.75 -21.63
CA VAL B 11 -3.99 -9.33 -21.31
C VAL B 11 -3.09 -9.80 -22.45
N CYS B 12 -2.55 -8.86 -23.22
CA CYS B 12 -1.72 -9.16 -24.37
C CYS B 12 -0.35 -8.54 -24.15
N ASP B 13 0.65 -9.38 -23.87
CA ASP B 13 2.02 -8.92 -23.63
C ASP B 13 2.78 -9.02 -24.95
N ASN B 14 2.69 -7.96 -25.76
CA ASN B 14 3.37 -7.92 -27.05
C ASN B 14 4.86 -7.70 -26.83
N GLY B 15 5.57 -8.80 -26.59
CA GLY B 15 7.00 -8.74 -26.46
C GLY B 15 7.70 -8.64 -27.80
N SER B 16 9.00 -8.33 -27.74
CA SER B 16 9.79 -8.24 -28.95
C SER B 16 9.93 -9.60 -29.62
N GLY B 17 10.10 -10.66 -28.83
CA GLY B 17 10.29 -11.99 -29.38
C GLY B 17 9.04 -12.84 -29.46
N LEU B 18 8.27 -12.88 -28.37
CA LEU B 18 7.10 -13.75 -28.28
C LEU B 18 5.89 -12.94 -27.87
N VAL B 19 4.71 -13.45 -28.22
CA VAL B 19 3.44 -12.83 -27.89
C VAL B 19 2.73 -13.71 -26.86
N LYS B 20 2.57 -13.20 -25.65
CA LYS B 20 1.84 -13.89 -24.59
C LYS B 20 0.46 -13.26 -24.48
N ALA B 21 -0.58 -14.06 -24.72
CA ALA B 21 -1.94 -13.58 -24.72
C ALA B 21 -2.83 -14.53 -23.91
N GLY B 22 -3.97 -14.01 -23.48
CA GLY B 22 -4.91 -14.79 -22.72
C GLY B 22 -6.01 -13.91 -22.15
N PHE B 23 -6.75 -14.49 -21.20
CA PHE B 23 -7.83 -13.79 -20.53
C PHE B 23 -7.45 -13.48 -19.10
N ALA B 24 -7.94 -12.35 -18.60
CA ALA B 24 -7.67 -11.96 -17.23
C ALA B 24 -8.29 -12.94 -16.26
N GLY B 25 -7.57 -13.22 -15.17
CA GLY B 25 -8.03 -14.18 -14.19
C GLY B 25 -7.68 -15.62 -14.50
N ASP B 26 -6.66 -15.87 -15.32
CA ASP B 26 -6.19 -17.20 -15.63
C ASP B 26 -4.78 -17.41 -15.09
N ASP B 27 -4.43 -18.67 -14.86
CA ASP B 27 -3.12 -18.98 -14.30
C ASP B 27 -2.00 -18.68 -15.27
N ALA B 28 -2.13 -19.12 -16.52
CA ALA B 28 -1.07 -19.07 -17.50
C ALA B 28 -1.59 -18.47 -18.80
N PRO B 29 -0.71 -17.91 -19.64
CA PRO B 29 -1.15 -17.37 -20.92
C PRO B 29 -1.81 -18.44 -21.79
N ARG B 30 -2.87 -18.04 -22.48
CA ARG B 30 -3.59 -18.97 -23.34
C ARG B 30 -2.79 -19.30 -24.60
N ALA B 31 -2.21 -18.29 -25.23
CA ALA B 31 -1.47 -18.46 -26.47
C ALA B 31 -0.11 -17.81 -26.34
N VAL B 32 0.93 -18.57 -26.69
CA VAL B 32 2.32 -18.09 -26.65
C VAL B 32 2.97 -18.50 -27.97
N PHE B 33 3.04 -17.56 -28.91
CA PHE B 33 3.61 -17.81 -30.23
C PHE B 33 4.59 -16.71 -30.58
N PRO B 34 5.58 -17.01 -31.42
CA PRO B 34 6.59 -15.99 -31.77
C PRO B 34 5.98 -14.84 -32.57
N SER B 35 6.58 -13.67 -32.42
CA SER B 35 6.09 -12.45 -33.08
C SER B 35 6.88 -12.22 -34.38
N ILE B 36 6.57 -13.05 -35.37
CA ILE B 36 7.19 -12.97 -36.69
C ILE B 36 6.13 -12.99 -37.76
N VAL B 37 6.44 -12.37 -38.89
CA VAL B 37 5.60 -12.41 -40.09
C VAL B 37 6.50 -12.84 -41.25
N GLY B 38 6.20 -14.00 -41.82
CA GLY B 38 7.00 -14.55 -42.90
C GLY B 38 6.29 -14.41 -44.23
N ARG B 39 7.08 -14.19 -45.28
CA ARG B 39 6.56 -14.08 -46.63
C ARG B 39 7.38 -14.95 -47.58
N PRO B 40 6.75 -15.49 -48.62
CA PRO B 40 7.48 -16.36 -49.55
C PRO B 40 8.65 -15.64 -50.21
N ARG B 41 9.76 -16.36 -50.39
CA ARG B 41 10.96 -15.83 -51.01
C ARG B 41 11.38 -16.61 -52.24
N HIS B 42 10.50 -17.47 -52.77
CA HIS B 42 10.82 -18.31 -53.91
C HIS B 42 9.69 -18.23 -54.93
N GLN B 43 9.77 -19.07 -55.96
CA GLN B 43 8.79 -19.06 -57.04
C GLN B 43 7.82 -20.22 -56.88
N GLY B 44 6.53 -19.91 -57.01
CA GLY B 44 5.51 -20.94 -56.96
C GLY B 44 5.29 -21.59 -58.31
N VAL B 45 5.55 -22.89 -58.41
CA VAL B 45 5.50 -23.59 -59.68
C VAL B 45 4.27 -24.48 -59.83
N MET B 46 3.66 -24.92 -58.73
CA MET B 46 2.52 -25.85 -58.79
C MET B 46 1.23 -25.03 -58.77
N VAL B 47 0.55 -24.99 -59.91
N VAL B 47 0.55 -24.99 -59.91
CA VAL B 47 -0.72 -24.26 -60.01
CA VAL B 47 -0.72 -24.26 -60.01
C VAL B 47 -1.79 -24.99 -59.21
C VAL B 47 -1.79 -24.99 -59.21
N GLY B 48 -2.57 -24.23 -58.44
N GLY B 48 -2.57 -24.23 -58.44
CA GLY B 48 -3.62 -24.77 -57.61
CA GLY B 48 -3.62 -24.77 -57.61
C GLY B 48 -3.24 -24.92 -56.15
C GLY B 48 -3.24 -24.92 -56.15
N MET B 49 -1.95 -24.86 -55.82
CA MET B 49 -1.54 -24.93 -54.43
C MET B 49 -2.00 -23.70 -53.68
N GLY B 50 -2.40 -23.90 -52.42
CA GLY B 50 -2.84 -22.77 -51.61
C GLY B 50 -1.74 -21.74 -51.46
N GLN B 51 -2.06 -20.49 -51.78
CA GLN B 51 -1.10 -19.39 -51.78
C GLN B 51 -1.47 -18.40 -50.70
N LYS B 52 -0.52 -18.13 -49.80
CA LYS B 52 -0.69 -17.15 -48.73
C LYS B 52 0.40 -16.09 -48.87
N ASP B 53 -0.01 -14.82 -48.78
CA ASP B 53 0.96 -13.74 -48.88
C ASP B 53 1.87 -13.68 -47.66
N SER B 54 1.32 -13.97 -46.49
CA SER B 54 2.09 -13.87 -45.24
C SER B 54 1.70 -15.00 -44.31
N TYR B 55 2.62 -15.35 -43.42
CA TYR B 55 2.41 -16.34 -42.38
C TYR B 55 2.87 -15.75 -41.05
N VAL B 56 2.04 -15.90 -40.02
CA VAL B 56 2.29 -15.25 -38.73
C VAL B 56 2.41 -16.31 -37.64
N GLY B 57 3.57 -16.36 -37.00
CA GLY B 57 3.76 -17.21 -35.83
C GLY B 57 4.18 -18.63 -36.09
N ASP B 58 3.38 -19.58 -35.57
CA ASP B 58 3.77 -20.98 -35.60
C ASP B 58 3.85 -21.54 -37.02
N GLU B 59 2.91 -21.18 -37.89
CA GLU B 59 3.00 -21.66 -39.26
C GLU B 59 4.17 -21.00 -40.00
N ALA B 60 4.51 -19.77 -39.63
CA ALA B 60 5.72 -19.14 -40.18
C ALA B 60 6.96 -19.90 -39.77
N GLN B 61 7.01 -20.35 -38.51
CA GLN B 61 8.14 -21.18 -38.07
C GLN B 61 8.13 -22.53 -38.77
N SER B 62 6.94 -23.08 -39.02
CA SER B 62 6.84 -24.39 -39.66
C SER B 62 7.32 -24.36 -41.10
N LYS B 63 6.95 -23.32 -41.84
CA LYS B 63 7.38 -23.14 -43.23
C LYS B 63 8.63 -22.26 -43.31
N ARG B 64 9.51 -22.38 -42.32
CA ARG B 64 10.68 -21.52 -42.21
C ARG B 64 11.58 -21.63 -43.44
N GLY B 65 11.55 -22.78 -44.12
CA GLY B 65 12.47 -23.00 -45.22
C GLY B 65 12.23 -22.09 -46.41
N ILE B 66 10.96 -21.86 -46.75
CA ILE B 66 10.61 -21.13 -47.97
C ILE B 66 10.20 -19.69 -47.70
N LEU B 67 10.30 -19.24 -46.45
CA LEU B 67 9.87 -17.89 -46.08
C LEU B 67 11.05 -17.08 -45.56
N THR B 68 10.87 -15.76 -45.52
CA THR B 68 11.80 -14.83 -44.89
C THR B 68 11.10 -14.25 -43.67
N LEU B 69 11.74 -14.36 -42.50
CA LEU B 69 11.11 -13.98 -41.25
C LEU B 69 11.53 -12.58 -40.83
N LYS B 70 10.55 -11.78 -40.40
CA LYS B 70 10.79 -10.42 -39.95
C LYS B 70 10.03 -10.17 -38.65
N TYR B 71 10.67 -9.44 -37.74
CA TYR B 71 10.07 -9.09 -36.46
C TYR B 71 9.49 -7.69 -36.54
N PRO B 72 8.17 -7.52 -36.39
CA PRO B 72 7.61 -6.16 -36.39
C PRO B 72 8.14 -5.29 -35.27
N ILE B 73 8.46 -5.86 -34.10
CA ILE B 73 8.91 -5.10 -32.94
C ILE B 73 10.41 -5.31 -32.77
N GLU B 74 11.14 -4.22 -32.64
CA GLU B 74 12.58 -4.28 -32.40
C GLU B 74 12.96 -3.32 -31.27
N HIC B 75 13.55 -3.88 -30.22
CA HIC B 75 13.99 -3.12 -29.07
C HIC B 75 12.83 -2.42 -28.37
O HIC B 75 12.92 -1.38 -27.75
CB HIC B 75 15.03 -2.02 -29.38
CG HIC B 75 16.35 -2.58 -29.71
ND1 HIC B 75 17.07 -3.47 -28.90
CD2 HIC B 75 17.10 -2.29 -30.87
CE1 HIC B 75 18.22 -3.74 -29.56
NE2 HIC B 75 18.28 -3.04 -30.77
CZ HIC B 75 19.34 -3.07 -31.73
N GLY B 76 11.66 -3.06 -28.48
CA GLY B 76 10.47 -2.58 -27.81
C GLY B 76 9.65 -1.57 -28.61
N ILE B 77 10.22 -1.07 -29.69
CA ILE B 77 9.54 -0.10 -30.55
C ILE B 77 8.98 -0.84 -31.76
N ILE B 78 7.70 -0.61 -32.05
CA ILE B 78 7.01 -1.27 -33.16
C ILE B 78 7.50 -0.61 -34.45
N THR B 79 8.30 -1.35 -35.22
CA THR B 79 8.88 -0.79 -36.45
C THR B 79 7.88 -0.83 -37.60
N ASN B 80 7.25 -1.98 -37.82
CA ASN B 80 6.36 -2.19 -38.96
C ASN B 80 4.92 -2.33 -38.44
N TRP B 81 4.13 -1.28 -38.59
CA TRP B 81 2.79 -1.29 -38.02
C TRP B 81 1.83 -2.14 -38.82
N ASP B 82 2.05 -2.32 -40.12
CA ASP B 82 1.21 -3.24 -40.90
C ASP B 82 1.37 -4.67 -40.38
N ASP B 83 2.62 -5.12 -40.23
CA ASP B 83 2.87 -6.45 -39.69
C ASP B 83 2.38 -6.57 -38.26
N MET B 84 2.53 -5.51 -37.46
CA MET B 84 2.05 -5.56 -36.08
C MET B 84 0.52 -5.69 -36.04
N GLU B 85 -0.17 -5.00 -36.95
CA GLU B 85 -1.61 -5.15 -37.05
C GLU B 85 -1.99 -6.56 -37.47
N LYS B 86 -1.23 -7.15 -38.39
CA LYS B 86 -1.48 -8.55 -38.76
C LYS B 86 -1.34 -9.47 -37.55
N ILE B 87 -0.30 -9.23 -36.74
CA ILE B 87 -0.09 -10.06 -35.55
C ILE B 87 -1.23 -9.87 -34.55
N TRP B 88 -1.67 -8.64 -34.37
CA TRP B 88 -2.80 -8.40 -33.46
C TRP B 88 -4.06 -9.09 -33.95
N HIS B 89 -4.32 -9.02 -35.26
CA HIS B 89 -5.49 -9.70 -35.82
C HIS B 89 -5.40 -11.21 -35.62
N HIS B 90 -4.22 -11.77 -35.85
CA HIS B 90 -4.03 -13.21 -35.63
C HIS B 90 -4.26 -13.58 -34.17
N THR B 91 -3.72 -12.78 -33.25
CA THR B 91 -3.92 -13.04 -31.83
C THR B 91 -5.40 -12.98 -31.46
N PHE B 92 -6.11 -11.98 -31.98
CA PHE B 92 -7.50 -11.78 -31.58
C PHE B 92 -8.41 -12.86 -32.14
N TYR B 93 -8.27 -13.19 -33.42
CA TYR B 93 -9.23 -14.08 -34.08
C TYR B 93 -8.76 -15.53 -34.17
N ASN B 94 -7.50 -15.76 -34.55
CA ASN B 94 -7.06 -17.13 -34.77
C ASN B 94 -6.65 -17.81 -33.46
N GLU B 95 -5.90 -17.11 -32.61
CA GLU B 95 -5.39 -17.72 -31.38
C GLU B 95 -6.42 -17.71 -30.26
N LEU B 96 -6.85 -16.53 -29.83
CA LEU B 96 -7.80 -16.44 -28.72
C LEU B 96 -9.24 -16.69 -29.18
N ARG B 97 -9.53 -16.53 -30.47
CA ARG B 97 -10.86 -16.76 -31.01
C ARG B 97 -11.91 -15.90 -30.31
N VAL B 98 -11.57 -14.62 -30.12
CA VAL B 98 -12.40 -13.68 -29.38
C VAL B 98 -12.57 -12.41 -30.21
N ALA B 99 -13.78 -11.86 -30.18
CA ALA B 99 -14.02 -10.59 -30.86
C ALA B 99 -13.46 -9.44 -30.03
N PRO B 100 -12.53 -8.64 -30.58
CA PRO B 100 -11.93 -7.57 -29.77
C PRO B 100 -12.92 -6.49 -29.36
N GLU B 101 -14.02 -6.32 -30.10
CA GLU B 101 -14.95 -5.23 -29.81
C GLU B 101 -15.78 -5.46 -28.55
N GLU B 102 -15.71 -6.65 -27.96
CA GLU B 102 -16.49 -6.96 -26.77
C GLU B 102 -15.63 -7.24 -25.54
N HIS B 103 -14.32 -7.00 -25.63
CA HIS B 103 -13.42 -7.32 -24.53
C HIS B 103 -12.38 -6.22 -24.33
N PRO B 104 -12.31 -5.62 -23.15
CA PRO B 104 -11.22 -4.67 -22.87
C PRO B 104 -9.87 -5.35 -22.96
N THR B 105 -8.88 -4.62 -23.48
CA THR B 105 -7.56 -5.17 -23.76
C THR B 105 -6.51 -4.40 -22.97
N LEU B 106 -5.61 -5.13 -22.33
CA LEU B 106 -4.50 -4.54 -21.59
C LEU B 106 -3.20 -4.85 -22.33
N LEU B 107 -2.36 -3.83 -22.50
CA LEU B 107 -1.12 -3.95 -23.23
C LEU B 107 0.05 -3.54 -22.34
N THR B 108 1.24 -4.01 -22.70
CA THR B 108 2.46 -3.74 -21.94
C THR B 108 3.45 -2.97 -22.82
N GLU B 109 4.37 -2.27 -22.15
CA GLU B 109 5.32 -1.42 -22.87
C GLU B 109 6.55 -1.21 -22.00
N ALA B 110 7.70 -1.01 -22.65
CA ALA B 110 8.92 -0.71 -21.95
C ALA B 110 8.84 0.67 -21.30
N PRO B 111 9.58 0.90 -20.21
CA PRO B 111 9.42 2.16 -19.47
C PRO B 111 9.73 3.42 -20.26
N LEU B 112 10.72 3.39 -21.16
CA LEU B 112 11.20 4.59 -21.83
C LEU B 112 11.04 4.50 -23.34
N ASN B 113 9.90 4.03 -23.81
CA ASN B 113 9.63 4.01 -25.23
C ASN B 113 9.12 5.37 -25.70
N PRO B 114 9.28 5.69 -26.98
CA PRO B 114 8.75 6.96 -27.50
C PRO B 114 7.24 7.04 -27.39
N LYS B 115 6.74 8.26 -27.23
CA LYS B 115 5.30 8.48 -27.03
C LYS B 115 4.50 8.11 -28.27
N ALA B 116 5.10 8.20 -29.45
CA ALA B 116 4.39 7.87 -30.68
C ALA B 116 3.96 6.42 -30.70
N ASN B 117 4.80 5.52 -30.17
CA ASN B 117 4.44 4.11 -30.09
C ASN B 117 3.16 3.91 -29.30
N ARG B 118 3.09 4.51 -28.11
CA ARG B 118 1.91 4.35 -27.27
C ARG B 118 0.68 4.97 -27.90
N GLU B 119 0.82 6.16 -28.49
CA GLU B 119 -0.32 6.81 -29.12
C GLU B 119 -0.83 6.00 -30.31
N LYS B 120 0.09 5.44 -31.12
CA LYS B 120 -0.33 4.65 -32.26
C LYS B 120 -0.99 3.34 -31.81
N MET B 121 -0.48 2.72 -30.74
CA MET B 121 -1.17 1.55 -30.20
C MET B 121 -2.58 1.89 -29.77
N THR B 122 -2.76 3.01 -29.08
CA THR B 122 -4.09 3.43 -28.65
C THR B 122 -5.00 3.64 -29.86
N GLN B 123 -4.50 4.32 -30.88
CA GLN B 123 -5.32 4.60 -32.06
C GLN B 123 -5.71 3.32 -32.79
N ILE B 124 -4.76 2.39 -32.93
CA ILE B 124 -5.05 1.13 -33.61
C ILE B 124 -6.10 0.35 -32.83
N MET B 125 -5.95 0.25 -31.51
CA MET B 125 -6.94 -0.47 -30.71
C MET B 125 -8.32 0.16 -30.83
N PHE B 126 -8.41 1.49 -30.78
CA PHE B 126 -9.73 2.11 -30.76
C PHE B 126 -10.38 2.19 -32.14
N GLU B 127 -9.59 2.20 -33.22
CA GLU B 127 -10.17 2.38 -34.54
C GLU B 127 -10.17 1.10 -35.38
N THR B 128 -9.02 0.42 -35.49
CA THR B 128 -8.95 -0.78 -36.32
C THR B 128 -9.77 -1.92 -35.70
N PHE B 129 -9.58 -2.16 -34.41
CA PHE B 129 -10.25 -3.25 -33.72
C PHE B 129 -11.46 -2.81 -32.91
N ASN B 130 -11.58 -1.53 -32.60
CA ASN B 130 -12.75 -0.98 -31.91
C ASN B 130 -12.98 -1.66 -30.57
N VAL B 131 -11.92 -1.71 -29.75
CA VAL B 131 -12.06 -2.30 -28.42
C VAL B 131 -12.91 -1.37 -27.55
N PRO B 132 -13.71 -1.90 -26.61
CA PRO B 132 -14.45 -1.01 -25.71
C PRO B 132 -13.55 -0.12 -24.86
N ALA B 133 -12.40 -0.63 -24.45
CA ALA B 133 -11.45 0.12 -23.65
C ALA B 133 -10.09 -0.54 -23.76
N MET B 134 -9.05 0.20 -23.38
CA MET B 134 -7.69 -0.33 -23.42
C MET B 134 -6.83 0.41 -22.40
N TYR B 135 -5.67 -0.18 -22.09
CA TYR B 135 -4.76 0.35 -21.09
C TYR B 135 -3.35 -0.13 -21.40
N VAL B 136 -2.36 0.69 -21.09
CA VAL B 136 -0.96 0.36 -21.29
C VAL B 136 -0.27 0.43 -19.94
N ALA B 137 0.48 -0.62 -19.61
CA ALA B 137 1.11 -0.75 -18.30
C ALA B 137 2.58 -1.10 -18.44
N ILE B 138 3.35 -0.78 -17.40
CA ILE B 138 4.78 -1.09 -17.39
C ILE B 138 4.98 -2.54 -16.97
N GLN B 139 5.94 -3.21 -17.59
CA GLN B 139 6.10 -4.66 -17.40
C GLN B 139 6.67 -4.99 -16.02
N ALA B 140 7.54 -4.13 -15.49
CA ALA B 140 8.17 -4.43 -14.20
C ALA B 140 7.15 -4.39 -13.06
N VAL B 141 6.18 -3.47 -13.14
CA VAL B 141 5.12 -3.44 -12.14
C VAL B 141 4.33 -4.74 -12.15
N LEU B 142 4.03 -5.25 -13.35
CA LEU B 142 3.34 -6.53 -13.45
C LEU B 142 4.22 -7.66 -12.93
N SER B 143 5.53 -7.57 -13.13
CA SER B 143 6.42 -8.58 -12.58
C SER B 143 6.35 -8.60 -11.05
N LEU B 144 6.34 -7.42 -10.44
CA LEU B 144 6.17 -7.35 -8.99
C LEU B 144 4.81 -7.91 -8.56
N TYR B 145 3.76 -7.57 -9.29
CA TYR B 145 2.44 -8.12 -9.00
C TYR B 145 2.47 -9.64 -8.99
N ALA B 146 3.09 -10.24 -10.00
CA ALA B 146 3.19 -11.70 -10.06
C ALA B 146 4.04 -12.24 -8.91
N SER B 147 5.13 -11.55 -8.59
CA SER B 147 5.97 -11.98 -7.47
C SER B 147 5.30 -11.79 -6.13
N GLY B 148 4.17 -11.08 -6.08
CA GLY B 148 3.44 -10.93 -4.83
C GLY B 148 4.14 -10.08 -3.80
N ARG B 149 4.74 -8.97 -4.24
CA ARG B 149 5.39 -8.03 -3.34
C ARG B 149 4.96 -6.61 -3.70
N THR B 150 5.16 -5.70 -2.76
CA THR B 150 4.94 -4.28 -2.98
C THR B 150 6.23 -3.48 -2.89
N THR B 151 7.37 -4.15 -2.79
CA THR B 151 8.67 -3.49 -2.65
C THR B 151 9.74 -4.36 -3.30
N GLY B 152 10.62 -3.73 -4.06
CA GLY B 152 11.72 -4.43 -4.67
C GLY B 152 12.08 -3.82 -6.01
N ILE B 153 13.28 -4.18 -6.48
CA ILE B 153 13.78 -3.73 -7.77
C ILE B 153 13.69 -4.90 -8.74
N VAL B 154 13.11 -4.65 -9.91
CA VAL B 154 12.81 -5.69 -10.89
C VAL B 154 13.81 -5.58 -12.03
N LEU B 155 14.45 -6.70 -12.36
CA LEU B 155 15.32 -6.79 -13.54
C LEU B 155 14.59 -7.61 -14.60
N ASP B 156 13.92 -6.91 -15.51
CA ASP B 156 13.17 -7.56 -16.58
C ASP B 156 14.01 -7.52 -17.85
N SER B 157 14.40 -8.69 -18.34
CA SER B 157 15.18 -8.83 -19.56
C SER B 157 14.45 -9.76 -20.50
N GLY B 158 14.08 -9.26 -21.67
CA GLY B 158 13.40 -10.07 -22.65
C GLY B 158 14.21 -10.24 -23.92
N ASP B 159 13.55 -10.16 -25.07
CA ASP B 159 14.23 -10.25 -26.35
C ASP B 159 14.65 -8.89 -26.90
N GLY B 160 13.96 -7.81 -26.51
CA GLY B 160 14.29 -6.50 -27.03
C GLY B 160 15.12 -5.62 -26.12
N VAL B 161 14.71 -5.48 -24.85
CA VAL B 161 15.34 -4.55 -23.93
C VAL B 161 15.47 -5.18 -22.55
N THR B 162 16.33 -4.57 -21.74
CA THR B 162 16.51 -4.92 -20.34
C THR B 162 16.41 -3.64 -19.52
N HIS B 163 15.52 -3.63 -18.53
CA HIS B 163 15.26 -2.43 -17.75
C HIS B 163 15.07 -2.77 -16.28
N ASN B 164 15.42 -1.81 -15.43
CA ASN B 164 15.26 -1.91 -13.97
C ASN B 164 14.29 -0.83 -13.50
N VAL B 165 13.35 -1.23 -12.65
CA VAL B 165 12.38 -0.31 -12.06
C VAL B 165 12.34 -0.56 -10.55
N PRO B 166 12.81 0.37 -9.72
CA PRO B 166 12.69 0.19 -8.27
C PRO B 166 11.36 0.71 -7.73
N ILE B 167 10.71 -0.08 -6.87
CA ILE B 167 9.40 0.26 -6.33
C ILE B 167 9.42 0.00 -4.82
N TYR B 168 8.81 0.92 -4.07
CA TYR B 168 8.71 0.79 -2.62
C TYR B 168 7.29 1.15 -2.20
N GLU B 169 6.59 0.18 -1.59
CA GLU B 169 5.22 0.38 -1.11
C GLU B 169 4.30 0.89 -2.21
N GLY B 170 4.58 0.47 -3.44
CA GLY B 170 3.80 0.90 -4.58
C GLY B 170 4.20 2.23 -5.18
N TYR B 171 5.21 2.89 -4.63
CA TYR B 171 5.69 4.16 -5.15
C TYR B 171 6.96 3.93 -5.96
N ALA B 172 6.90 4.21 -7.26
CA ALA B 172 8.04 4.05 -8.14
C ALA B 172 8.89 5.31 -8.14
N LEU B 173 10.19 5.14 -8.33
CA LEU B 173 11.12 6.26 -8.41
C LEU B 173 11.54 6.44 -9.86
N PRO B 174 10.89 7.31 -10.63
CA PRO B 174 11.21 7.42 -12.06
C PRO B 174 12.64 7.82 -12.35
N HIS B 175 13.27 8.62 -11.50
CA HIS B 175 14.63 9.06 -11.75
C HIS B 175 15.61 7.89 -11.68
N ALA B 176 15.27 6.84 -10.95
CA ALA B 176 16.13 5.67 -10.83
C ALA B 176 15.82 4.59 -11.84
N ILE B 177 14.82 4.79 -12.70
CA ILE B 177 14.50 3.81 -13.73
C ILE B 177 15.58 3.84 -14.81
N MET B 178 16.09 2.67 -15.16
CA MET B 178 17.14 2.56 -16.17
C MET B 178 16.71 1.56 -17.24
N ARG B 179 17.20 1.77 -18.45
CA ARG B 179 16.88 0.93 -19.60
C ARG B 179 18.15 0.59 -20.36
N LEU B 180 18.20 -0.63 -20.89
CA LEU B 180 19.34 -1.08 -21.69
C LEU B 180 18.82 -1.88 -22.87
N ASP B 181 19.45 -1.71 -24.03
CA ASP B 181 19.01 -2.35 -25.26
C ASP B 181 19.65 -3.72 -25.48
N LEU B 182 20.55 -4.16 -24.59
CA LEU B 182 21.14 -5.48 -24.70
C LEU B 182 20.12 -6.53 -24.27
N ALA B 183 19.90 -7.52 -25.12
CA ALA B 183 18.86 -8.50 -24.83
C ALA B 183 19.13 -9.79 -25.61
N GLY B 184 18.12 -10.68 -25.63
CA GLY B 184 18.29 -11.99 -26.23
C GLY B 184 18.59 -11.95 -27.72
N ARG B 185 18.06 -10.95 -28.41
CA ARG B 185 18.38 -10.79 -29.84
C ARG B 185 19.87 -10.57 -30.03
N ASP B 186 20.45 -9.67 -29.23
CA ASP B 186 21.88 -9.42 -29.31
C ASP B 186 22.67 -10.65 -28.89
N LEU B 187 22.19 -11.39 -27.89
CA LEU B 187 22.88 -12.62 -27.51
C LEU B 187 22.87 -13.63 -28.64
N THR B 188 21.74 -13.77 -29.34
CA THR B 188 21.64 -14.69 -30.47
C THR B 188 22.58 -14.27 -31.59
N ASP B 189 22.63 -12.97 -31.90
CA ASP B 189 23.54 -12.50 -32.94
C ASP B 189 24.99 -12.75 -32.55
N TYR B 190 25.34 -12.53 -31.28
CA TYR B 190 26.71 -12.77 -30.84
C TYR B 190 27.06 -14.25 -30.92
N LEU B 191 26.10 -15.12 -30.59
CA LEU B 191 26.34 -16.55 -30.74
C LEU B 191 26.54 -16.92 -32.21
N MET B 192 25.74 -16.33 -33.10
CA MET B 192 25.92 -16.55 -34.53
C MET B 192 27.32 -16.14 -34.96
N LYS B 193 27.81 -15.02 -34.44
CA LYS B 193 29.15 -14.55 -34.80
C LYS B 193 30.22 -15.50 -34.28
N ILE B 194 30.13 -15.90 -33.01
CA ILE B 194 31.19 -16.69 -32.41
C ILE B 194 31.17 -18.14 -32.88
N LEU B 195 30.04 -18.62 -33.42
CA LEU B 195 30.01 -19.98 -33.95
C LEU B 195 30.89 -20.13 -35.18
N THR B 196 31.16 -19.02 -35.88
CA THR B 196 31.97 -19.10 -37.10
C THR B 196 33.40 -19.51 -36.80
N GLU B 197 33.87 -19.32 -35.57
CA GLU B 197 35.23 -19.72 -35.22
C GLU B 197 35.40 -21.23 -35.31
N ARG B 198 34.34 -21.98 -35.04
CA ARG B 198 34.39 -23.44 -35.08
C ARG B 198 34.09 -23.99 -36.48
N GLY B 199 33.76 -23.15 -37.44
CA GLY B 199 33.47 -23.59 -38.79
C GLY B 199 31.99 -23.60 -39.15
N TYR B 200 31.11 -23.45 -38.18
CA TYR B 200 29.67 -23.43 -38.46
C TYR B 200 29.25 -22.04 -38.90
N SER B 201 28.54 -21.96 -40.01
CA SER B 201 28.11 -20.69 -40.59
C SER B 201 26.58 -20.65 -40.66
N PHE B 202 25.99 -19.66 -39.99
CA PHE B 202 24.56 -19.42 -40.03
C PHE B 202 24.31 -18.00 -40.50
N VAL B 203 23.50 -17.85 -41.55
CA VAL B 203 23.28 -16.54 -42.17
C VAL B 203 21.79 -16.22 -42.22
N THR B 204 21.01 -17.12 -42.82
CA THR B 204 19.60 -16.87 -43.08
C THR B 204 18.84 -16.74 -41.76
N THR B 205 17.65 -16.12 -41.83
CA THR B 205 16.82 -15.94 -40.64
C THR B 205 16.41 -17.27 -40.03
N ALA B 206 16.16 -18.28 -40.87
CA ALA B 206 15.88 -19.61 -40.35
C ALA B 206 17.06 -20.15 -39.55
N GLU B 207 18.28 -19.94 -40.07
CA GLU B 207 19.47 -20.34 -39.34
C GLU B 207 19.64 -19.53 -38.07
N ARG B 208 19.17 -18.28 -38.06
CA ARG B 208 19.19 -17.49 -36.84
C ARG B 208 18.24 -18.08 -35.79
N GLU B 209 17.08 -18.56 -36.23
CA GLU B 209 16.18 -19.26 -35.31
C GLU B 209 16.82 -20.53 -34.78
N ILE B 210 17.52 -21.26 -35.64
CA ILE B 210 18.24 -22.45 -35.20
C ILE B 210 19.28 -22.09 -34.14
N VAL B 211 20.01 -21.00 -34.36
CA VAL B 211 21.02 -20.55 -33.40
C VAL B 211 20.36 -20.14 -32.09
N ARG B 212 19.18 -19.52 -32.17
CA ARG B 212 18.43 -19.20 -30.95
C ARG B 212 18.10 -20.46 -30.17
N ASP B 213 17.67 -21.51 -30.88
CA ASP B 213 17.38 -22.79 -30.22
C ASP B 213 18.64 -23.35 -29.56
N ILE B 214 19.77 -23.31 -30.27
CA ILE B 214 21.03 -23.78 -29.71
C ILE B 214 21.39 -23.01 -28.45
N LYS B 215 21.20 -21.69 -28.50
CA LYS B 215 21.46 -20.85 -27.32
C LYS B 215 20.62 -21.29 -26.15
N GLU B 216 19.30 -21.37 -26.35
CA GLU B 216 18.39 -21.76 -25.27
C GLU B 216 18.67 -23.15 -24.72
N LYS B 217 19.20 -24.06 -25.54
CA LYS B 217 19.46 -25.43 -25.08
C LYS B 217 20.80 -25.57 -24.37
N LEU B 218 21.85 -24.90 -24.85
CA LEU B 218 23.20 -25.21 -24.37
C LEU B 218 23.86 -24.09 -23.58
N CYS B 219 23.42 -22.85 -23.71
CA CYS B 219 24.13 -21.75 -23.04
C CYS B 219 23.84 -21.72 -21.55
N TYR B 220 24.86 -21.36 -20.76
CA TYR B 220 24.72 -21.19 -19.33
C TYR B 220 25.65 -20.08 -18.87
N VAL B 221 25.49 -19.66 -17.62
CA VAL B 221 26.26 -18.58 -17.03
C VAL B 221 27.26 -19.18 -16.05
N ALA B 222 28.52 -18.81 -16.18
CA ALA B 222 29.58 -19.28 -15.30
C ALA B 222 29.85 -18.25 -14.22
N LEU B 223 30.04 -18.72 -12.98
CA LEU B 223 30.31 -17.81 -11.87
C LEU B 223 31.64 -17.09 -12.07
N ASP B 224 32.69 -17.82 -12.41
CA ASP B 224 34.02 -17.26 -12.64
C ASP B 224 34.38 -17.46 -14.11
N PHE B 225 34.35 -16.37 -14.88
CA PHE B 225 34.57 -16.47 -16.31
C PHE B 225 36.00 -16.95 -16.62
N GLU B 226 37.00 -16.43 -15.92
CA GLU B 226 38.38 -16.81 -16.20
C GLU B 226 38.62 -18.28 -15.88
N ASN B 227 38.09 -18.74 -14.73
CA ASN B 227 38.24 -20.15 -14.38
C ASN B 227 37.51 -21.04 -15.38
N GLU B 228 36.33 -20.62 -15.84
CA GLU B 228 35.61 -21.41 -16.83
C GLU B 228 36.37 -21.46 -18.16
N MET B 229 36.97 -20.35 -18.56
CA MET B 229 37.80 -20.34 -19.77
C MET B 229 38.98 -21.29 -19.62
N ALA B 230 39.63 -21.27 -18.45
CA ALA B 230 40.76 -22.18 -18.22
C ALA B 230 40.31 -23.63 -18.28
N THR B 231 39.17 -23.95 -17.66
CA THR B 231 38.67 -25.32 -17.68
C THR B 231 38.33 -25.75 -19.10
N ALA B 232 37.69 -24.87 -19.88
CA ALA B 232 37.36 -25.20 -21.26
C ALA B 232 38.61 -25.42 -22.10
N ALA B 233 39.64 -24.61 -21.88
CA ALA B 233 40.87 -24.78 -22.63
C ALA B 233 41.61 -26.05 -22.23
N SER B 234 41.51 -26.44 -20.97
CA SER B 234 42.27 -27.58 -20.46
C SER B 234 41.54 -28.92 -20.61
N SER B 235 40.22 -28.92 -20.83
CA SER B 235 39.49 -30.17 -20.90
C SER B 235 38.33 -30.05 -21.87
N SER B 236 37.79 -31.21 -22.26
CA SER B 236 36.65 -31.29 -23.14
C SER B 236 35.35 -31.59 -22.40
N SER B 237 35.35 -31.44 -21.07
CA SER B 237 34.16 -31.76 -20.29
C SER B 237 33.01 -30.83 -20.63
N LEU B 238 33.29 -29.53 -20.83
CA LEU B 238 32.24 -28.56 -21.06
C LEU B 238 31.59 -28.71 -22.43
N GLU B 239 32.25 -29.39 -23.37
CA GLU B 239 31.72 -29.49 -24.72
C GLU B 239 30.45 -30.33 -24.76
N LYS B 240 29.51 -29.91 -25.60
CA LYS B 240 28.25 -30.63 -25.78
C LYS B 240 27.91 -30.65 -27.27
N SER B 241 27.05 -31.60 -27.63
CA SER B 241 26.68 -31.82 -29.03
C SER B 241 25.21 -31.50 -29.25
N TYR B 242 24.91 -30.92 -30.41
CA TYR B 242 23.54 -30.60 -30.80
C TYR B 242 23.37 -30.97 -32.26
N GLU B 243 22.21 -31.55 -32.59
CA GLU B 243 21.96 -32.05 -33.93
C GLU B 243 21.12 -31.05 -34.72
N LEU B 244 21.63 -30.63 -35.88
CA LEU B 244 20.91 -29.72 -36.75
C LEU B 244 19.75 -30.45 -37.42
N PRO B 245 18.76 -29.71 -37.95
CA PRO B 245 17.60 -30.37 -38.57
C PRO B 245 17.96 -31.31 -39.71
N ASP B 246 18.99 -30.99 -40.50
CA ASP B 246 19.35 -31.84 -41.63
C ASP B 246 20.02 -33.14 -41.19
N GLY B 247 20.50 -33.21 -39.95
CA GLY B 247 21.15 -34.39 -39.43
C GLY B 247 22.58 -34.17 -38.96
N GLN B 248 23.21 -33.08 -39.39
CA GLN B 248 24.57 -32.78 -38.95
C GLN B 248 24.59 -32.44 -37.47
N VAL B 249 25.71 -32.76 -36.82
CA VAL B 249 25.91 -32.51 -35.40
C VAL B 249 27.02 -31.48 -35.24
N ILE B 250 26.82 -30.54 -34.32
CA ILE B 250 27.82 -29.51 -34.01
C ILE B 250 28.20 -29.62 -32.55
N THR B 251 29.48 -29.43 -32.27
CA THR B 251 30.02 -29.47 -30.91
C THR B 251 30.57 -28.10 -30.56
N ILE B 252 30.08 -27.54 -29.45
CA ILE B 252 30.49 -26.22 -29.01
C ILE B 252 31.09 -26.33 -27.62
N GLY B 253 32.10 -25.51 -27.37
CA GLY B 253 32.80 -25.51 -26.09
C GLY B 253 32.58 -24.27 -25.27
N ASN B 254 33.54 -23.35 -25.32
CA ASN B 254 33.48 -22.16 -24.47
C ASN B 254 32.35 -21.21 -24.87
N GLU B 255 31.79 -21.39 -26.07
CA GLU B 255 30.68 -20.53 -26.51
C GLU B 255 29.50 -20.61 -25.55
N ARG B 256 29.32 -21.77 -24.92
CA ARG B 256 28.18 -21.98 -24.03
C ARG B 256 28.09 -20.91 -22.96
N PHE B 257 29.21 -20.56 -22.34
CA PHE B 257 29.23 -19.53 -21.32
C PHE B 257 29.80 -18.21 -21.82
N ARG B 258 30.35 -18.15 -23.03
CA ARG B 258 30.74 -16.86 -23.60
C ARG B 258 29.53 -16.08 -24.09
N CYS B 259 28.53 -16.78 -24.64
CA CYS B 259 27.36 -16.07 -25.14
C CYS B 259 26.58 -15.33 -24.05
N PRO B 260 26.25 -15.95 -22.91
CA PRO B 260 25.54 -15.17 -21.87
C PRO B 260 26.40 -14.15 -21.16
N GLU B 261 27.73 -14.29 -21.23
CA GLU B 261 28.61 -13.40 -20.49
C GLU B 261 28.51 -11.96 -20.98
N THR B 262 28.07 -11.76 -22.24
CA THR B 262 27.95 -10.40 -22.76
C THR B 262 26.94 -9.58 -21.96
N LEU B 263 26.03 -10.25 -21.25
CA LEU B 263 25.15 -9.53 -20.34
C LEU B 263 25.94 -8.81 -19.26
N PHE B 264 27.01 -9.45 -18.77
CA PHE B 264 27.82 -8.86 -17.71
C PHE B 264 28.97 -8.02 -18.26
N GLN B 265 29.40 -8.30 -19.50
CA GLN B 265 30.46 -7.55 -20.15
C GLN B 265 29.96 -7.12 -21.52
N PRO B 266 29.20 -6.03 -21.58
CA PRO B 266 28.68 -5.56 -22.88
C PRO B 266 29.76 -5.12 -23.85
N SER B 267 31.03 -5.13 -23.45
CA SER B 267 32.09 -4.72 -24.36
C SER B 267 32.34 -5.76 -25.45
N PHE B 268 31.85 -7.00 -25.25
CA PHE B 268 32.05 -8.03 -26.25
C PHE B 268 31.38 -7.69 -27.57
N ILE B 269 30.17 -7.12 -27.50
CA ILE B 269 29.43 -6.76 -28.72
C ILE B 269 29.72 -5.31 -29.06
N GLY B 270 30.68 -4.70 -28.36
CA GLY B 270 31.08 -3.34 -28.67
C GLY B 270 30.23 -2.25 -28.06
N MET B 271 29.54 -2.52 -26.96
CA MET B 271 28.76 -1.51 -26.26
C MET B 271 29.51 -1.01 -25.04
N GLU B 272 29.41 0.30 -24.80
CA GLU B 272 30.09 0.92 -23.66
C GLU B 272 29.28 0.82 -22.37
N SER B 273 28.04 0.38 -22.44
CA SER B 273 27.18 0.35 -21.27
C SER B 273 27.71 -0.64 -20.23
N ALA B 274 27.30 -0.43 -18.98
CA ALA B 274 27.71 -1.29 -17.89
C ALA B 274 26.91 -2.58 -17.88
N GLY B 275 27.40 -3.56 -17.13
CA GLY B 275 26.70 -4.82 -17.01
C GLY B 275 25.39 -4.69 -16.27
N ILE B 276 24.62 -5.78 -16.27
CA ILE B 276 23.31 -5.77 -15.62
C ILE B 276 23.47 -5.63 -14.11
N HIS B 277 24.51 -6.24 -13.54
CA HIS B 277 24.74 -6.13 -12.10
C HIS B 277 25.06 -4.70 -11.71
N GLU B 278 25.93 -4.04 -12.49
CA GLU B 278 26.26 -2.65 -12.21
C GLU B 278 25.06 -1.75 -12.43
N THR B 279 24.24 -2.05 -13.44
CA THR B 279 23.02 -1.28 -13.66
C THR B 279 22.07 -1.37 -12.47
N THR B 280 21.89 -2.59 -11.95
CA THR B 280 21.05 -2.78 -10.78
C THR B 280 21.61 -2.06 -9.57
N TYR B 281 22.93 -2.13 -9.38
CA TYR B 281 23.54 -1.45 -8.25
C TYR B 281 23.38 0.05 -8.35
N ASN B 282 23.55 0.62 -9.54
CA ASN B 282 23.36 2.05 -9.73
C ASN B 282 21.91 2.45 -9.50
N SER B 283 20.97 1.64 -9.97
CA SER B 283 19.55 1.94 -9.73
C SER B 283 19.23 1.93 -8.24
N ILE B 284 19.81 0.97 -7.50
CA ILE B 284 19.62 0.94 -6.06
C ILE B 284 20.23 2.18 -5.41
N MET B 285 21.43 2.57 -5.84
CA MET B 285 22.12 3.69 -5.21
C MET B 285 21.42 5.01 -5.49
N LYS B 286 20.77 5.14 -6.65
CA LYS B 286 20.04 6.38 -6.94
C LYS B 286 18.86 6.57 -6.00
N CYS B 287 18.30 5.48 -5.47
CA CYS B 287 17.17 5.58 -4.57
C CYS B 287 17.61 6.09 -3.20
N ASP B 288 16.62 6.45 -2.39
CA ASP B 288 16.89 7.04 -1.09
C ASP B 288 17.55 6.04 -0.16
N ILE B 289 18.29 6.56 0.82
CA ILE B 289 19.13 5.73 1.66
C ILE B 289 18.29 4.77 2.50
N ASP B 290 17.12 5.21 2.94
CA ASP B 290 16.25 4.34 3.73
C ASP B 290 15.72 3.18 2.89
N ILE B 291 15.64 3.37 1.57
CA ILE B 291 14.97 2.43 0.69
C ILE B 291 15.91 1.30 0.27
N ARG B 292 17.23 1.54 0.38
CA ARG B 292 18.21 0.68 -0.27
C ARG B 292 18.23 -0.72 0.33
N LYS B 293 17.96 -0.84 1.63
CA LYS B 293 18.00 -2.17 2.25
C LYS B 293 16.90 -3.06 1.70
N ASP B 294 15.67 -2.54 1.66
CA ASP B 294 14.56 -3.32 1.10
C ASP B 294 14.78 -3.59 -0.39
N LEU B 295 15.39 -2.65 -1.10
CA LEU B 295 15.72 -2.92 -2.50
C LEU B 295 16.74 -4.04 -2.64
N TYR B 296 17.78 -4.03 -1.80
CA TYR B 296 18.80 -5.08 -1.87
C TYR B 296 18.20 -6.44 -1.56
N ALA B 297 17.27 -6.50 -0.63
CA ALA B 297 16.73 -7.79 -0.22
C ALA B 297 15.68 -8.34 -1.19
N ASN B 298 15.28 -7.60 -2.22
CA ASN B 298 14.13 -7.96 -3.06
C ASN B 298 14.48 -7.78 -4.54
N ASN B 299 15.63 -8.31 -4.97
CA ASN B 299 16.03 -8.27 -6.38
C ASN B 299 15.20 -9.29 -7.18
N VAL B 300 14.00 -8.84 -7.58
CA VAL B 300 13.11 -9.68 -8.36
C VAL B 300 13.64 -9.79 -9.79
N MET B 301 13.46 -10.97 -10.39
CA MET B 301 13.92 -11.24 -11.76
C MET B 301 12.76 -11.73 -12.60
N SER B 302 12.71 -11.26 -13.85
CA SER B 302 11.66 -11.62 -14.78
C SER B 302 12.21 -11.63 -16.19
N GLY B 303 11.49 -12.30 -17.08
CA GLY B 303 11.82 -12.34 -18.49
C GLY B 303 12.54 -13.62 -18.88
N GLY B 304 12.45 -13.94 -20.17
CA GLY B 304 13.07 -15.15 -20.68
C GLY B 304 14.58 -15.13 -20.62
N THR B 305 15.20 -13.96 -20.85
CA THR B 305 16.65 -13.85 -20.89
C THR B 305 17.29 -14.15 -19.54
N THR B 306 16.52 -14.17 -18.45
CA THR B 306 17.05 -14.48 -17.13
C THR B 306 16.96 -15.95 -16.77
N MET B 307 16.70 -16.83 -17.74
CA MET B 307 16.57 -18.25 -17.49
C MET B 307 17.86 -19.04 -17.70
N TYR B 308 18.98 -18.38 -17.97
CA TYR B 308 20.24 -19.11 -18.07
C TYR B 308 20.59 -19.72 -16.71
N PRO B 309 21.13 -20.94 -16.68
CA PRO B 309 21.56 -21.52 -15.40
C PRO B 309 22.70 -20.73 -14.78
N GLY B 310 22.62 -20.52 -13.47
CA GLY B 310 23.66 -19.84 -12.73
C GLY B 310 23.61 -18.33 -12.78
N ILE B 311 22.66 -17.74 -13.51
CA ILE B 311 22.60 -16.29 -13.61
C ILE B 311 22.26 -15.68 -12.27
N ALA B 312 21.38 -16.34 -11.50
CA ALA B 312 21.03 -15.83 -10.18
C ALA B 312 22.25 -15.84 -9.26
N ASP B 313 23.04 -16.92 -9.31
CA ASP B 313 24.25 -16.99 -8.49
C ASP B 313 25.25 -15.91 -8.87
N ARG B 314 25.45 -15.71 -10.18
CA ARG B 314 26.39 -14.69 -10.61
C ARG B 314 25.92 -13.29 -10.20
N MET B 315 24.62 -13.01 -10.36
CA MET B 315 24.08 -11.72 -9.93
C MET B 315 24.27 -11.52 -8.44
N GLN B 316 24.00 -12.56 -7.64
CA GLN B 316 24.20 -12.44 -6.20
C GLN B 316 25.64 -12.17 -5.86
N LYS B 317 26.58 -12.85 -6.53
CA LYS B 317 27.99 -12.65 -6.26
C LYS B 317 28.42 -11.21 -6.60
N GLU B 318 28.05 -10.73 -7.79
CA GLU B 318 28.46 -9.39 -8.19
C GLU B 318 27.83 -8.32 -7.30
N ILE B 319 26.53 -8.45 -7.00
CA ILE B 319 25.86 -7.45 -6.19
C ILE B 319 26.39 -7.48 -4.76
N THR B 320 26.74 -8.67 -4.25
CA THR B 320 27.36 -8.76 -2.93
C THR B 320 28.72 -8.08 -2.93
N ALA B 321 29.50 -8.25 -3.99
CA ALA B 321 30.79 -7.59 -4.08
C ALA B 321 30.63 -6.07 -4.11
N LEU B 322 29.63 -5.57 -4.84
CA LEU B 322 29.44 -4.13 -4.94
C LEU B 322 28.89 -3.53 -3.64
N ALA B 323 27.95 -4.22 -3.02
CA ALA B 323 27.23 -3.70 -1.86
C ALA B 323 28.08 -3.82 -0.59
N PRO B 324 27.74 -3.05 0.45
CA PRO B 324 28.44 -3.19 1.73
C PRO B 324 28.24 -4.59 2.34
N SER B 325 29.23 -5.00 3.14
CA SER B 325 29.26 -6.36 3.65
C SER B 325 28.09 -6.66 4.57
N THR B 326 27.70 -5.70 5.40
CA THR B 326 26.62 -5.93 6.36
C THR B 326 25.31 -6.30 5.66
N MET B 327 25.16 -5.86 4.41
CA MET B 327 23.88 -5.98 3.73
C MET B 327 23.62 -7.42 3.28
N LYS B 328 22.34 -7.76 3.15
CA LYS B 328 21.91 -9.09 2.72
C LYS B 328 21.37 -9.00 1.30
N ILE B 329 22.04 -9.68 0.37
CA ILE B 329 21.65 -9.66 -1.04
C ILE B 329 20.83 -10.91 -1.33
N LYS B 330 19.63 -10.72 -1.86
CA LYS B 330 18.73 -11.82 -2.20
C LYS B 330 18.23 -11.63 -3.62
N ILE B 331 18.56 -12.59 -4.49
CA ILE B 331 18.10 -12.58 -5.87
C ILE B 331 16.91 -13.54 -5.97
N ILE B 332 15.72 -12.98 -6.12
CA ILE B 332 14.50 -13.77 -6.20
C ILE B 332 14.22 -14.08 -7.67
N ALA B 333 14.32 -15.35 -8.04
CA ALA B 333 14.08 -15.80 -9.41
C ALA B 333 13.02 -16.89 -9.41
N PRO B 334 11.75 -16.55 -9.55
CA PRO B 334 10.72 -17.58 -9.55
C PRO B 334 10.88 -18.51 -10.73
N PRO B 335 10.51 -19.79 -10.58
CA PRO B 335 10.66 -20.74 -11.69
C PRO B 335 9.83 -20.39 -12.92
N GLU B 336 8.78 -19.59 -12.77
CA GLU B 336 7.91 -19.22 -13.88
C GLU B 336 8.11 -17.77 -14.31
N ARG B 337 9.34 -17.26 -14.18
CA ARG B 337 9.60 -15.85 -14.44
C ARG B 337 9.43 -15.48 -15.91
N LYS B 338 9.32 -16.46 -16.80
CA LYS B 338 9.12 -16.14 -18.21
C LYS B 338 7.73 -15.54 -18.46
N TYR B 339 6.74 -15.93 -17.66
CA TYR B 339 5.37 -15.45 -17.82
C TYR B 339 4.92 -14.55 -16.67
N SER B 340 5.87 -14.08 -15.86
CA SER B 340 5.52 -13.28 -14.70
C SER B 340 4.84 -11.97 -15.11
N VAL B 341 5.29 -11.37 -16.22
CA VAL B 341 4.67 -10.14 -16.68
C VAL B 341 3.20 -10.38 -17.01
N TRP B 342 2.90 -11.49 -17.70
CA TRP B 342 1.52 -11.78 -18.04
C TRP B 342 0.70 -12.10 -16.79
N ILE B 343 1.28 -12.82 -15.84
CA ILE B 343 0.56 -13.13 -14.61
C ILE B 343 0.21 -11.84 -13.86
N GLY B 344 1.18 -10.92 -13.76
CA GLY B 344 0.91 -9.65 -13.12
C GLY B 344 -0.13 -8.84 -13.85
N GLY B 345 -0.10 -8.87 -15.18
CA GLY B 345 -1.13 -8.19 -15.95
C GLY B 345 -2.51 -8.75 -15.70
N SER B 346 -2.61 -10.09 -15.61
CA SER B 346 -3.88 -10.72 -15.29
C SER B 346 -4.39 -10.29 -13.91
N ILE B 347 -3.49 -10.29 -12.92
CA ILE B 347 -3.88 -9.87 -11.58
C ILE B 347 -4.35 -8.41 -11.59
N LEU B 348 -3.61 -7.54 -12.28
CA LEU B 348 -3.97 -6.13 -12.33
C LEU B 348 -5.32 -5.92 -13.00
N ALA B 349 -5.56 -6.63 -14.12
CA ALA B 349 -6.83 -6.49 -14.81
C ALA B 349 -7.99 -7.06 -13.99
N SER B 350 -7.70 -8.05 -13.14
CA SER B 350 -8.76 -8.66 -12.34
C SER B 350 -9.19 -7.76 -11.19
N LEU B 351 -8.29 -6.91 -10.70
CA LEU B 351 -8.61 -6.05 -9.56
C LEU B 351 -9.79 -5.13 -9.86
N SER B 352 -10.69 -5.02 -8.90
CA SER B 352 -11.83 -4.12 -9.06
C SER B 352 -11.40 -2.66 -9.03
N THR B 353 -10.34 -2.33 -8.30
CA THR B 353 -9.86 -0.95 -8.24
C THR B 353 -9.37 -0.49 -9.61
N PHE B 354 -8.83 -1.41 -10.41
CA PHE B 354 -8.35 -1.06 -11.74
C PHE B 354 -9.47 -0.76 -12.72
N GLN B 355 -10.71 -1.20 -12.42
CA GLN B 355 -11.80 -1.07 -13.38
C GLN B 355 -12.16 0.38 -13.67
N GLN B 356 -11.76 1.31 -12.80
CA GLN B 356 -12.06 2.73 -13.01
C GLN B 356 -10.99 3.43 -13.83
N MET B 357 -9.90 2.75 -14.18
CA MET B 357 -8.76 3.38 -14.84
C MET B 357 -8.63 2.98 -16.31
N TRP B 358 -9.63 2.30 -16.87
CA TRP B 358 -9.60 2.00 -18.30
C TRP B 358 -9.87 3.26 -19.11
N ILE B 359 -9.24 3.34 -20.28
CA ILE B 359 -9.50 4.42 -21.22
C ILE B 359 -10.70 4.01 -22.07
N THR B 360 -11.86 4.59 -21.78
CA THR B 360 -13.06 4.23 -22.52
C THR B 360 -13.05 4.84 -23.91
N LYS B 361 -13.96 4.34 -24.76
CA LYS B 361 -14.02 4.80 -26.14
C LYS B 361 -14.44 6.27 -26.21
N GLN B 362 -15.32 6.71 -25.31
CA GLN B 362 -15.77 8.10 -25.30
C GLN B 362 -14.60 9.05 -24.99
N GLU B 363 -13.75 8.67 -24.05
CA GLU B 363 -12.59 9.51 -23.72
C GLU B 363 -11.67 9.65 -24.93
N TYR B 364 -11.45 8.55 -25.67
CA TYR B 364 -10.64 8.64 -26.88
C TYR B 364 -11.31 9.52 -27.92
N ASP B 365 -12.63 9.36 -28.10
CA ASP B 365 -13.34 10.16 -29.09
C ASP B 365 -13.24 11.65 -28.77
N GLU B 366 -13.26 12.00 -27.49
CA GLU B 366 -13.19 13.41 -27.12
C GLU B 366 -11.76 13.95 -27.17
N ALA B 367 -10.85 13.34 -26.40
CA ALA B 367 -9.52 13.91 -26.25
C ALA B 367 -8.63 13.64 -27.46
N GLY B 368 -8.73 12.45 -28.05
CA GLY B 368 -7.81 12.04 -29.09
C GLY B 368 -6.83 11.01 -28.58
N PRO B 369 -5.85 10.64 -29.41
CA PRO B 369 -4.84 9.66 -28.96
C PRO B 369 -4.00 10.14 -27.79
N SER B 370 -3.98 11.45 -27.51
CA SER B 370 -3.17 11.97 -26.42
C SER B 370 -3.72 11.61 -25.05
N ILE B 371 -4.93 11.04 -24.98
CA ILE B 371 -5.55 10.69 -23.70
C ILE B 371 -4.71 9.64 -22.97
N VAL B 372 -3.92 8.86 -23.70
CA VAL B 372 -3.20 7.75 -23.10
C VAL B 372 -2.11 8.26 -22.16
N HIS B 373 -1.47 9.38 -22.51
CA HIS B 373 -0.46 9.94 -21.62
C HIS B 373 -1.09 10.49 -20.34
N ARG B 374 -2.27 11.09 -20.47
CA ARG B 374 -2.95 11.62 -19.29
C ARG B 374 -3.42 10.51 -18.37
N LYS B 375 -3.91 9.40 -18.94
CA LYS B 375 -4.47 8.34 -18.11
C LYS B 375 -3.41 7.34 -17.65
N CYS B 376 -2.76 6.66 -18.59
CA CYS B 376 -1.82 5.59 -18.26
C CYS B 376 -0.47 6.18 -17.88
N PHE B 377 -0.09 6.01 -16.62
CA PHE B 377 1.23 6.38 -16.13
C PHE B 377 1.56 7.85 -16.37
N ASP C 5 61.46 38.71 -9.64
CA ASP C 5 60.79 39.97 -9.36
C ASP C 5 59.43 40.03 -10.03
N GLU C 6 59.43 40.18 -11.35
CA GLU C 6 58.18 40.27 -12.12
C GLU C 6 57.72 38.87 -12.52
N THR C 7 57.33 38.10 -11.51
CA THR C 7 56.82 36.74 -11.69
C THR C 7 55.30 36.79 -11.75
N THR C 8 54.75 36.66 -12.95
CA THR C 8 53.31 36.68 -13.12
C THR C 8 52.68 35.45 -12.49
N ALA C 9 51.56 35.65 -11.81
CA ALA C 9 50.87 34.55 -11.17
C ALA C 9 49.97 33.83 -12.18
N LEU C 10 49.56 32.62 -11.80
CA LEU C 10 48.69 31.78 -12.64
C LEU C 10 47.34 31.63 -11.96
N VAL C 11 46.28 31.80 -12.74
CA VAL C 11 44.91 31.62 -12.27
C VAL C 11 44.31 30.44 -13.03
N CYS C 12 43.96 29.39 -12.31
CA CYS C 12 43.43 28.16 -12.89
C CYS C 12 42.09 27.85 -12.24
N ASP C 13 41.00 28.33 -12.86
CA ASP C 13 39.65 28.05 -12.37
C ASP C 13 39.22 26.71 -12.95
N ASN C 14 39.71 25.64 -12.31
CA ASN C 14 39.42 24.28 -12.75
C ASN C 14 38.01 23.92 -12.30
N GLY C 15 37.05 24.16 -13.18
CA GLY C 15 35.67 23.81 -12.91
C GLY C 15 35.41 22.33 -13.16
N SER C 16 34.14 21.95 -13.01
CA SER C 16 33.77 20.56 -13.20
C SER C 16 33.72 20.18 -14.68
N GLY C 17 33.40 21.12 -15.55
CA GLY C 17 33.29 20.83 -16.97
C GLY C 17 34.34 21.47 -17.84
N LEU C 18 34.77 22.68 -17.49
CA LEU C 18 35.76 23.41 -18.25
C LEU C 18 36.89 23.86 -17.34
N VAL C 19 38.09 23.95 -17.91
CA VAL C 19 39.27 24.44 -17.21
C VAL C 19 39.64 25.79 -17.82
N LYS C 20 39.56 26.84 -17.01
CA LYS C 20 39.89 28.20 -17.44
C LYS C 20 41.24 28.57 -16.82
N ALA C 21 42.24 28.77 -17.67
CA ALA C 21 43.58 29.09 -17.23
C ALA C 21 44.06 30.37 -17.91
N GLY C 22 45.10 30.95 -17.34
CA GLY C 22 45.66 32.18 -17.87
C GLY C 22 46.65 32.78 -16.90
N PHE C 23 46.96 34.06 -17.14
CA PHE C 23 47.90 34.81 -16.33
C PHE C 23 47.19 35.94 -15.61
N ALA C 24 47.74 36.33 -14.47
CA ALA C 24 47.21 37.46 -13.72
C ALA C 24 47.41 38.76 -14.51
N GLY C 25 46.40 39.62 -14.48
CA GLY C 25 46.43 40.87 -15.21
C GLY C 25 45.83 40.82 -16.59
N ASP C 26 45.47 39.64 -17.08
CA ASP C 26 44.84 39.52 -18.39
C ASP C 26 43.35 39.80 -18.29
N ASP C 27 42.72 39.97 -19.46
CA ASP C 27 41.29 40.26 -19.53
C ASP C 27 40.43 39.02 -19.65
N ALA C 28 40.91 38.00 -20.35
CA ALA C 28 40.16 36.78 -20.61
C ALA C 28 41.08 35.59 -20.44
N PRO C 29 40.54 34.42 -20.12
CA PRO C 29 41.38 33.23 -20.02
C PRO C 29 42.07 32.90 -21.33
N ARG C 30 43.29 32.40 -21.24
CA ARG C 30 44.08 32.05 -22.41
C ARG C 30 43.85 30.61 -22.88
N ALA C 31 43.29 29.75 -22.01
CA ALA C 31 43.10 28.34 -22.37
C ALA C 31 41.78 27.89 -21.75
N VAL C 32 40.77 27.67 -22.59
CA VAL C 32 39.47 27.16 -22.17
C VAL C 32 39.21 25.87 -22.94
N PHE C 33 39.31 24.74 -22.25
CA PHE C 33 39.12 23.44 -22.85
C PHE C 33 38.37 22.53 -21.88
N PRO C 34 37.64 21.54 -22.39
CA PRO C 34 36.89 20.64 -21.50
C PRO C 34 37.81 19.86 -20.58
N SER C 35 37.31 19.57 -19.37
CA SER C 35 38.07 18.87 -18.35
C SER C 35 37.73 17.38 -18.38
N ILE C 36 38.31 16.69 -19.36
CA ILE C 36 38.09 15.26 -19.55
C ILE C 36 39.42 14.57 -19.82
N VAL C 37 39.44 13.25 -19.61
CA VAL C 37 40.55 12.40 -20.01
C VAL C 37 39.97 11.22 -20.78
N GLY C 38 40.43 11.02 -22.01
CA GLY C 38 39.90 10.00 -22.89
C GLY C 38 40.89 8.85 -23.04
N ARG C 39 40.34 7.64 -23.15
CA ARG C 39 41.14 6.43 -23.35
C ARG C 39 40.50 5.58 -24.43
N PRO C 40 41.31 4.92 -25.27
CA PRO C 40 40.73 4.08 -26.33
C PRO C 40 39.96 2.91 -25.76
N ARG C 41 38.89 2.54 -26.46
CA ARG C 41 38.05 1.41 -26.07
C ARG C 41 37.93 0.36 -27.17
N HIS C 42 38.66 0.52 -28.27
CA HIS C 42 38.60 -0.40 -29.39
C HIS C 42 39.97 -1.05 -29.57
N GLN C 43 40.10 -1.83 -30.65
CA GLN C 43 41.31 -2.59 -30.92
C GLN C 43 42.13 -1.92 -32.01
N GLY C 44 43.38 -1.62 -31.71
CA GLY C 44 44.28 -1.04 -32.70
C GLY C 44 44.85 -2.09 -33.63
N VAL C 45 44.66 -1.90 -34.94
CA VAL C 45 45.04 -2.91 -35.92
C VAL C 45 46.22 -2.47 -36.79
N MET C 46 46.33 -1.19 -37.12
CA MET C 46 47.40 -0.73 -38.00
C MET C 46 48.68 -0.56 -37.20
N VAL C 47 49.65 -1.45 -37.43
CA VAL C 47 50.93 -1.34 -36.76
C VAL C 47 51.72 -0.18 -37.36
N GLY C 48 52.27 0.68 -36.49
CA GLY C 48 53.01 1.85 -36.90
C GLY C 48 52.35 3.16 -36.48
N MET C 49 51.03 3.16 -36.34
CA MET C 49 50.32 4.35 -35.87
C MET C 49 50.77 4.68 -34.45
N GLY C 50 50.98 5.98 -34.20
CA GLY C 50 51.32 6.43 -32.87
C GLY C 50 50.19 6.17 -31.90
N GLN C 51 50.46 5.43 -30.84
CA GLN C 51 49.43 5.02 -29.88
C GLN C 51 49.56 5.85 -28.62
N LYS C 52 48.53 6.61 -28.29
CA LYS C 52 48.45 7.36 -27.05
C LYS C 52 47.43 6.69 -26.14
N ASP C 53 47.81 6.43 -24.89
CA ASP C 53 46.92 5.84 -23.92
C ASP C 53 46.04 6.85 -23.22
N SER C 54 46.20 8.15 -23.51
CA SER C 54 45.39 9.18 -22.89
C SER C 54 45.29 10.37 -23.82
N TYR C 55 44.09 10.95 -23.90
CA TYR C 55 43.85 12.21 -24.60
C TYR C 55 43.17 13.17 -23.64
N VAL C 56 43.72 14.38 -23.52
CA VAL C 56 43.25 15.36 -22.56
C VAL C 56 42.87 16.64 -23.31
N GLY C 57 41.67 17.14 -23.04
CA GLY C 57 41.27 18.43 -23.54
C GLY C 57 40.59 18.35 -24.89
N ASP C 58 41.05 19.18 -25.83
CA ASP C 58 40.38 19.27 -27.13
C ASP C 58 40.66 18.06 -28.00
N GLU C 59 41.80 17.38 -27.81
CA GLU C 59 42.07 16.19 -28.58
C GLU C 59 41.13 15.04 -28.22
N ALA C 60 40.68 14.97 -26.97
CA ALA C 60 39.70 13.96 -26.58
C ALA C 60 38.34 14.20 -27.22
N GLN C 61 38.00 15.45 -27.54
CA GLN C 61 36.83 15.75 -28.35
C GLN C 61 37.06 15.52 -29.83
N SER C 62 38.27 15.76 -30.32
CA SER C 62 38.57 15.49 -31.72
C SER C 62 38.50 14.00 -32.03
N LYS C 63 39.00 13.17 -31.11
CA LYS C 63 38.95 11.72 -31.24
C LYS C 63 37.77 11.12 -30.48
N ARG C 64 36.66 11.85 -30.40
CA ARG C 64 35.56 11.47 -29.53
C ARG C 64 34.96 10.12 -29.88
N GLY C 65 35.00 9.74 -31.16
CA GLY C 65 34.29 8.54 -31.59
C GLY C 65 34.93 7.22 -31.21
N ILE C 66 36.16 7.23 -30.71
CA ILE C 66 36.87 5.98 -30.40
C ILE C 66 37.43 6.03 -28.98
N LEU C 67 36.90 6.92 -28.15
CA LEU C 67 37.43 7.11 -26.81
C LEU C 67 36.31 7.04 -25.76
N THR C 68 36.72 6.76 -24.53
CA THR C 68 35.85 6.82 -23.35
C THR C 68 36.24 8.06 -22.55
N LEU C 69 35.31 9.00 -22.44
CA LEU C 69 35.57 10.26 -21.76
C LEU C 69 35.11 10.17 -20.30
N LYS C 70 35.98 10.59 -19.39
CA LYS C 70 35.70 10.51 -17.96
C LYS C 70 36.02 11.85 -17.32
N TYR C 71 35.03 12.47 -16.71
CA TYR C 71 35.25 13.71 -15.97
C TYR C 71 35.87 13.38 -14.61
N PRO C 72 37.06 13.90 -14.30
CA PRO C 72 37.67 13.62 -12.99
C PRO C 72 37.07 14.43 -11.85
N ILE C 73 36.23 15.43 -12.14
CA ILE C 73 35.60 16.25 -11.13
C ILE C 73 34.09 16.10 -11.26
N GLU C 74 33.45 15.71 -10.16
CA GLU C 74 32.00 15.57 -10.15
C GLU C 74 31.42 16.26 -8.92
N HIC C 75 30.55 17.24 -9.18
CA HIC C 75 29.91 18.01 -8.14
C HIC C 75 30.96 18.76 -7.32
O HIC C 75 30.90 18.94 -6.10
CB HIC C 75 29.05 17.20 -7.16
CG HIC C 75 27.93 16.52 -7.83
ND1 HIC C 75 27.12 17.11 -8.80
CD2 HIC C 75 27.52 15.19 -7.61
CE1 HIC C 75 26.23 16.17 -9.16
NE2 HIC C 75 26.43 14.97 -8.46
CZ HIC C 75 25.68 13.77 -8.57
N GLY C 76 31.98 19.23 -8.04
CA GLY C 76 33.01 20.06 -7.45
C GLY C 76 34.10 19.31 -6.71
N ILE C 77 33.88 18.02 -6.46
CA ILE C 77 34.82 17.19 -5.71
C ILE C 77 35.63 16.36 -6.70
N ILE C 78 36.95 16.38 -6.52
CA ILE C 78 37.84 15.63 -7.41
C ILE C 78 37.86 14.18 -6.98
N THR C 79 37.55 13.27 -7.90
CA THR C 79 37.46 11.85 -7.60
C THR C 79 38.62 11.04 -8.15
N ASN C 80 39.22 11.45 -9.26
CA ASN C 80 40.31 10.73 -9.90
C ASN C 80 41.56 11.60 -9.82
N TRP C 81 42.45 11.29 -8.89
CA TRP C 81 43.62 12.12 -8.63
C TRP C 81 44.78 11.84 -9.59
N ASP C 82 44.64 10.86 -10.47
CA ASP C 82 45.58 10.68 -11.56
C ASP C 82 45.11 11.40 -12.82
N ASP C 83 43.81 11.33 -13.13
CA ASP C 83 43.26 12.11 -14.22
C ASP C 83 43.39 13.61 -13.94
N MET C 84 43.16 14.02 -12.69
CA MET C 84 43.36 15.42 -12.33
C MET C 84 44.82 15.83 -12.50
N GLU C 85 45.75 14.96 -12.12
CA GLU C 85 47.16 15.25 -12.33
C GLU C 85 47.48 15.40 -13.81
N LYS C 86 46.91 14.53 -14.65
CA LYS C 86 47.13 14.63 -16.08
C LYS C 86 46.58 15.94 -16.63
N ILE C 87 45.39 16.34 -16.19
CA ILE C 87 44.80 17.59 -16.67
C ILE C 87 45.64 18.79 -16.23
N TRP C 88 46.11 18.78 -14.98
CA TRP C 88 46.95 19.89 -14.52
C TRP C 88 48.27 19.94 -15.27
N HIS C 89 48.87 18.78 -15.54
CA HIS C 89 50.09 18.75 -16.34
C HIS C 89 49.85 19.30 -17.73
N HIS C 90 48.73 18.91 -18.37
CA HIS C 90 48.42 19.42 -19.69
C HIS C 90 48.19 20.93 -19.66
N THR C 91 47.48 21.42 -18.66
CA THR C 91 47.25 22.87 -18.54
C THR C 91 48.55 23.62 -18.37
N PHE C 92 49.45 23.12 -17.52
CA PHE C 92 50.69 23.83 -17.26
C PHE C 92 51.64 23.79 -18.46
N TYR C 93 51.75 22.65 -19.12
CA TYR C 93 52.77 22.45 -20.15
C TYR C 93 52.25 22.65 -21.57
N ASN C 94 51.18 21.96 -21.94
CA ASN C 94 50.75 21.92 -23.33
C ASN C 94 49.77 23.03 -23.69
N GLU C 95 49.18 23.71 -22.71
CA GLU C 95 48.28 24.83 -23.00
C GLU C 95 48.86 26.19 -22.61
N LEU C 96 49.57 26.26 -21.48
CA LEU C 96 50.14 27.53 -21.06
C LEU C 96 51.57 27.74 -21.52
N ARG C 97 52.27 26.66 -21.93
CA ARG C 97 53.68 26.75 -22.35
C ARG C 97 54.55 27.37 -21.27
N VAL C 98 54.28 27.04 -20.00
CA VAL C 98 54.97 27.67 -18.88
C VAL C 98 55.34 26.61 -17.85
N ALA C 99 56.57 26.72 -17.33
CA ALA C 99 57.01 25.84 -16.26
C ALA C 99 56.34 26.24 -14.96
N PRO C 100 55.66 25.33 -14.25
CA PRO C 100 54.93 25.73 -13.05
C PRO C 100 55.82 26.00 -11.84
N GLU C 101 57.10 25.65 -11.90
CA GLU C 101 57.99 25.80 -10.76
C GLU C 101 58.33 27.26 -10.47
N GLU C 102 58.10 28.17 -11.42
CA GLU C 102 58.48 29.56 -11.22
C GLU C 102 57.27 30.51 -11.31
N HIS C 103 56.07 30.03 -11.00
CA HIS C 103 54.88 30.88 -11.04
C HIS C 103 53.92 30.53 -9.92
N PRO C 104 53.55 31.49 -9.07
CA PRO C 104 52.49 31.23 -8.09
C PRO C 104 51.18 30.89 -8.79
N THR C 105 50.43 29.98 -8.18
CA THR C 105 49.19 29.48 -8.75
C THR C 105 48.03 29.76 -7.83
N LEU C 106 46.93 30.25 -8.39
CA LEU C 106 45.70 30.51 -7.64
C LEU C 106 44.61 29.58 -8.13
N LEU C 107 44.00 28.86 -7.20
CA LEU C 107 42.98 27.87 -7.52
C LEU C 107 41.66 28.23 -6.85
N THR C 108 40.56 27.74 -7.41
CA THR C 108 39.22 28.02 -6.92
C THR C 108 38.57 26.73 -6.43
N GLU C 109 37.57 26.89 -5.56
CA GLU C 109 36.94 25.75 -4.92
C GLU C 109 35.54 26.12 -4.46
N ALA C 110 34.66 25.13 -4.37
CA ALA C 110 33.31 25.37 -3.90
C ALA C 110 33.30 25.67 -2.41
N PRO C 111 32.34 26.46 -1.93
CA PRO C 111 32.38 26.90 -0.52
C PRO C 111 32.30 25.77 0.48
N LEU C 112 31.52 24.72 0.22
CA LEU C 112 31.22 23.69 1.21
C LEU C 112 31.76 22.32 0.79
N ASN C 113 32.96 22.30 0.24
CA ASN C 113 33.57 21.05 -0.18
C ASN C 113 34.23 20.34 1.00
N PRO C 114 34.49 19.03 0.87
CA PRO C 114 35.21 18.32 1.92
C PRO C 114 36.60 18.91 2.13
N LYS C 115 37.07 18.83 3.37
CA LYS C 115 38.35 19.43 3.74
C LYS C 115 39.54 18.62 3.24
N ALA C 116 39.32 17.40 2.76
CA ALA C 116 40.43 16.61 2.21
C ALA C 116 40.77 17.02 0.79
N ASN C 117 39.80 17.54 0.04
CA ASN C 117 40.06 17.99 -1.33
C ASN C 117 41.09 19.10 -1.35
N ARG C 118 40.92 20.09 -0.47
CA ARG C 118 41.85 21.22 -0.42
C ARG C 118 43.26 20.75 -0.03
N GLU C 119 43.35 19.85 0.94
CA GLU C 119 44.65 19.33 1.36
C GLU C 119 45.33 18.54 0.24
N LYS C 120 44.56 17.74 -0.49
CA LYS C 120 45.13 16.98 -1.59
C LYS C 120 45.60 17.89 -2.71
N MET C 121 44.82 18.94 -3.02
CA MET C 121 45.27 19.92 -4.00
C MET C 121 46.57 20.58 -3.53
N THR C 122 46.65 20.92 -2.25
CA THR C 122 47.86 21.52 -1.70
C THR C 122 49.06 20.60 -1.88
N GLN C 123 48.90 19.33 -1.49
CA GLN C 123 50.01 18.39 -1.57
C GLN C 123 50.44 18.15 -3.01
N ILE C 124 49.47 18.02 -3.92
CA ILE C 124 49.81 17.80 -5.33
C ILE C 124 50.58 19.00 -5.87
N MET C 125 50.08 20.20 -5.62
CA MET C 125 50.75 21.39 -6.13
C MET C 125 52.15 21.54 -5.55
N PHE C 126 52.32 21.27 -4.26
CA PHE C 126 53.59 21.54 -3.60
C PHE C 126 54.60 20.41 -3.72
N GLU C 127 54.20 19.22 -4.15
CA GLU C 127 55.14 18.12 -4.26
C GLU C 127 55.31 17.57 -5.67
N THR C 128 54.33 17.74 -6.55
CA THR C 128 54.47 17.25 -7.92
C THR C 128 54.94 18.35 -8.87
N PHE C 129 54.28 19.51 -8.84
CA PHE C 129 54.63 20.62 -9.72
C PHE C 129 55.57 21.62 -9.08
N ASN C 130 55.81 21.51 -7.77
CA ASN C 130 56.80 22.33 -7.06
C ASN C 130 56.53 23.83 -7.25
N VAL C 131 55.28 24.22 -7.10
CA VAL C 131 54.93 25.64 -7.24
C VAL C 131 55.54 26.43 -6.08
N PRO C 132 56.03 27.66 -6.31
CA PRO C 132 56.60 28.43 -5.21
C PRO C 132 55.58 28.95 -4.22
N ALA C 133 54.32 29.11 -4.64
CA ALA C 133 53.27 29.64 -3.77
C ALA C 133 51.93 29.15 -4.30
N MET C 134 50.90 29.33 -3.49
CA MET C 134 49.58 28.82 -3.83
C MET C 134 48.53 29.53 -2.98
N TYR C 135 47.31 29.58 -3.51
CA TYR C 135 46.16 30.04 -2.74
C TYR C 135 44.90 29.42 -3.30
N VAL C 136 43.94 29.14 -2.43
CA VAL C 136 42.65 28.59 -2.81
C VAL C 136 41.57 29.58 -2.39
N ALA C 137 40.74 29.97 -3.35
CA ALA C 137 39.72 30.99 -3.12
C ALA C 137 38.32 30.42 -3.37
N ILE C 138 37.32 31.23 -3.06
CA ILE C 138 35.92 30.88 -3.27
C ILE C 138 35.42 31.61 -4.50
N GLN C 139 34.68 30.90 -5.36
CA GLN C 139 34.33 31.42 -6.67
C GLN C 139 33.39 32.61 -6.59
N ALA C 140 32.51 32.67 -5.59
CA ALA C 140 31.56 33.78 -5.50
C ALA C 140 32.27 35.10 -5.18
N VAL C 141 33.29 35.05 -4.34
CA VAL C 141 34.06 36.26 -4.03
C VAL C 141 34.74 36.78 -5.29
N LEU C 142 35.31 35.88 -6.10
CA LEU C 142 35.90 36.29 -7.37
C LEU C 142 34.86 36.81 -8.33
N SER C 143 33.65 36.24 -8.32
CA SER C 143 32.58 36.78 -9.15
C SER C 143 32.24 38.22 -8.76
N LEU C 144 32.19 38.49 -7.45
CA LEU C 144 31.99 39.87 -7.00
C LEU C 144 33.14 40.77 -7.44
N TYR C 145 34.37 40.26 -7.33
CA TYR C 145 35.53 41.04 -7.76
C TYR C 145 35.41 41.43 -9.23
N ALA C 146 35.04 40.47 -10.07
CA ALA C 146 34.86 40.75 -11.50
C ALA C 146 33.71 41.72 -11.73
N SER C 147 32.61 41.56 -11.01
CA SER C 147 31.47 42.46 -11.14
C SER C 147 31.78 43.86 -10.60
N GLY C 148 32.88 44.03 -9.88
CA GLY C 148 33.24 45.33 -9.38
C GLY C 148 32.33 45.87 -8.30
N ARG C 149 31.91 45.01 -7.38
CA ARG C 149 31.08 45.41 -6.26
C ARG C 149 31.66 44.85 -4.96
N THR C 150 31.19 45.38 -3.85
CA THR C 150 31.53 44.86 -2.53
C THR C 150 30.33 44.38 -1.74
N THR C 151 29.12 44.69 -2.19
CA THR C 151 27.90 44.25 -1.53
C THR C 151 27.01 43.55 -2.55
N GLY C 152 26.65 42.31 -2.27
CA GLY C 152 25.77 41.57 -3.16
C GLY C 152 25.81 40.09 -2.86
N ILE C 153 24.77 39.41 -3.31
CA ILE C 153 24.65 37.96 -3.17
C ILE C 153 24.89 37.34 -4.55
N VAL C 154 25.80 36.38 -4.60
CA VAL C 154 26.24 35.79 -5.87
C VAL C 154 25.59 34.43 -6.03
N LEU C 155 24.99 34.20 -7.19
CA LEU C 155 24.46 32.90 -7.56
C LEU C 155 25.39 32.34 -8.65
N ASP C 156 26.34 31.52 -8.23
CA ASP C 156 27.24 30.86 -9.16
C ASP C 156 26.67 29.49 -9.53
N SER C 157 26.73 29.17 -10.83
CA SER C 157 26.20 27.90 -11.32
C SER C 157 27.04 27.45 -12.50
N GLY C 158 28.03 26.58 -12.23
CA GLY C 158 28.76 25.93 -13.31
C GLY C 158 27.99 24.71 -13.76
N ASP C 159 28.67 23.59 -13.96
CA ASP C 159 27.99 22.32 -14.18
C ASP C 159 28.25 21.30 -13.08
N GLY C 160 29.01 21.68 -12.04
CA GLY C 160 29.17 20.80 -10.90
C GLY C 160 28.22 21.11 -9.75
N VAL C 161 28.20 22.36 -9.29
CA VAL C 161 27.40 22.75 -8.13
C VAL C 161 26.77 24.12 -8.38
N THR C 162 25.78 24.44 -7.56
CA THR C 162 25.14 25.75 -7.56
C THR C 162 25.10 26.25 -6.12
N HIS C 163 25.73 27.39 -5.86
CA HIS C 163 25.86 27.91 -4.51
C HIS C 163 25.54 29.40 -4.47
N ASN C 164 25.08 29.86 -3.30
CA ASN C 164 24.78 31.26 -3.04
C ASN C 164 25.65 31.74 -1.90
N VAL C 165 26.31 32.88 -2.09
CA VAL C 165 27.16 33.47 -1.05
C VAL C 165 26.83 34.95 -0.91
N PRO C 166 26.20 35.37 0.18
CA PRO C 166 25.93 36.80 0.37
C PRO C 166 27.09 37.53 1.04
N ILE C 167 27.44 38.70 0.51
CA ILE C 167 28.55 39.50 1.03
C ILE C 167 28.09 40.94 1.15
N TYR C 168 28.43 41.58 2.27
CA TYR C 168 28.08 42.98 2.52
C TYR C 168 29.33 43.73 2.96
N GLU C 169 29.75 44.70 2.17
CA GLU C 169 30.90 45.56 2.47
C GLU C 169 32.15 44.73 2.77
N GLY C 170 32.38 43.71 1.96
CA GLY C 170 33.55 42.87 2.11
C GLY C 170 33.50 41.87 3.24
N TYR C 171 32.34 41.67 3.86
CA TYR C 171 32.17 40.70 4.93
C TYR C 171 31.22 39.60 4.46
N ALA C 172 31.66 38.35 4.61
CA ALA C 172 30.86 37.21 4.21
C ALA C 172 30.12 36.63 5.41
N LEU C 173 28.91 36.14 5.15
CA LEU C 173 28.06 35.52 6.18
C LEU C 173 28.06 34.01 5.96
N PRO C 174 28.97 33.27 6.60
CA PRO C 174 29.06 31.82 6.34
C PRO C 174 27.80 31.05 6.67
N HIS C 175 27.02 31.50 7.67
CA HIS C 175 25.82 30.78 8.05
C HIS C 175 24.71 30.91 7.03
N ALA C 176 24.81 31.88 6.11
CA ALA C 176 23.80 32.08 5.08
C ALA C 176 24.20 31.50 3.74
N ILE C 177 25.31 30.79 3.68
CA ILE C 177 25.77 30.19 2.42
C ILE C 177 24.96 28.94 2.14
N MET C 178 24.42 28.85 0.93
CA MET C 178 23.61 27.71 0.49
C MET C 178 24.33 27.00 -0.64
N ARG C 179 24.43 25.68 -0.55
CA ARG C 179 24.99 24.86 -1.61
C ARG C 179 23.94 23.86 -2.10
N LEU C 180 23.86 23.71 -3.41
CA LEU C 180 22.85 22.86 -4.04
C LEU C 180 23.46 22.19 -5.25
N ASP C 181 23.30 20.86 -5.34
CA ASP C 181 23.95 20.05 -6.37
C ASP C 181 22.97 19.82 -7.52
N LEU C 182 22.83 20.83 -8.37
CA LEU C 182 22.02 20.74 -9.58
C LEU C 182 22.55 21.78 -10.56
N ALA C 183 23.13 21.33 -11.66
CA ALA C 183 23.81 22.25 -12.55
C ALA C 183 23.78 21.69 -13.97
N GLY C 184 24.69 22.18 -14.81
CA GLY C 184 24.64 21.84 -16.23
C GLY C 184 24.76 20.35 -16.51
N ARG C 185 25.54 19.64 -15.72
CA ARG C 185 25.66 18.19 -15.91
C ARG C 185 24.32 17.50 -15.71
N ASP C 186 23.59 17.88 -14.64
CA ASP C 186 22.29 17.29 -14.40
C ASP C 186 21.28 17.73 -15.47
N LEU C 187 21.40 18.96 -15.95
CA LEU C 187 20.53 19.41 -17.03
C LEU C 187 20.77 18.60 -18.31
N THR C 188 22.04 18.33 -18.62
CA THR C 188 22.36 17.51 -19.78
C THR C 188 21.82 16.09 -19.62
N ASP C 189 21.98 15.52 -18.43
CA ASP C 189 21.48 14.17 -18.20
C ASP C 189 19.96 14.11 -18.25
N TYR C 190 19.27 15.19 -17.86
CA TYR C 190 17.81 15.21 -17.95
C TYR C 190 17.34 15.41 -19.38
N LEU C 191 18.06 16.22 -20.15
CA LEU C 191 17.75 16.35 -21.58
C LEU C 191 17.96 15.04 -22.31
N MET C 192 19.00 14.29 -21.94
CA MET C 192 19.28 12.98 -22.51
C MET C 192 18.24 11.94 -22.14
N LYS C 193 17.37 12.24 -21.17
CA LYS C 193 16.34 11.31 -20.74
C LYS C 193 14.99 11.71 -21.30
N ILE C 194 14.77 13.02 -21.47
CA ILE C 194 13.53 13.50 -22.07
C ILE C 194 13.60 13.56 -23.59
N LEU C 195 14.79 13.36 -24.17
CA LEU C 195 14.92 13.30 -25.62
C LEU C 195 14.47 11.95 -26.19
N THR C 196 14.28 10.94 -25.34
CA THR C 196 13.85 9.63 -25.79
C THR C 196 12.33 9.55 -25.99
N GLU C 197 11.60 10.62 -25.65
CA GLU C 197 10.16 10.66 -25.88
C GLU C 197 9.81 10.92 -27.34
N ARG C 198 10.78 11.32 -28.15
CA ARG C 198 10.56 11.55 -29.58
C ARG C 198 11.23 10.52 -30.46
N GLY C 199 12.06 9.65 -29.90
CA GLY C 199 12.74 8.60 -30.66
C GLY C 199 14.24 8.72 -30.69
N TYR C 200 14.83 9.79 -30.17
CA TYR C 200 16.28 9.96 -30.19
C TYR C 200 16.89 9.31 -28.96
N SER C 201 17.92 8.49 -29.17
CA SER C 201 18.56 7.72 -28.10
C SER C 201 20.05 8.02 -28.09
N PHE C 202 20.50 8.76 -27.09
CA PHE C 202 21.92 9.02 -26.86
C PHE C 202 22.30 8.35 -25.55
N VAL C 203 23.19 7.35 -25.63
CA VAL C 203 23.56 6.58 -24.45
C VAL C 203 25.06 6.62 -24.24
N THR C 204 25.80 6.90 -25.31
CA THR C 204 27.26 6.88 -25.25
C THR C 204 27.79 8.13 -24.53
N THR C 205 28.90 7.95 -23.82
CA THR C 205 29.59 9.09 -23.23
C THR C 205 30.11 10.05 -24.28
N ALA C 206 30.31 9.60 -25.52
CA ALA C 206 30.61 10.47 -26.64
C ALA C 206 29.37 11.14 -27.21
N GLU C 207 28.20 10.52 -27.06
CA GLU C 207 26.94 11.13 -27.46
C GLU C 207 26.39 12.08 -26.41
N ARG C 208 26.96 12.06 -25.21
CA ARG C 208 26.60 13.06 -24.19
C ARG C 208 26.99 14.46 -24.62
N GLU C 209 28.13 14.62 -25.30
CA GLU C 209 28.55 15.94 -25.76
C GLU C 209 27.60 16.50 -26.83
N ILE C 210 27.01 15.64 -27.66
CA ILE C 210 26.03 16.11 -28.63
C ILE C 210 24.81 16.67 -27.91
N VAL C 211 24.34 16.00 -26.86
CA VAL C 211 23.21 16.49 -26.09
C VAL C 211 23.58 17.78 -25.38
N ARG C 212 24.83 17.88 -24.91
CA ARG C 212 25.30 19.13 -24.30
C ARG C 212 25.26 20.28 -25.29
N ASP C 213 25.70 20.03 -26.53
CA ASP C 213 25.65 21.07 -27.56
C ASP C 213 24.21 21.45 -27.88
N ILE C 214 23.31 20.47 -27.96
CA ILE C 214 21.90 20.77 -28.20
C ILE C 214 21.35 21.65 -27.09
N LYS C 215 21.69 21.33 -25.83
CA LYS C 215 21.23 22.14 -24.71
C LYS C 215 21.79 23.56 -24.77
N GLU C 216 23.07 23.68 -25.13
CA GLU C 216 23.67 25.01 -25.22
C GLU C 216 23.16 25.82 -26.40
N LYS C 217 22.60 25.18 -27.42
CA LYS C 217 22.21 25.89 -28.64
C LYS C 217 20.71 26.08 -28.83
N LEU C 218 19.87 25.30 -28.15
CA LEU C 218 18.44 25.38 -28.41
C LEU C 218 17.56 25.52 -27.17
N CYS C 219 18.14 25.63 -25.97
CA CYS C 219 17.37 25.65 -24.74
C CYS C 219 17.29 27.06 -24.17
N TYR C 220 16.10 27.46 -23.74
CA TYR C 220 15.87 28.75 -23.09
C TYR C 220 14.99 28.55 -21.88
N VAL C 221 14.74 29.63 -21.15
CA VAL C 221 13.91 29.61 -19.95
C VAL C 221 12.64 30.40 -20.22
N ALA C 222 11.50 29.79 -19.92
CA ALA C 222 10.20 30.41 -20.15
C ALA C 222 9.81 31.30 -18.98
N LEU C 223 9.17 32.43 -19.30
CA LEU C 223 8.69 33.32 -18.24
C LEU C 223 7.55 32.69 -17.46
N ASP C 224 6.59 32.10 -18.16
CA ASP C 224 5.47 31.38 -17.54
C ASP C 224 5.47 29.97 -18.09
N PHE C 225 5.78 29.00 -17.23
CA PHE C 225 5.96 27.62 -17.69
C PHE C 225 4.65 27.04 -18.22
N GLU C 226 3.54 27.25 -17.51
CA GLU C 226 2.27 26.66 -17.92
C GLU C 226 1.77 27.29 -19.22
N ASN C 227 1.88 28.61 -19.35
CA ASN C 227 1.49 29.26 -20.60
C ASN C 227 2.38 28.84 -21.74
N GLU C 228 3.68 28.66 -21.49
CA GLU C 228 4.58 28.20 -22.53
C GLU C 228 4.23 26.80 -22.99
N MET C 229 3.89 25.91 -22.05
CA MET C 229 3.46 24.56 -22.42
C MET C 229 2.16 24.58 -23.21
N ALA C 230 1.22 25.44 -22.79
CA ALA C 230 -0.04 25.56 -23.54
C ALA C 230 0.20 26.07 -24.96
N THR C 231 1.14 27.00 -25.12
CA THR C 231 1.48 27.48 -26.46
C THR C 231 2.15 26.39 -27.30
N ALA C 232 3.08 25.65 -26.69
CA ALA C 232 3.77 24.59 -27.41
C ALA C 232 2.86 23.41 -27.75
N ALA C 233 1.75 23.25 -27.04
CA ALA C 233 0.79 22.20 -27.33
C ALA C 233 -0.31 22.67 -28.29
N SER C 234 -0.10 23.80 -28.96
CA SER C 234 -1.10 24.35 -29.86
C SER C 234 -0.55 24.84 -31.20
N SER C 235 0.76 24.77 -31.41
CA SER C 235 1.35 25.24 -32.66
C SER C 235 2.73 24.64 -32.80
N SER C 236 3.43 25.06 -33.85
CA SER C 236 4.79 24.61 -34.13
C SER C 236 5.77 25.78 -34.17
N SER C 237 5.43 26.87 -33.50
CA SER C 237 6.28 28.06 -33.50
C SER C 237 7.51 27.90 -32.62
N LEU C 238 7.47 26.99 -31.65
CA LEU C 238 8.59 26.79 -30.74
C LEU C 238 9.52 25.67 -31.18
N GLU C 239 9.18 24.93 -32.22
CA GLU C 239 10.01 23.82 -32.68
C GLU C 239 11.24 24.33 -33.41
N LYS C 240 12.37 23.64 -33.21
CA LYS C 240 13.62 23.98 -33.88
C LYS C 240 14.31 22.69 -34.32
N SER C 241 15.19 22.82 -35.30
CA SER C 241 15.88 21.69 -35.90
C SER C 241 17.37 21.78 -35.63
N TYR C 242 17.98 20.62 -35.34
CA TYR C 242 19.41 20.52 -35.10
C TYR C 242 19.93 19.31 -35.86
N GLU C 243 21.12 19.46 -36.44
CA GLU C 243 21.70 18.42 -37.30
C GLU C 243 22.80 17.69 -36.54
N LEU C 244 22.67 16.36 -36.48
CA LEU C 244 23.66 15.53 -35.81
C LEU C 244 24.94 15.47 -36.64
N PRO C 245 26.06 15.09 -36.02
CA PRO C 245 27.35 15.07 -36.75
C PRO C 245 27.38 14.12 -37.94
N ASP C 246 26.34 13.35 -38.20
CA ASP C 246 26.30 12.44 -39.33
C ASP C 246 25.25 12.80 -40.38
N GLY C 247 24.57 13.93 -40.21
CA GLY C 247 23.61 14.41 -41.19
C GLY C 247 22.16 14.26 -40.79
N GLN C 248 21.87 13.44 -39.78
CA GLN C 248 20.49 13.28 -39.35
C GLN C 248 19.98 14.56 -38.70
N VAL C 249 18.71 14.88 -38.96
CA VAL C 249 18.08 16.10 -38.46
C VAL C 249 17.11 15.72 -37.36
N ILE C 250 17.22 16.39 -36.21
CA ILE C 250 16.35 16.14 -35.06
C ILE C 250 15.59 17.42 -34.76
N THR C 251 14.33 17.27 -34.35
CA THR C 251 13.47 18.39 -34.04
C THR C 251 12.94 18.25 -32.62
N ILE C 252 13.04 19.32 -31.84
CA ILE C 252 12.61 19.33 -30.45
C ILE C 252 11.62 20.48 -30.25
N GLY C 253 10.62 20.25 -29.41
CA GLY C 253 9.59 21.24 -29.14
C GLY C 253 9.66 21.81 -27.75
N ASN C 254 8.79 21.34 -26.86
CA ASN C 254 8.77 21.83 -25.49
C ASN C 254 9.98 21.39 -24.67
N GLU C 255 10.79 20.46 -25.20
CA GLU C 255 12.02 20.07 -24.52
C GLU C 255 13.01 21.23 -24.44
N ARG C 256 12.84 22.26 -25.25
CA ARG C 256 13.73 23.41 -25.21
C ARG C 256 13.65 24.13 -23.86
N PHE C 257 12.43 24.34 -23.36
CA PHE C 257 12.24 25.03 -22.10
C PHE C 257 11.87 24.10 -20.95
N ARG C 258 11.66 22.81 -21.21
CA ARG C 258 11.41 21.88 -20.12
C ARG C 258 12.70 21.42 -19.45
N CYS C 259 13.85 21.56 -20.12
CA CYS C 259 15.12 21.15 -19.55
C CYS C 259 15.64 22.18 -18.54
N PRO C 260 15.70 23.48 -18.88
CA PRO C 260 16.17 24.46 -17.88
C PRO C 260 15.20 24.68 -16.74
N GLU C 261 13.94 24.26 -16.87
CA GLU C 261 12.96 24.49 -15.83
C GLU C 261 13.28 23.71 -14.56
N THR C 262 14.04 22.62 -14.65
CA THR C 262 14.35 21.84 -13.47
C THR C 262 15.21 22.61 -12.47
N LEU C 263 15.86 23.70 -12.90
CA LEU C 263 16.55 24.57 -11.96
C LEU C 263 15.58 25.23 -11.00
N PHE C 264 14.42 25.67 -11.49
CA PHE C 264 13.36 26.23 -10.66
C PHE C 264 12.46 25.16 -10.06
N GLN C 265 12.46 23.95 -10.62
CA GLN C 265 11.66 22.84 -10.11
C GLN C 265 12.53 21.60 -10.04
N PRO C 266 13.33 21.47 -8.97
CA PRO C 266 14.22 20.30 -8.85
C PRO C 266 13.48 18.98 -8.73
N SER C 267 12.17 19.00 -8.51
CA SER C 267 11.41 17.75 -8.43
C SER C 267 11.33 17.03 -9.76
N PHE C 268 11.72 17.69 -10.86
CA PHE C 268 11.69 17.04 -12.18
C PHE C 268 12.66 15.86 -12.23
N ILE C 269 13.84 16.01 -11.63
CA ILE C 269 14.83 14.94 -11.60
C ILE C 269 14.75 14.14 -10.30
N GLY C 270 13.69 14.33 -9.51
CA GLY C 270 13.55 13.59 -8.27
C GLY C 270 14.31 14.15 -7.09
N MET C 271 14.57 15.45 -7.06
CA MET C 271 15.23 16.08 -5.93
C MET C 271 14.21 16.81 -5.07
N GLU C 272 14.42 16.77 -3.75
CA GLU C 272 13.51 17.38 -2.79
C GLU C 272 13.83 18.85 -2.52
N SER C 273 14.96 19.37 -3.03
CA SER C 273 15.37 20.72 -2.72
C SER C 273 14.42 21.72 -3.38
N ALA C 274 14.64 23.00 -3.07
CA ALA C 274 13.86 24.09 -3.63
C ALA C 274 14.60 24.70 -4.83
N GLY C 275 13.87 25.49 -5.60
CA GLY C 275 14.43 26.12 -6.77
C GLY C 275 15.50 27.14 -6.43
N ILE C 276 16.17 27.63 -7.48
CA ILE C 276 17.24 28.60 -7.28
C ILE C 276 16.67 29.92 -6.75
N HIS C 277 15.48 30.31 -7.20
CA HIS C 277 14.87 31.55 -6.70
C HIS C 277 14.57 31.46 -5.21
N GLU C 278 13.99 30.34 -4.77
CA GLU C 278 13.69 30.18 -3.35
C GLU C 278 14.95 30.03 -2.52
N THR C 279 15.98 29.37 -3.08
CA THR C 279 17.26 29.29 -2.37
C THR C 279 17.87 30.67 -2.17
N THR C 280 17.84 31.51 -3.22
CA THR C 280 18.35 32.87 -3.08
C THR C 280 17.55 33.67 -2.07
N TYR C 281 16.21 33.54 -2.09
CA TYR C 281 15.39 34.27 -1.15
C TYR C 281 15.68 33.83 0.29
N ASN C 282 15.82 32.52 0.52
CA ASN C 282 16.13 32.03 1.85
C ASN C 282 17.51 32.50 2.31
N SER C 283 18.50 32.48 1.42
CA SER C 283 19.83 32.95 1.78
C SER C 283 19.80 34.43 2.14
N ILE C 284 19.03 35.23 1.39
CA ILE C 284 18.90 36.65 1.71
C ILE C 284 18.23 36.84 3.07
N MET C 285 17.14 36.09 3.32
CA MET C 285 16.41 36.23 4.57
C MET C 285 17.12 35.61 5.76
N LYS C 286 18.20 34.87 5.55
CA LYS C 286 19.02 34.37 6.64
C LYS C 286 20.04 35.38 7.12
N CYS C 287 20.06 36.57 6.53
CA CYS C 287 21.01 37.61 6.88
C CYS C 287 20.36 38.64 7.79
N ASP C 288 21.14 39.65 8.18
CA ASP C 288 20.63 40.71 9.04
C ASP C 288 19.59 41.56 8.31
N ILE C 289 18.68 42.16 9.08
CA ILE C 289 17.59 42.92 8.50
C ILE C 289 18.06 44.18 7.79
N ASP C 290 19.22 44.71 8.16
CA ASP C 290 19.74 45.92 7.51
C ASP C 290 20.40 45.61 6.17
N ILE C 291 20.75 44.34 5.92
CA ILE C 291 21.46 43.97 4.70
C ILE C 291 20.52 43.62 3.56
N ARG C 292 19.26 43.28 3.85
CA ARG C 292 18.38 42.72 2.84
C ARG C 292 18.04 43.73 1.75
N LYS C 293 17.89 45.00 2.10
CA LYS C 293 17.57 46.00 1.07
C LYS C 293 18.70 46.14 0.06
N ASP C 294 19.95 46.12 0.54
CA ASP C 294 21.09 46.22 -0.36
C ASP C 294 21.45 44.89 -1.01
N LEU C 295 20.90 43.77 -0.54
CA LEU C 295 21.11 42.50 -1.20
C LEU C 295 20.06 42.21 -2.26
N TYR C 296 18.83 42.73 -2.10
CA TYR C 296 17.79 42.52 -3.09
C TYR C 296 18.12 43.17 -4.43
N ALA C 297 18.95 44.20 -4.44
CA ALA C 297 19.26 44.94 -5.66
C ALA C 297 20.64 44.63 -6.20
N ASN C 298 21.30 43.60 -5.69
CA ASN C 298 22.64 43.22 -6.14
C ASN C 298 22.75 41.72 -6.34
N ASN C 299 21.76 41.13 -6.99
CA ASN C 299 21.80 39.71 -7.32
C ASN C 299 22.72 39.51 -8.51
N VAL C 300 23.96 39.13 -8.24
CA VAL C 300 24.96 38.88 -9.29
C VAL C 300 24.89 37.43 -9.69
N MET C 301 24.67 37.18 -10.98
CA MET C 301 24.62 35.83 -11.53
C MET C 301 25.91 35.52 -12.26
N SER C 302 26.51 34.38 -11.95
CA SER C 302 27.74 33.93 -12.59
C SER C 302 27.57 32.48 -13.04
N GLY C 303 28.62 31.94 -13.63
CA GLY C 303 28.61 30.56 -14.08
C GLY C 303 28.02 30.40 -15.47
N GLY C 304 28.36 29.27 -16.09
CA GLY C 304 27.88 29.01 -17.44
C GLY C 304 26.42 28.60 -17.52
N THR C 305 25.89 28.02 -16.45
CA THR C 305 24.49 27.59 -16.44
C THR C 305 23.52 28.77 -16.43
N THR C 306 23.98 29.98 -16.11
CA THR C 306 23.15 31.17 -16.11
C THR C 306 23.20 31.91 -17.45
N MET C 307 23.53 31.21 -18.53
CA MET C 307 23.61 31.80 -19.86
C MET C 307 22.35 31.55 -20.69
N TYR C 308 21.31 30.96 -20.12
CA TYR C 308 20.11 30.68 -20.88
C TYR C 308 19.41 31.98 -21.27
N PRO C 309 18.82 32.03 -22.46
CA PRO C 309 18.15 33.26 -22.91
C PRO C 309 16.82 33.50 -22.23
N GLY C 310 16.84 34.09 -21.03
CA GLY C 310 15.60 34.43 -20.36
C GLY C 310 15.55 34.05 -18.90
N ILE C 311 16.70 33.67 -18.33
CA ILE C 311 16.74 33.30 -16.92
C ILE C 311 16.70 34.52 -16.02
N ALA C 312 17.30 35.65 -16.46
CA ALA C 312 17.36 36.84 -15.61
C ALA C 312 15.99 37.49 -15.44
N ASP C 313 15.05 37.26 -16.35
CA ASP C 313 13.71 37.79 -16.21
C ASP C 313 12.84 36.89 -15.34
N ARG C 314 12.94 35.57 -15.53
CA ARG C 314 12.20 34.64 -14.68
C ARG C 314 12.64 34.77 -13.23
N MET C 315 13.94 34.88 -12.99
CA MET C 315 14.45 35.01 -11.63
C MET C 315 13.98 36.31 -10.99
N GLN C 316 14.02 37.41 -11.75
CA GLN C 316 13.53 38.68 -11.23
C GLN C 316 12.05 38.60 -10.89
N LYS C 317 11.26 37.97 -11.75
CA LYS C 317 9.82 37.82 -11.47
C LYS C 317 9.59 37.02 -10.20
N GLU C 318 10.29 35.89 -10.05
CA GLU C 318 10.08 35.06 -8.87
C GLU C 318 10.51 35.75 -7.59
N ILE C 319 11.68 36.42 -7.61
CA ILE C 319 12.14 37.09 -6.40
C ILE C 319 11.25 38.30 -6.09
N THR C 320 10.73 38.98 -7.11
CA THR C 320 9.79 40.06 -6.88
C THR C 320 8.49 39.55 -6.25
N ALA C 321 8.01 38.39 -6.69
CA ALA C 321 6.84 37.79 -6.08
C ALA C 321 7.10 37.33 -4.65
N LEU C 322 8.31 36.88 -4.35
CA LEU C 322 8.64 36.42 -3.01
C LEU C 322 8.92 37.56 -2.03
N ALA C 323 9.47 38.66 -2.49
CA ALA C 323 9.92 39.78 -1.67
C ALA C 323 8.79 40.76 -1.41
N PRO C 324 8.92 41.60 -0.39
CA PRO C 324 7.91 42.65 -0.15
C PRO C 324 7.82 43.62 -1.32
N SER C 325 6.62 44.16 -1.53
CA SER C 325 6.32 45.00 -2.69
C SER C 325 6.92 46.41 -2.58
N THR C 326 7.77 46.67 -1.59
CA THR C 326 8.41 47.97 -1.45
C THR C 326 9.90 47.93 -1.70
N MET C 327 10.47 46.75 -1.96
CA MET C 327 11.88 46.61 -2.29
C MET C 327 12.06 46.53 -3.80
N LYS C 328 13.21 46.99 -4.27
CA LYS C 328 13.54 46.97 -5.69
C LYS C 328 14.46 45.79 -5.95
N ILE C 329 13.98 44.85 -6.77
CA ILE C 329 14.76 43.67 -7.13
C ILE C 329 15.46 43.91 -8.45
N LYS C 330 16.79 43.76 -8.45
CA LYS C 330 17.61 44.00 -9.63
C LYS C 330 18.57 42.85 -9.80
N ILE C 331 18.46 42.14 -10.91
CA ILE C 331 19.34 41.02 -11.23
C ILE C 331 20.42 41.51 -12.18
N ILE C 332 21.68 41.37 -11.78
CA ILE C 332 22.82 41.81 -12.57
C ILE C 332 23.40 40.59 -13.27
N ALA C 333 23.21 40.51 -14.58
CA ALA C 333 23.73 39.42 -15.41
C ALA C 333 24.66 40.01 -16.45
N PRO C 334 25.96 40.10 -16.16
CA PRO C 334 26.89 40.66 -17.14
C PRO C 334 26.95 39.80 -18.38
N PRO C 335 27.21 40.40 -19.54
CA PRO C 335 27.30 39.61 -20.77
C PRO C 335 28.43 38.60 -20.77
N GLU C 336 29.44 38.77 -19.92
CA GLU C 336 30.62 37.91 -19.88
C GLU C 336 30.67 37.06 -18.62
N ARG C 337 29.52 36.74 -18.03
CA ARG C 337 29.49 36.04 -16.76
C ARG C 337 30.04 34.62 -16.84
N LYS C 338 30.25 34.08 -18.04
CA LYS C 338 30.86 32.76 -18.17
C LYS C 338 32.32 32.75 -17.71
N TYR C 339 32.99 33.90 -17.69
CA TYR C 339 34.38 34.00 -17.28
C TYR C 339 34.55 34.93 -16.08
N SER C 340 33.46 35.25 -15.38
CA SER C 340 33.53 36.20 -14.28
C SER C 340 34.41 35.67 -13.15
N VAL C 341 34.33 34.38 -12.85
CA VAL C 341 35.15 33.81 -11.79
C VAL C 341 36.63 33.98 -12.10
N TRP C 342 37.02 33.67 -13.34
CA TRP C 342 38.43 33.81 -13.71
C TRP C 342 38.86 35.27 -13.72
N ILE C 343 38.00 36.17 -14.20
CA ILE C 343 38.36 37.59 -14.23
C ILE C 343 38.57 38.10 -12.80
N GLY C 344 37.68 37.73 -11.88
CA GLY C 344 37.86 38.13 -10.50
C GLY C 344 39.09 37.53 -9.86
N GLY C 345 39.39 36.27 -10.20
CA GLY C 345 40.61 35.66 -9.70
C GLY C 345 41.85 36.37 -10.19
N SER C 346 41.87 36.76 -11.46
CA SER C 346 42.99 37.52 -12.00
C SER C 346 43.13 38.87 -11.30
N ILE C 347 42.01 39.56 -11.09
CA ILE C 347 42.05 40.85 -10.40
C ILE C 347 42.59 40.68 -8.99
N LEU C 348 42.11 39.67 -8.28
CA LEU C 348 42.57 39.43 -6.91
C LEU C 348 44.05 39.08 -6.87
N ALA C 349 44.51 38.25 -7.80
CA ALA C 349 45.92 37.87 -7.83
C ALA C 349 46.82 39.01 -8.27
N SER C 350 46.27 40.00 -8.98
CA SER C 350 47.05 41.15 -9.40
C SER C 350 47.14 42.24 -8.34
N LEU C 351 46.47 42.06 -7.21
CA LEU C 351 46.49 43.07 -6.15
C LEU C 351 47.83 43.05 -5.43
N SER C 352 48.31 44.24 -5.06
CA SER C 352 49.57 44.34 -4.33
C SER C 352 49.43 43.89 -2.88
N THR C 353 48.28 44.14 -2.26
CA THR C 353 48.06 43.72 -0.88
C THR C 353 47.80 42.22 -0.76
N PHE C 354 47.52 41.54 -1.87
CA PHE C 354 47.31 40.10 -1.86
C PHE C 354 48.60 39.31 -1.72
N GLN C 355 49.75 39.92 -2.03
CA GLN C 355 51.01 39.19 -2.08
C GLN C 355 51.47 38.68 -0.72
N GLN C 356 50.89 39.16 0.37
CA GLN C 356 51.24 38.70 1.70
C GLN C 356 50.42 37.50 2.15
N MET C 357 49.46 37.07 1.36
CA MET C 357 48.59 35.96 1.72
C MET C 357 48.87 34.69 0.92
N TRP C 358 49.93 34.66 0.12
CA TRP C 358 50.33 33.43 -0.55
C TRP C 358 50.81 32.41 0.47
N ILE C 359 50.52 31.14 0.21
CA ILE C 359 51.03 30.03 1.01
C ILE C 359 52.38 29.65 0.41
N THR C 360 53.46 30.09 1.05
CA THR C 360 54.79 29.88 0.51
C THR C 360 55.25 28.44 0.76
N LYS C 361 56.36 28.08 0.10
CA LYS C 361 56.91 26.74 0.25
C LYS C 361 57.39 26.49 1.67
N GLN C 362 58.00 27.51 2.30
CA GLN C 362 58.49 27.36 3.66
C GLN C 362 57.34 27.09 4.63
N GLU C 363 56.22 27.80 4.47
CA GLU C 363 55.07 27.57 5.34
C GLU C 363 54.54 26.15 5.20
N TYR C 364 54.44 25.66 3.97
CA TYR C 364 53.98 24.29 3.76
C TYR C 364 54.94 23.28 4.36
N ASP C 365 56.24 23.50 4.18
CA ASP C 365 57.23 22.59 4.77
C ASP C 365 57.14 22.59 6.29
N GLU C 366 56.87 23.75 6.88
CA GLU C 366 56.81 23.84 8.34
C GLU C 366 55.54 23.18 8.88
N ALA C 367 54.39 23.46 8.27
CA ALA C 367 53.10 23.12 8.88
C ALA C 367 52.36 21.98 8.19
N GLY C 368 52.96 21.31 7.20
CA GLY C 368 52.30 20.22 6.54
C GLY C 368 51.17 20.68 5.64
N PRO C 369 50.36 19.74 5.15
CA PRO C 369 49.25 20.10 4.26
C PRO C 369 48.11 20.83 4.95
N SER C 370 48.12 20.92 6.27
CA SER C 370 47.03 21.55 7.02
C SER C 370 47.16 23.07 7.11
N ILE C 371 48.22 23.64 6.55
CA ILE C 371 48.38 25.10 6.57
C ILE C 371 47.28 25.79 5.79
N VAL C 372 46.71 25.11 4.79
CA VAL C 372 45.75 25.74 3.91
C VAL C 372 44.44 26.06 4.63
N HIS C 373 44.07 25.25 5.62
CA HIS C 373 42.82 25.48 6.34
C HIS C 373 42.84 26.83 7.08
N ARG C 374 43.99 27.18 7.66
CA ARG C 374 44.10 28.45 8.36
C ARG C 374 44.58 29.59 7.48
N LYS C 375 45.19 29.29 6.33
CA LYS C 375 45.63 30.37 5.45
C LYS C 375 44.54 30.81 4.47
N CYS C 376 43.58 29.94 4.16
CA CYS C 376 42.53 30.24 3.21
C CYS C 376 41.18 30.29 3.91
N PHE C 377 40.43 31.37 3.68
CA PHE C 377 39.11 31.56 4.26
C PHE C 377 39.12 31.46 5.78
N LEU D 1 -58.99 8.90 33.98
CA LEU D 1 -58.41 8.24 35.15
C LEU D 1 -59.47 7.40 35.87
N GLN D 2 -59.31 6.07 35.81
CA GLN D 2 -60.21 5.16 36.49
C GLN D 2 -59.41 4.03 37.10
N LYS D 3 -60.09 2.98 37.57
CA LYS D 3 -59.43 1.91 38.31
C LYS D 3 -59.78 0.57 37.68
N GLY D 4 -58.77 -0.30 37.59
CA GLY D 4 -58.93 -1.57 36.91
C GLY D 4 -58.74 -1.51 35.42
N ASP D 5 -58.33 -0.37 34.87
CA ASP D 5 -58.13 -0.23 33.44
C ASP D 5 -56.85 -0.91 32.99
N TYR D 6 -56.74 -1.12 31.69
CA TYR D 6 -55.50 -1.58 31.09
C TYR D 6 -54.79 -0.33 30.55
N VAL D 7 -53.56 -0.10 30.98
CA VAL D 7 -52.82 1.10 30.62
C VAL D 7 -51.40 0.71 30.26
N TRP D 8 -50.87 1.31 29.20
CA TRP D 8 -49.52 1.00 28.73
C TRP D 8 -48.51 1.61 29.69
N MET D 9 -47.95 0.80 30.59
CA MET D 9 -46.99 1.30 31.56
C MET D 9 -45.58 1.14 31.02
N ASP D 10 -44.85 2.25 30.94
CA ASP D 10 -43.57 2.29 30.22
C ASP D 10 -42.41 2.31 31.22
N LEU D 11 -41.82 1.15 31.49
CA LEU D 11 -40.63 1.08 32.32
C LEU D 11 -39.44 1.76 31.64
N LYS D 12 -38.58 2.35 32.46
CA LYS D 12 -37.37 2.99 31.98
C LYS D 12 -36.15 2.07 32.09
N SER D 13 -36.36 0.75 32.04
CA SER D 13 -35.27 -0.20 32.11
C SER D 13 -34.28 0.01 30.96
N GLY D 14 -32.99 -0.16 31.27
CA GLY D 14 -31.93 0.13 30.32
C GLY D 14 -31.66 -0.93 29.29
N GLN D 15 -32.38 -2.06 29.33
CA GLN D 15 -32.16 -3.11 28.34
C GLN D 15 -32.50 -2.61 26.94
N GLU D 16 -31.75 -3.08 25.96
CA GLU D 16 -31.89 -2.60 24.59
C GLU D 16 -33.28 -2.89 24.05
N PHE D 17 -33.79 -4.10 24.29
CA PHE D 17 -35.08 -4.53 23.73
C PHE D 17 -36.14 -4.38 24.81
N ASP D 18 -36.57 -3.14 25.02
CA ASP D 18 -37.59 -2.82 26.02
C ASP D 18 -38.72 -2.05 25.36
N VAL D 19 -39.94 -2.50 25.61
CA VAL D 19 -41.16 -1.85 25.12
C VAL D 19 -42.16 -1.79 26.26
N PRO D 20 -43.16 -0.91 26.17
CA PRO D 20 -44.19 -0.84 27.21
C PRO D 20 -44.83 -2.20 27.44
N ILE D 21 -45.05 -2.53 28.71
CA ILE D 21 -45.73 -3.75 29.10
C ILE D 21 -47.23 -3.55 29.21
N GLY D 22 -47.67 -2.47 29.84
CA GLY D 22 -49.06 -2.35 30.20
C GLY D 22 -49.41 -3.25 31.35
N ALA D 23 -50.40 -2.86 32.16
CA ALA D 23 -50.86 -3.69 33.27
C ALA D 23 -52.23 -3.20 33.68
N VAL D 24 -52.96 -4.05 34.40
CA VAL D 24 -54.27 -3.69 34.90
C VAL D 24 -54.09 -2.77 36.11
N VAL D 25 -55.01 -1.82 36.29
CA VAL D 25 -54.90 -0.87 37.39
C VAL D 25 -55.42 -1.50 38.68
N LYS D 26 -54.74 -1.20 39.79
CA LYS D 26 -55.10 -1.74 41.10
C LYS D 26 -55.22 -0.62 42.12
N LEU D 27 -55.97 -0.87 43.19
CA LEU D 27 -56.16 0.03 44.34
C LEU D 27 -56.53 1.43 43.82
N CYS D 28 -56.14 2.51 44.50
CA CYS D 28 -56.50 3.85 44.02
C CYS D 28 -55.36 4.87 44.15
N ASP D 29 -54.43 4.65 45.08
CA ASP D 29 -53.47 5.69 45.44
C ASP D 29 -52.40 5.85 44.37
N SER D 30 -52.11 7.10 44.02
CA SER D 30 -51.09 7.48 43.03
C SER D 30 -51.37 6.73 41.73
N GLY D 31 -50.37 6.10 41.10
CA GLY D 31 -50.57 5.35 39.87
C GLY D 31 -51.06 3.94 40.16
N GLN D 32 -50.28 3.18 40.92
CA GLN D 32 -50.76 1.93 41.52
C GLN D 32 -51.33 0.97 40.46
N ILE D 33 -50.68 0.86 39.30
CA ILE D 33 -51.21 -0.04 38.30
C ILE D 33 -51.13 -1.48 38.79
N GLN D 34 -49.90 -2.00 38.93
CA GLN D 34 -49.60 -3.36 39.40
C GLN D 34 -50.58 -4.43 38.96
N ALA D 35 -51.01 -5.26 39.93
CA ALA D 35 -51.81 -6.44 39.66
C ALA D 35 -51.25 -7.21 38.46
N VAL D 36 -50.02 -7.68 38.61
CA VAL D 36 -49.14 -8.35 37.64
C VAL D 36 -48.91 -7.41 36.45
N ASP D 37 -47.64 -7.19 36.09
CA ASP D 37 -47.38 -6.46 34.85
C ASP D 37 -47.97 -7.23 33.67
N ASP D 38 -47.43 -8.42 33.42
CA ASP D 38 -48.18 -9.46 32.73
C ASP D 38 -47.93 -10.81 33.41
N GLU D 39 -46.95 -10.88 34.31
CA GLU D 39 -46.70 -12.15 34.98
C GLU D 39 -46.89 -12.08 36.50
N ASP D 40 -46.06 -11.32 37.22
CA ASP D 40 -46.27 -11.15 38.66
C ASP D 40 -45.78 -9.84 39.24
N ASN D 41 -45.24 -8.94 38.41
CA ASN D 41 -44.45 -7.83 38.93
C ASN D 41 -45.32 -6.77 39.60
N GLU D 42 -44.71 -6.03 40.52
CA GLU D 42 -45.35 -4.92 41.22
C GLU D 42 -44.69 -3.59 40.83
N HIS D 43 -45.51 -2.55 40.74
CA HIS D 43 -45.02 -1.20 40.44
C HIS D 43 -45.84 -0.20 41.27
N TRP D 44 -45.25 0.24 42.39
CA TRP D 44 -45.79 1.31 43.22
C TRP D 44 -45.65 2.67 42.55
N ILE D 45 -46.44 2.88 41.49
CA ILE D 45 -46.27 4.08 40.66
C ILE D 45 -46.76 5.32 41.40
N SER D 46 -45.93 6.36 41.38
CA SER D 46 -46.22 7.64 42.02
C SER D 46 -46.97 8.56 41.05
N PRO D 47 -47.56 9.65 41.56
CA PRO D 47 -48.18 10.62 40.63
C PRO D 47 -47.18 11.36 39.77
N GLN D 48 -45.96 11.57 40.25
CA GLN D 48 -44.97 12.31 39.48
C GLN D 48 -44.59 11.58 38.20
N ASN D 49 -44.42 10.26 38.28
CA ASN D 49 -44.11 9.45 37.12
C ASN D 49 -45.34 8.80 36.49
N ALA D 50 -46.50 9.45 36.62
CA ALA D 50 -47.71 8.94 35.97
C ALA D 50 -47.66 9.11 34.47
N THR D 51 -46.71 9.88 33.94
CA THR D 51 -46.56 10.00 32.49
C THR D 51 -46.21 8.67 31.85
N HIS D 52 -45.66 7.74 32.62
CA HIS D 52 -45.38 6.39 32.12
C HIS D 52 -46.67 5.64 31.81
N ILE D 53 -47.82 6.18 32.17
CA ILE D 53 -49.10 5.50 32.02
C ILE D 53 -49.85 6.10 30.85
N LYS D 54 -50.20 5.25 29.88
CA LYS D 54 -50.98 5.65 28.72
C LYS D 54 -52.18 4.70 28.59
N PRO D 55 -53.40 5.22 28.48
CA PRO D 55 -54.57 4.32 28.40
C PRO D 55 -54.52 3.46 27.15
N MET D 56 -54.99 2.22 27.29
CA MET D 56 -54.84 1.19 26.27
C MET D 56 -56.09 1.03 25.42
N HIS D 57 -55.88 0.85 24.12
CA HIS D 57 -56.97 0.76 23.17
C HIS D 57 -57.67 -0.59 23.25
N PRO D 58 -59.01 -0.59 23.14
CA PRO D 58 -59.77 -1.85 23.28
C PRO D 58 -59.36 -2.95 22.32
N THR D 59 -59.01 -2.59 21.08
CA THR D 59 -58.53 -3.59 20.14
C THR D 59 -57.24 -4.23 20.63
N SER D 60 -56.37 -3.45 21.28
CA SER D 60 -55.17 -4.02 21.87
C SER D 60 -55.50 -4.80 23.13
N VAL D 61 -56.59 -4.42 23.81
CA VAL D 61 -56.95 -5.03 25.10
C VAL D 61 -57.19 -6.52 24.94
N HIS D 62 -57.96 -6.91 23.92
CA HIS D 62 -58.26 -8.32 23.67
C HIS D 62 -57.50 -8.74 22.43
N GLY D 63 -56.81 -9.88 22.52
CA GLY D 63 -55.97 -10.35 21.43
C GLY D 63 -56.71 -10.50 20.11
N VAL D 64 -56.15 -9.91 19.06
CA VAL D 64 -56.78 -9.91 17.73
C VAL D 64 -55.89 -10.72 16.80
N GLU D 65 -56.52 -11.60 16.01
CA GLU D 65 -55.77 -12.47 15.11
C GLU D 65 -55.00 -11.67 14.08
N ASP D 66 -55.62 -10.64 13.52
CA ASP D 66 -55.00 -9.80 12.49
C ASP D 66 -54.36 -8.61 13.17
N MET D 67 -53.02 -8.65 13.29
CA MET D 67 -52.29 -7.54 13.88
C MET D 67 -52.36 -6.27 13.06
N ILE D 68 -52.74 -6.37 11.78
CA ILE D 68 -52.86 -5.17 10.94
C ILE D 68 -53.93 -4.23 11.48
N ARG D 69 -55.04 -4.78 11.98
CA ARG D 69 -56.12 -3.98 12.51
C ARG D 69 -55.96 -3.65 13.99
N LEU D 70 -54.82 -3.99 14.59
CA LEU D 70 -54.57 -3.69 15.98
C LEU D 70 -54.62 -2.18 16.23
N GLY D 71 -55.20 -1.79 17.35
CA GLY D 71 -55.34 -0.39 17.69
C GLY D 71 -54.01 0.32 17.85
N ASP D 72 -53.17 -0.16 18.77
CA ASP D 72 -51.84 0.40 18.98
C ASP D 72 -50.86 -0.36 18.10
N LEU D 73 -50.60 0.17 16.91
CA LEU D 73 -49.69 -0.47 15.96
C LEU D 73 -48.24 -0.11 16.32
N ASN D 74 -47.76 -0.78 17.37
CA ASN D 74 -46.40 -0.61 17.85
C ASN D 74 -45.84 -1.96 18.28
N GLU D 75 -44.52 -1.99 18.49
CA GLU D 75 -43.87 -3.23 18.90
C GLU D 75 -44.46 -3.77 20.21
N ALA D 76 -44.77 -2.87 21.14
CA ALA D 76 -45.37 -3.29 22.41
C ALA D 76 -46.71 -3.98 22.19
N GLY D 77 -47.54 -3.42 21.31
CA GLY D 77 -48.82 -4.04 21.02
C GLY D 77 -48.67 -5.40 20.36
N ILE D 78 -47.75 -5.48 19.39
CA ILE D 78 -47.54 -6.74 18.67
C ILE D 78 -46.92 -7.79 19.58
N LEU D 79 -45.96 -7.37 20.41
CA LEU D 79 -45.38 -8.30 21.38
C LEU D 79 -46.45 -8.84 22.31
N ARG D 80 -47.32 -7.96 22.80
CA ARG D 80 -48.36 -8.36 23.74
C ARG D 80 -49.34 -9.34 23.10
N ASN D 81 -49.75 -9.08 21.86
CA ASN D 81 -50.77 -9.91 21.22
C ASN D 81 -50.30 -11.37 21.14
N LEU D 82 -49.01 -11.56 20.87
CA LEU D 82 -48.43 -12.90 20.91
C LEU D 82 -48.55 -13.50 22.31
N LEU D 83 -48.51 -12.66 23.34
CA LEU D 83 -48.37 -13.16 24.71
C LEU D 83 -49.66 -13.78 25.22
N ILE D 84 -50.80 -13.12 25.01
CA ILE D 84 -52.07 -13.72 25.43
C ILE D 84 -52.37 -14.97 24.63
N ARG D 85 -52.13 -14.92 23.32
CA ARG D 85 -52.40 -16.11 22.51
C ARG D 85 -51.48 -17.27 22.92
N TYR D 86 -50.23 -16.97 23.25
CA TYR D 86 -49.33 -18.04 23.66
C TYR D 86 -49.71 -18.60 25.02
N ARG D 87 -50.14 -17.74 25.97
CA ARG D 87 -50.53 -18.26 27.28
C ARG D 87 -51.80 -19.09 27.17
N ASP D 88 -52.57 -18.89 26.11
CA ASP D 88 -53.82 -19.61 25.89
C ASP D 88 -53.66 -20.79 24.92
N HIS D 89 -52.42 -21.24 24.69
CA HIS D 89 -52.07 -22.35 23.80
C HIS D 89 -52.31 -22.03 22.33
N LEU D 90 -52.52 -20.77 21.98
CA LEU D 90 -52.63 -20.35 20.59
C LEU D 90 -51.24 -19.93 20.11
N ILE D 91 -50.66 -20.68 19.19
CA ILE D 91 -49.31 -20.44 18.73
C ILE D 91 -49.27 -20.00 17.27
N TYR D 92 -50.33 -19.35 16.80
CA TYR D 92 -50.41 -18.87 15.42
C TYR D 92 -51.08 -17.51 15.40
N THR D 93 -50.64 -16.64 14.48
CA THR D 93 -51.17 -15.29 14.38
C THR D 93 -50.86 -14.75 12.99
N TYR D 94 -51.74 -13.89 12.49
CA TYR D 94 -51.58 -13.27 11.19
C TYR D 94 -51.14 -11.81 11.32
N THR D 95 -50.48 -11.33 10.26
CA THR D 95 -50.07 -9.94 10.15
C THR D 95 -50.46 -9.45 8.75
N GLY D 96 -51.68 -9.78 8.34
CA GLY D 96 -52.18 -9.44 7.02
C GLY D 96 -51.96 -10.56 6.02
N SER D 97 -50.69 -10.86 5.73
CA SER D 97 -50.38 -12.00 4.87
C SER D 97 -49.21 -12.82 5.41
N ILE D 98 -48.78 -12.59 6.65
CA ILE D 98 -47.64 -13.28 7.23
C ILE D 98 -48.11 -14.01 8.47
N LEU D 99 -47.88 -15.33 8.51
CA LEU D 99 -48.18 -16.12 9.69
C LEU D 99 -47.04 -16.01 10.68
N VAL D 100 -47.38 -15.90 11.96
CA VAL D 100 -46.40 -15.88 13.04
C VAL D 100 -46.66 -17.08 13.92
N ALA D 101 -45.71 -18.01 13.96
CA ALA D 101 -45.82 -19.22 14.76
C ALA D 101 -44.80 -19.20 15.88
N VAL D 102 -45.25 -19.55 17.08
CA VAL D 102 -44.39 -19.62 18.25
C VAL D 102 -44.19 -21.08 18.62
N ASN D 103 -42.94 -21.49 18.72
CA ASN D 103 -42.61 -22.88 19.01
C ASN D 103 -43.10 -23.25 20.40
N PRO D 104 -44.01 -24.22 20.54
CA PRO D 104 -44.58 -24.51 21.86
C PRO D 104 -43.67 -25.29 22.79
N TYR D 105 -42.65 -25.97 22.27
CA TYR D 105 -41.82 -26.87 23.07
C TYR D 105 -42.66 -27.94 23.75
N GLN D 106 -43.74 -28.34 23.10
CA GLN D 106 -44.72 -29.26 23.66
C GLN D 106 -45.53 -29.83 22.50
N LEU D 107 -46.05 -31.04 22.70
CA LEU D 107 -46.83 -31.73 21.66
C LEU D 107 -48.30 -31.38 21.87
N LEU D 108 -48.74 -30.31 21.20
CA LEU D 108 -50.13 -29.90 21.26
C LEU D 108 -50.94 -30.63 20.20
N SER D 109 -52.27 -30.54 20.34
CA SER D 109 -53.21 -31.33 19.54
C SER D 109 -53.93 -30.50 18.48
N ILE D 110 -53.38 -29.35 18.10
CA ILE D 110 -54.01 -28.54 17.05
C ILE D 110 -53.91 -29.24 15.69
N TYR D 111 -53.08 -30.27 15.58
CA TYR D 111 -52.83 -30.95 14.32
C TYR D 111 -53.49 -32.33 14.36
N SER D 112 -54.39 -32.59 13.41
CA SER D 112 -55.13 -33.84 13.38
C SER D 112 -55.73 -34.01 11.99
N PRO D 113 -56.11 -35.24 11.61
CA PRO D 113 -56.81 -35.42 10.33
C PRO D 113 -58.10 -34.62 10.25
N GLU D 114 -58.80 -34.45 11.37
CA GLU D 114 -59.96 -33.58 11.38
C GLU D 114 -59.58 -32.15 11.05
N HIS D 115 -58.46 -31.67 11.60
CA HIS D 115 -57.99 -30.32 11.32
C HIS D 115 -57.63 -30.14 9.85
N ILE D 116 -57.20 -31.22 9.19
CA ILE D 116 -56.94 -31.17 7.76
C ILE D 116 -58.21 -30.82 7.01
N ARG D 117 -59.24 -31.66 7.14
CA ARG D 117 -60.49 -31.44 6.41
C ARG D 117 -61.21 -30.20 6.91
N GLN D 118 -61.06 -29.86 8.18
CA GLN D 118 -61.71 -28.67 8.72
C GLN D 118 -61.17 -27.40 8.06
N TYR D 119 -59.85 -27.35 7.85
CA TYR D 119 -59.23 -26.19 7.22
C TYR D 119 -59.23 -26.28 5.70
N THR D 120 -59.71 -27.38 5.13
CA THR D 120 -59.68 -27.55 3.67
C THR D 120 -60.59 -26.54 2.99
N ASN D 121 -60.08 -25.93 1.92
CA ASN D 121 -60.84 -24.97 1.11
C ASN D 121 -61.35 -23.82 1.98
N LYS D 122 -60.47 -23.27 2.81
CA LYS D 122 -60.79 -22.17 3.70
C LYS D 122 -59.82 -21.03 3.45
N LYS D 123 -60.36 -19.85 3.14
CA LYS D 123 -59.52 -18.69 2.87
C LYS D 123 -58.95 -18.12 4.17
N ILE D 124 -57.93 -17.26 4.02
CA ILE D 124 -57.33 -16.61 5.17
C ILE D 124 -58.38 -15.74 5.85
N GLY D 125 -58.58 -15.97 7.15
CA GLY D 125 -59.57 -15.27 7.93
C GLY D 125 -60.85 -16.04 8.14
N GLU D 126 -61.11 -17.06 7.32
CA GLU D 126 -62.31 -17.88 7.50
C GLU D 126 -62.22 -18.68 8.80
N MET D 127 -61.02 -19.00 9.24
CA MET D 127 -60.77 -19.80 10.43
C MET D 127 -59.62 -19.20 11.21
N PRO D 128 -59.41 -19.65 12.45
CA PRO D 128 -58.25 -19.19 13.22
C PRO D 128 -56.95 -19.51 12.50
N PRO D 129 -55.89 -18.75 12.80
CA PRO D 129 -54.62 -18.96 12.09
C PRO D 129 -54.08 -20.37 12.28
N HIS D 130 -53.46 -20.90 11.23
CA HIS D 130 -52.95 -22.26 11.23
C HIS D 130 -51.94 -22.39 10.09
N ILE D 131 -50.92 -23.23 10.32
CA ILE D 131 -49.97 -23.53 9.26
C ILE D 131 -50.67 -24.23 8.09
N PHE D 132 -51.81 -24.88 8.35
CA PHE D 132 -52.58 -25.50 7.28
C PHE D 132 -53.17 -24.44 6.35
N ALA D 133 -53.61 -23.32 6.92
CA ALA D 133 -54.28 -22.29 6.12
C ALA D 133 -53.34 -21.71 5.06
N ILE D 134 -52.08 -21.47 5.43
CA ILE D 134 -51.11 -21.01 4.44
C ILE D 134 -50.94 -22.06 3.35
N ALA D 135 -50.88 -23.33 3.73
CA ALA D 135 -50.73 -24.40 2.75
C ALA D 135 -51.95 -24.50 1.85
N ASP D 136 -53.16 -24.38 2.43
CA ASP D 136 -54.38 -24.54 1.65
C ASP D 136 -54.51 -23.43 0.61
N ASN D 137 -54.40 -22.18 1.03
CA ASN D 137 -54.49 -21.07 0.09
C ASN D 137 -53.39 -21.14 -0.96
N CYS D 138 -52.21 -21.60 -0.56
CA CYS D 138 -51.13 -21.78 -1.52
C CYS D 138 -51.49 -22.84 -2.55
N TYR D 139 -52.12 -23.94 -2.10
CA TYR D 139 -52.60 -24.95 -3.03
C TYR D 139 -53.76 -24.44 -3.87
N PHE D 140 -54.69 -23.70 -3.26
CA PHE D 140 -55.86 -23.24 -4.00
C PHE D 140 -55.49 -22.19 -5.04
N ASN D 141 -54.71 -21.18 -4.65
CA ASN D 141 -54.30 -20.15 -5.60
C ASN D 141 -53.51 -20.75 -6.75
N MET D 142 -52.70 -21.77 -6.46
CA MET D 142 -51.96 -22.53 -7.46
C MET D 142 -52.80 -22.88 -8.68
N LYS D 143 -53.84 -23.69 -8.48
CA LYS D 143 -54.68 -24.09 -9.61
C LYS D 143 -55.63 -22.99 -10.04
N ARG D 144 -55.91 -22.03 -9.16
CA ARG D 144 -56.84 -20.96 -9.50
C ARG D 144 -56.28 -20.05 -10.58
N ASN D 145 -54.99 -19.69 -10.48
CA ASN D 145 -54.37 -18.79 -11.44
C ASN D 145 -53.33 -19.47 -12.32
N ASN D 146 -53.15 -20.78 -12.19
CA ASN D 146 -52.17 -21.53 -13.00
C ASN D 146 -50.78 -20.93 -12.89
N ARG D 147 -50.38 -20.59 -11.66
CA ARG D 147 -49.09 -19.99 -11.38
C ARG D 147 -48.41 -20.75 -10.26
N ASP D 148 -47.10 -20.98 -10.41
CA ASP D 148 -46.33 -21.63 -9.37
C ASP D 148 -46.25 -20.75 -8.13
N GLN D 149 -46.39 -21.36 -6.96
CA GLN D 149 -46.37 -20.66 -5.69
C GLN D 149 -45.15 -21.11 -4.88
N CYS D 150 -44.76 -20.29 -3.90
CA CYS D 150 -43.63 -20.59 -3.05
C CYS D 150 -43.94 -20.18 -1.63
N CYS D 151 -43.47 -20.99 -0.67
CA CYS D 151 -43.60 -20.70 0.75
C CYS D 151 -42.22 -20.54 1.36
N ILE D 152 -42.02 -19.45 2.09
CA ILE D 152 -40.73 -19.10 2.68
C ILE D 152 -40.88 -19.20 4.19
N ILE D 153 -40.15 -20.14 4.80
CA ILE D 153 -40.14 -20.32 6.24
C ILE D 153 -38.77 -19.87 6.75
N SER D 154 -38.77 -18.90 7.66
CA SER D 154 -37.54 -18.36 8.17
C SER D 154 -37.73 -17.91 9.62
N GLY D 155 -36.62 -17.84 10.34
CA GLY D 155 -36.67 -17.43 11.73
C GLY D 155 -35.38 -17.80 12.43
N GLU D 156 -35.38 -17.58 13.73
CA GLU D 156 -34.24 -17.95 14.56
C GLU D 156 -34.12 -19.47 14.62
N SER D 157 -32.88 -19.94 14.76
CA SER D 157 -32.63 -21.38 14.85
C SER D 157 -33.37 -21.98 16.04
N GLY D 158 -34.04 -23.10 15.80
CA GLY D 158 -34.81 -23.76 16.84
C GLY D 158 -36.17 -23.15 17.11
N ALA D 159 -36.73 -22.41 16.16
CA ALA D 159 -38.04 -21.81 16.30
C ALA D 159 -39.14 -22.61 15.61
N GLY D 160 -38.84 -23.80 15.11
CA GLY D 160 -39.84 -24.61 14.46
C GLY D 160 -39.92 -24.48 12.95
N LYS D 161 -38.83 -24.06 12.30
CA LYS D 161 -38.84 -23.95 10.85
C LYS D 161 -38.98 -25.32 10.19
N THR D 162 -38.18 -26.29 10.63
CA THR D 162 -38.23 -27.61 10.02
C THR D 162 -39.57 -28.30 10.27
N GLU D 163 -40.10 -28.16 11.49
CA GLU D 163 -41.39 -28.77 11.79
C GLU D 163 -42.48 -28.19 10.91
N SER D 164 -42.53 -26.86 10.77
CA SER D 164 -43.55 -26.24 9.93
C SER D 164 -43.46 -26.75 8.50
N THR D 165 -42.25 -27.03 8.02
CA THR D 165 -42.09 -27.62 6.69
C THR D 165 -42.75 -28.99 6.62
N LYS D 166 -42.58 -29.80 7.67
CA LYS D 166 -43.22 -31.12 7.72
C LYS D 166 -44.74 -31.00 7.72
N LEU D 167 -45.27 -30.07 8.51
CA LEU D 167 -46.71 -29.93 8.63
C LEU D 167 -47.35 -29.44 7.33
N ILE D 168 -46.70 -28.50 6.64
CA ILE D 168 -47.22 -28.02 5.36
C ILE D 168 -47.26 -29.17 4.36
N LEU D 169 -46.19 -29.96 4.32
CA LEU D 169 -46.17 -31.12 3.45
C LEU D 169 -47.21 -32.16 3.86
N GLN D 170 -47.44 -32.30 5.18
CA GLN D 170 -48.47 -33.23 5.65
C GLN D 170 -49.85 -32.80 5.18
N PHE D 171 -50.15 -31.51 5.26
CA PHE D 171 -51.43 -31.02 4.75
C PHE D 171 -51.57 -31.25 3.25
N LEU D 172 -50.52 -30.93 2.49
CA LEU D 172 -50.57 -31.13 1.04
C LEU D 172 -50.59 -32.61 0.69
N ALA D 173 -50.11 -33.46 1.61
CA ALA D 173 -50.25 -34.90 1.41
C ALA D 173 -51.71 -35.32 1.48
N ALA D 174 -52.45 -34.80 2.46
CA ALA D 174 -53.81 -35.25 2.69
C ALA D 174 -54.78 -34.63 1.69
N ILE D 175 -54.51 -33.40 1.22
CA ILE D 175 -55.37 -32.80 0.21
C ILE D 175 -55.39 -33.64 -1.05
N SER D 176 -54.33 -34.40 -1.29
CA SER D 176 -54.33 -35.42 -2.34
C SER D 176 -54.97 -36.69 -1.83
N GLY D 177 -55.69 -37.39 -2.71
CA GLY D 177 -56.39 -38.59 -2.30
C GLY D 177 -55.46 -39.70 -1.84
N GLN D 178 -54.42 -39.99 -2.62
CA GLN D 178 -53.55 -41.11 -2.30
C GLN D 178 -52.61 -40.76 -1.15
N HIS D 179 -52.11 -41.80 -0.48
CA HIS D 179 -51.24 -41.60 0.68
C HIS D 179 -49.91 -40.99 0.28
N SER D 180 -49.51 -41.13 -0.99
CA SER D 180 -48.32 -40.44 -1.50
C SER D 180 -47.06 -40.83 -0.75
N TRP D 181 -46.56 -42.05 -0.98
CA TRP D 181 -45.35 -42.53 -0.31
C TRP D 181 -44.21 -41.52 -0.33
N ILE D 182 -44.26 -40.54 -1.23
CA ILE D 182 -43.19 -39.54 -1.36
C ILE D 182 -42.91 -38.85 -0.02
N GLU D 183 -43.95 -38.40 0.69
CA GLU D 183 -43.72 -37.68 1.94
C GLU D 183 -42.95 -38.51 2.95
N GLN D 184 -43.27 -39.81 3.05
CA GLN D 184 -42.49 -40.66 3.95
C GLN D 184 -41.03 -40.64 3.57
N GLN D 185 -40.73 -40.68 2.27
CA GLN D 185 -39.35 -40.57 1.81
C GLN D 185 -38.76 -39.21 2.17
N VAL D 186 -39.55 -38.14 2.03
CA VAL D 186 -39.06 -36.80 2.36
C VAL D 186 -38.72 -36.71 3.83
N LEU D 187 -39.57 -37.27 4.69
CA LEU D 187 -39.24 -37.34 6.11
C LEU D 187 -38.02 -38.21 6.35
N GLU D 188 -37.87 -39.30 5.60
CA GLU D 188 -36.67 -40.12 5.71
C GLU D 188 -35.44 -39.37 5.24
N ALA D 189 -35.61 -38.45 4.28
CA ALA D 189 -34.47 -37.69 3.78
C ALA D 189 -33.96 -36.68 4.81
N THR D 190 -34.81 -36.25 5.73
CA THR D 190 -34.44 -35.21 6.69
C THR D 190 -33.27 -35.60 7.59
N PRO D 191 -33.23 -36.78 8.23
CA PRO D 191 -32.07 -37.09 9.08
C PRO D 191 -30.75 -37.08 8.33
N ILE D 192 -30.73 -37.58 7.09
CA ILE D 192 -29.49 -37.58 6.32
C ILE D 192 -29.06 -36.17 5.98
N LEU D 193 -30.00 -35.36 5.46
CA LEU D 193 -29.65 -34.02 5.00
C LEU D 193 -29.32 -33.11 6.17
N GLU D 194 -30.03 -33.25 7.28
CA GLU D 194 -29.70 -32.48 8.47
C GLU D 194 -28.34 -32.88 9.03
N ALA D 195 -27.97 -34.14 8.88
CA ALA D 195 -26.68 -34.59 9.39
C ALA D 195 -25.53 -33.91 8.68
N PHE D 196 -25.58 -33.87 7.34
CA PHE D 196 -24.52 -33.27 6.55
C PHE D 196 -24.65 -31.76 6.40
N GLY D 197 -25.79 -31.18 6.77
CA GLY D 197 -26.02 -29.78 6.52
C GLY D 197 -26.22 -28.91 7.75
N ASN D 198 -26.17 -29.50 8.94
CA ASN D 198 -26.37 -28.76 10.17
C ASN D 198 -25.20 -29.00 11.11
N ALA D 199 -25.02 -28.07 12.06
CA ALA D 199 -23.95 -28.17 13.04
C ALA D 199 -24.36 -27.40 14.29
N LYS D 200 -23.64 -27.67 15.37
CA LYS D 200 -23.94 -27.02 16.64
C LYS D 200 -23.38 -25.59 16.65
N THR D 201 -24.19 -24.66 17.15
CA THR D 201 -23.78 -23.27 17.30
C THR D 201 -23.89 -22.87 18.76
N ILE D 202 -23.42 -21.66 19.05
CA ILE D 202 -23.46 -21.16 20.42
C ILE D 202 -24.91 -20.98 20.89
N ARG D 203 -25.84 -20.75 19.96
CA ARG D 203 -27.22 -20.48 20.33
C ARG D 203 -28.07 -21.74 20.37
N ASN D 204 -27.93 -22.63 19.40
CA ASN D 204 -28.76 -23.82 19.30
C ASN D 204 -27.88 -25.05 19.06
N ASP D 205 -28.32 -26.19 19.59
CA ASP D 205 -27.56 -27.43 19.43
C ASP D 205 -27.62 -27.92 17.99
N ASN D 206 -28.75 -27.71 17.32
CA ASN D 206 -28.94 -28.11 15.93
C ASN D 206 -29.34 -26.88 15.14
N SER D 207 -28.41 -26.33 14.37
CA SER D 207 -28.62 -25.10 13.62
C SER D 207 -28.39 -25.37 12.13
N SER D 208 -29.32 -24.90 11.30
CA SER D 208 -29.19 -25.10 9.86
C SER D 208 -28.13 -24.15 9.29
N ARG D 209 -27.24 -24.70 8.48
CA ARG D 209 -26.16 -23.93 7.86
C ARG D 209 -26.34 -23.78 6.36
N PHE D 210 -27.54 -24.05 5.84
CA PHE D 210 -27.80 -23.92 4.41
C PHE D 210 -29.29 -23.74 4.21
N GLY D 211 -29.67 -23.44 2.97
CA GLY D 211 -31.07 -23.29 2.62
C GLY D 211 -31.60 -24.56 1.98
N LYS D 212 -32.73 -25.03 2.50
CA LYS D 212 -33.36 -26.25 2.01
C LYS D 212 -34.60 -25.89 1.21
N TYR D 213 -34.69 -26.41 0.00
CA TYR D 213 -35.82 -26.20 -0.89
C TYR D 213 -36.38 -27.54 -1.32
N ILE D 214 -37.69 -27.72 -1.14
CA ILE D 214 -38.37 -28.96 -1.48
C ILE D 214 -39.36 -28.62 -2.58
N ASP D 215 -39.01 -28.93 -3.83
CA ASP D 215 -39.86 -28.62 -4.98
C ASP D 215 -40.78 -29.81 -5.23
N ILE D 216 -41.86 -29.88 -4.46
CA ILE D 216 -42.88 -30.91 -4.62
C ILE D 216 -43.74 -30.60 -5.84
N HIS D 217 -43.50 -31.33 -6.93
CA HIS D 217 -44.19 -31.09 -8.19
C HIS D 217 -45.59 -31.69 -8.16
N PHE D 218 -46.57 -30.93 -8.64
CA PHE D 218 -47.97 -31.32 -8.62
C PHE D 218 -48.45 -31.62 -10.04
N ASN D 219 -49.06 -32.79 -10.22
CA ASN D 219 -49.64 -33.14 -11.51
C ASN D 219 -50.94 -32.38 -11.72
N LYS D 220 -51.42 -32.41 -12.96
CA LYS D 220 -52.64 -31.69 -13.30
C LYS D 220 -53.84 -32.28 -12.56
N ARG D 221 -54.56 -31.43 -11.84
CA ARG D 221 -55.72 -31.82 -11.04
C ARG D 221 -55.38 -32.98 -10.11
N GLY D 222 -54.30 -32.79 -9.35
CA GLY D 222 -53.78 -33.85 -8.51
C GLY D 222 -52.59 -33.31 -7.72
N ALA D 223 -51.89 -34.20 -7.03
CA ALA D 223 -50.85 -33.71 -6.14
C ALA D 223 -49.78 -34.79 -5.95
N ILE D 224 -48.58 -34.33 -5.59
CA ILE D 224 -47.42 -35.15 -5.24
C ILE D 224 -47.06 -36.05 -6.40
N GLU D 225 -47.09 -35.50 -7.62
CA GLU D 225 -46.55 -36.23 -8.76
C GLU D 225 -45.06 -36.51 -8.57
N GLY D 226 -44.33 -35.56 -7.98
CA GLY D 226 -42.92 -35.74 -7.71
C GLY D 226 -42.43 -34.63 -6.80
N ALA D 227 -41.24 -34.86 -6.25
CA ALA D 227 -40.62 -33.90 -5.34
C ALA D 227 -39.12 -33.88 -5.56
N LYS D 228 -38.56 -32.68 -5.66
CA LYS D 228 -37.12 -32.49 -5.84
C LYS D 228 -36.57 -31.65 -4.71
N ILE D 229 -35.43 -32.08 -4.16
CA ILE D 229 -34.74 -31.35 -3.10
C ILE D 229 -33.53 -30.65 -3.70
N GLU D 230 -33.45 -29.34 -3.49
CA GLU D 230 -32.33 -28.54 -3.97
C GLU D 230 -31.77 -27.73 -2.81
N GLN D 231 -30.45 -27.75 -2.66
CA GLN D 231 -29.77 -27.08 -1.56
C GLN D 231 -29.08 -25.80 -2.07
N TYR D 232 -29.09 -24.77 -1.23
CA TYR D 232 -28.47 -23.50 -1.56
C TYR D 232 -27.71 -22.97 -0.36
N LEU D 233 -26.73 -22.10 -0.64
CA LEU D 233 -26.05 -21.30 0.36
C LEU D 233 -25.44 -22.16 1.48
N LEU D 234 -24.77 -23.24 1.07
CA LEU D 234 -24.14 -24.16 2.00
C LEU D 234 -22.88 -23.52 2.56
N GLU D 235 -22.85 -23.30 3.87
CA GLU D 235 -21.65 -22.79 4.51
C GLU D 235 -20.56 -23.84 4.49
N LYS D 236 -19.43 -23.51 3.85
CA LYS D 236 -18.32 -24.45 3.72
C LYS D 236 -17.08 -24.05 4.50
N SER D 237 -17.05 -22.84 5.09
CA SER D 237 -15.91 -22.45 5.91
C SER D 237 -15.88 -23.24 7.21
N ARG D 238 -17.02 -23.78 7.64
CA ARG D 238 -17.09 -24.50 8.91
C ARG D 238 -16.36 -25.83 8.83
N VAL D 239 -16.29 -26.43 7.65
CA VAL D 239 -15.69 -27.76 7.49
C VAL D 239 -14.24 -27.75 7.98
N CYS D 240 -13.55 -26.62 7.82
CA CYS D 240 -12.15 -26.52 8.20
C CYS D 240 -11.92 -25.70 9.46
N ARG D 241 -12.73 -24.66 9.69
CA ARG D 241 -12.55 -23.77 10.83
C ARG D 241 -13.86 -23.69 11.61
N GLN D 242 -13.77 -23.84 12.93
CA GLN D 242 -14.93 -23.79 13.80
C GLN D 242 -14.74 -22.70 14.85
N ALA D 243 -15.80 -21.94 15.11
CA ALA D 243 -15.74 -20.89 16.11
C ALA D 243 -15.75 -21.51 17.51
N PRO D 244 -15.25 -20.76 18.52
CA PRO D 244 -15.31 -21.27 19.89
C PRO D 244 -16.74 -21.53 20.33
N ASP D 245 -16.90 -22.59 21.13
CA ASP D 245 -18.20 -23.08 21.59
C ASP D 245 -19.08 -23.48 20.42
N GLU D 246 -18.46 -23.91 19.31
CA GLU D 246 -19.18 -24.45 18.17
C GLU D 246 -18.38 -25.62 17.63
N ARG D 247 -19.07 -26.55 16.97
CA ARG D 247 -18.45 -27.77 16.48
C ARG D 247 -18.85 -28.02 15.03
N ASN D 248 -18.06 -28.86 14.36
CA ASN D 248 -18.28 -29.16 12.96
C ASN D 248 -19.59 -29.91 12.76
N TYR D 249 -19.94 -30.15 11.49
CA TYR D 249 -21.16 -30.86 11.14
C TYR D 249 -21.26 -32.19 11.87
N HIS D 250 -22.50 -32.58 12.20
CA HIS D 250 -22.71 -33.72 13.09
C HIS D 250 -22.23 -35.03 12.49
N VAL D 251 -22.05 -35.08 11.18
CA VAL D 251 -21.70 -36.34 10.52
C VAL D 251 -20.38 -36.88 11.05
N PHE D 252 -19.37 -36.02 11.16
CA PHE D 252 -18.06 -36.47 11.61
C PHE D 252 -18.12 -37.05 13.02
N TYR D 253 -18.87 -36.38 13.91
CA TYR D 253 -18.99 -36.88 15.29
C TYR D 253 -19.86 -38.14 15.35
N CYS D 254 -20.98 -38.14 14.65
CA CYS D 254 -21.86 -39.31 14.66
C CYS D 254 -21.17 -40.51 14.02
N MET D 255 -20.35 -40.25 12.99
CA MET D 255 -19.59 -41.32 12.34
C MET D 255 -18.45 -41.84 13.22
N LEU D 256 -17.76 -40.93 13.91
CA LEU D 256 -16.52 -41.30 14.58
C LEU D 256 -16.77 -42.18 15.80
N GLU D 257 -17.93 -42.04 16.44
CA GLU D 257 -18.31 -42.80 17.62
C GLU D 257 -19.62 -43.53 17.30
N GLY D 258 -19.65 -44.82 17.60
CA GLY D 258 -20.90 -45.54 17.45
C GLY D 258 -20.79 -46.40 16.22
N MET D 259 -19.55 -46.60 15.77
CA MET D 259 -19.23 -47.45 14.64
C MET D 259 -18.43 -48.64 15.15
N ASN D 260 -18.54 -49.76 14.44
CA ASN D 260 -17.79 -50.95 14.82
C ASN D 260 -16.30 -50.64 14.84
N GLU D 261 -15.61 -51.15 15.86
CA GLU D 261 -14.20 -50.81 16.03
C GLU D 261 -13.37 -51.27 14.84
N GLU D 262 -13.70 -52.43 14.27
CA GLU D 262 -12.97 -52.91 13.09
C GLU D 262 -13.18 -51.98 11.90
N GLU D 263 -14.36 -51.40 11.77
CA GLU D 263 -14.60 -50.43 10.71
C GLU D 263 -13.72 -49.19 10.90
N LYS D 264 -13.58 -48.75 12.16
CA LYS D 264 -12.69 -47.63 12.47
C LYS D 264 -11.25 -47.98 12.14
N LYS D 265 -10.85 -49.23 12.44
CA LYS D 265 -9.47 -49.65 12.22
C LYS D 265 -9.10 -49.59 10.74
N LYS D 266 -10.01 -50.02 9.87
CA LYS D 266 -9.74 -49.94 8.43
C LYS D 266 -9.61 -48.50 7.98
N LEU D 267 -10.45 -47.61 8.51
CA LEU D 267 -10.37 -46.19 8.18
C LEU D 267 -9.22 -45.48 8.89
N GLY D 268 -8.66 -46.08 9.94
CA GLY D 268 -7.63 -45.42 10.72
C GLY D 268 -8.13 -44.44 11.74
N LEU D 269 -9.44 -44.40 11.98
CA LEU D 269 -10.01 -43.41 12.90
C LEU D 269 -9.67 -43.75 14.35
N GLY D 270 -9.52 -42.72 15.16
CA GLY D 270 -9.34 -42.88 16.59
C GLY D 270 -10.44 -42.21 17.38
N GLN D 271 -10.07 -41.28 18.25
CA GLN D 271 -11.05 -40.51 19.02
C GLN D 271 -11.36 -39.22 18.26
N ALA D 272 -12.07 -38.30 18.92
CA ALA D 272 -12.45 -37.04 18.31
C ALA D 272 -11.53 -35.88 18.70
N ALA D 273 -10.87 -35.98 19.85
CA ALA D 273 -9.98 -34.91 20.30
C ALA D 273 -8.72 -34.82 19.46
N ASP D 274 -8.34 -35.91 18.80
CA ASP D 274 -7.10 -35.92 18.02
C ASP D 274 -7.19 -35.02 16.81
N TYR D 275 -8.37 -34.94 16.18
CA TYR D 275 -8.53 -34.21 14.93
C TYR D 275 -8.78 -32.74 15.21
N ASN D 276 -7.95 -31.87 14.62
CA ASN D 276 -8.10 -30.44 14.79
C ASN D 276 -9.40 -29.93 14.14
N TYR D 277 -9.83 -30.60 13.07
CA TYR D 277 -11.06 -30.20 12.39
C TYR D 277 -12.29 -30.41 13.26
N LEU D 278 -12.16 -31.17 14.35
CA LEU D 278 -13.28 -31.46 15.22
C LEU D 278 -13.10 -30.97 16.65
N ALA D 279 -11.88 -30.60 17.05
CA ALA D 279 -11.59 -30.28 18.44
C ALA D 279 -11.24 -28.82 18.69
N MET D 280 -10.96 -28.04 17.63
CA MET D 280 -10.60 -26.65 17.84
C MET D 280 -11.74 -25.82 18.41
N GLY D 281 -12.98 -26.29 18.27
CA GLY D 281 -14.10 -25.61 18.89
C GLY D 281 -14.17 -25.81 20.39
N ASN D 282 -13.41 -26.79 20.90
CA ASN D 282 -13.29 -27.07 22.33
C ASN D 282 -14.62 -27.46 22.95
N CYS D 283 -15.51 -28.06 22.15
CA CYS D 283 -16.76 -28.64 22.67
C CYS D 283 -17.08 -29.86 21.78
N ILE D 284 -16.69 -31.04 22.25
CA ILE D 284 -16.89 -32.26 21.46
C ILE D 284 -18.28 -32.82 21.69
N THR D 285 -18.69 -32.95 22.96
CA THR D 285 -19.96 -33.55 23.32
C THR D 285 -21.00 -32.45 23.51
N CYS D 286 -22.15 -32.61 22.85
CA CYS D 286 -23.26 -31.67 22.96
C CYS D 286 -24.33 -32.28 23.85
N GLU D 287 -24.58 -31.63 24.99
CA GLU D 287 -25.60 -32.11 25.91
C GLU D 287 -26.98 -32.07 25.28
N GLY D 288 -27.77 -33.11 25.54
CA GLY D 288 -29.09 -33.23 24.97
C GLY D 288 -29.20 -34.16 23.77
N ARG D 289 -28.12 -34.85 23.40
CA ARG D 289 -28.16 -35.80 22.30
C ARG D 289 -27.12 -36.87 22.52
N VAL D 290 -27.43 -38.07 22.03
CA VAL D 290 -26.47 -39.16 21.98
C VAL D 290 -26.25 -39.50 20.52
N ASP D 291 -25.17 -38.95 19.97
CA ASP D 291 -24.92 -38.97 18.53
C ASP D 291 -24.87 -40.38 17.98
N SER D 292 -24.48 -41.35 18.81
CA SER D 292 -24.45 -42.74 18.37
C SER D 292 -25.85 -43.17 17.96
N GLN D 293 -26.85 -42.76 18.73
CA GLN D 293 -28.24 -43.02 18.36
C GLN D 293 -28.55 -42.39 17.01
N GLU D 294 -27.97 -41.22 16.74
CA GLU D 294 -28.17 -40.56 15.45
C GLU D 294 -27.52 -41.36 14.33
N TYR D 295 -26.36 -41.96 14.60
CA TYR D 295 -25.69 -42.79 13.59
C TYR D 295 -26.61 -43.90 13.09
N ALA D 296 -27.29 -44.57 14.01
CA ALA D 296 -28.29 -45.56 13.62
C ALA D 296 -29.39 -44.91 12.79
N ASN D 297 -29.85 -43.73 13.21
CA ASN D 297 -30.86 -43.01 12.46
C ASN D 297 -30.34 -42.60 11.08
N ILE D 298 -29.08 -42.14 11.02
CA ILE D 298 -28.52 -41.77 9.73
C ILE D 298 -28.41 -42.98 8.81
N ARG D 299 -27.82 -44.07 9.31
CA ARG D 299 -27.63 -45.25 8.48
C ARG D 299 -28.96 -45.87 8.08
N SER D 300 -29.90 -45.95 9.01
CA SER D 300 -31.21 -46.53 8.69
C SER D 300 -31.94 -45.69 7.65
N ALA D 301 -31.87 -44.36 7.78
CA ALA D 301 -32.48 -43.50 6.78
C ALA D 301 -31.81 -43.66 5.43
N MET D 302 -30.50 -43.83 5.41
CA MET D 302 -29.79 -44.10 4.15
C MET D 302 -30.27 -45.40 3.53
N LYS D 303 -30.44 -46.44 4.35
CA LYS D 303 -30.89 -47.73 3.83
C LYS D 303 -32.25 -47.61 3.15
N VAL D 304 -33.13 -46.79 3.71
CA VAL D 304 -34.43 -46.55 3.08
C VAL D 304 -34.24 -45.84 1.74
N LEU D 305 -33.31 -44.90 1.67
CA LEU D 305 -33.07 -44.17 0.42
C LEU D 305 -32.03 -44.87 -0.45
N MET D 306 -32.22 -46.18 -0.64
CA MET D 306 -31.44 -46.99 -1.57
C MET D 306 -29.92 -46.77 -1.45
N PHE D 307 -29.44 -46.46 -0.24
CA PHE D 307 -28.01 -46.34 0.00
C PHE D 307 -27.48 -47.73 0.38
N THR D 308 -26.78 -48.37 -0.56
CA THR D 308 -26.20 -49.67 -0.28
C THR D 308 -25.03 -49.54 0.69
N ASP D 309 -24.68 -50.65 1.33
CA ASP D 309 -23.58 -50.65 2.29
C ASP D 309 -22.26 -50.27 1.61
N THR D 310 -22.14 -50.52 0.31
CA THR D 310 -20.95 -50.08 -0.41
C THR D 310 -20.86 -48.56 -0.45
N GLU D 311 -21.99 -47.89 -0.72
CA GLU D 311 -21.99 -46.44 -0.85
C GLU D 311 -21.59 -45.77 0.47
N ASN D 312 -22.12 -46.26 1.59
CA ASN D 312 -21.81 -45.65 2.88
C ASN D 312 -20.32 -45.81 3.21
N TRP D 313 -19.76 -46.97 2.84
CA TRP D 313 -18.32 -47.17 3.05
C TRP D 313 -17.50 -46.23 2.18
N GLU D 314 -17.93 -46.01 0.93
CA GLU D 314 -17.28 -45.00 0.10
C GLU D 314 -17.38 -43.62 0.74
N ILE D 315 -18.56 -43.29 1.26
CA ILE D 315 -18.76 -42.00 1.92
C ILE D 315 -17.89 -41.90 3.16
N SER D 316 -17.85 -42.98 3.95
CA SER D 316 -17.09 -42.95 5.20
C SER D 316 -15.61 -42.73 4.95
N LYS D 317 -15.06 -43.35 3.91
CA LYS D 317 -13.63 -43.17 3.63
C LYS D 317 -13.31 -41.72 3.27
N LEU D 318 -14.15 -41.09 2.47
CA LEU D 318 -13.92 -39.71 2.09
C LEU D 318 -13.94 -38.80 3.31
N LEU D 319 -14.90 -39.02 4.20
CA LEU D 319 -14.93 -38.28 5.46
C LEU D 319 -13.72 -38.62 6.32
N ALA D 320 -13.30 -39.89 6.29
CA ALA D 320 -12.09 -40.29 7.00
C ALA D 320 -10.86 -39.59 6.43
N ALA D 321 -10.77 -39.50 5.11
CA ALA D 321 -9.65 -38.81 4.49
C ALA D 321 -9.65 -37.33 4.83
N ILE D 322 -10.83 -36.74 5.00
CA ILE D 322 -10.93 -35.33 5.37
C ILE D 322 -10.27 -35.09 6.72
N LEU D 323 -10.56 -35.95 7.70
CA LEU D 323 -10.01 -35.76 9.03
C LEU D 323 -8.50 -35.93 9.06
N HIS D 324 -7.98 -36.93 8.33
CA HIS D 324 -6.54 -37.16 8.32
C HIS D 324 -5.79 -36.01 7.66
N MET D 325 -6.32 -35.48 6.55
CA MET D 325 -5.71 -34.31 5.94
C MET D 325 -5.78 -33.11 6.88
N GLY D 326 -6.81 -33.05 7.71
CA GLY D 326 -6.91 -31.97 8.67
C GLY D 326 -5.77 -31.95 9.68
N ASN D 327 -5.28 -33.13 10.05
CA ASN D 327 -4.19 -33.22 11.03
C ASN D 327 -2.82 -33.07 10.40
N LEU D 328 -2.73 -32.90 9.08
CA LEU D 328 -1.44 -32.68 8.45
C LEU D 328 -0.85 -31.35 8.91
N GLN D 329 0.46 -31.35 9.14
CA GLN D 329 1.16 -30.17 9.63
C GLN D 329 2.19 -29.72 8.62
N TYR D 330 2.23 -28.41 8.37
CA TYR D 330 3.14 -27.81 7.43
C TYR D 330 4.18 -26.97 8.15
N GLU D 331 5.41 -27.00 7.65
CA GLU D 331 6.51 -26.23 8.21
C GLU D 331 7.11 -25.34 7.13
N ALA D 332 7.50 -24.13 7.53
CA ALA D 332 8.02 -23.17 6.57
C ALA D 332 9.44 -23.56 6.12
N ARG D 333 9.71 -23.33 4.85
CA ARG D 333 11.03 -23.55 4.27
C ARG D 333 11.38 -22.37 3.37
N THR D 334 12.69 -22.11 3.23
CA THR D 334 13.15 -20.96 2.48
C THR D 334 13.62 -21.30 1.07
N PHE D 335 13.82 -22.58 0.76
CA PHE D 335 14.21 -23.02 -0.57
C PHE D 335 15.43 -22.23 -1.04
N GLU D 336 15.26 -21.38 -2.07
CA GLU D 336 16.33 -20.52 -2.59
C GLU D 336 15.75 -19.11 -2.71
N ASN D 337 15.80 -18.35 -1.62
CA ASN D 337 15.23 -17.01 -1.53
C ASN D 337 13.75 -16.99 -1.88
N LEU D 338 13.07 -18.12 -1.71
CA LEU D 338 11.65 -18.24 -2.02
C LEU D 338 10.94 -18.78 -0.79
N ASP D 339 9.67 -19.17 -0.96
CA ASP D 339 8.88 -19.76 0.10
C ASP D 339 8.56 -21.20 -0.26
N ALA D 340 8.88 -22.13 0.64
CA ALA D 340 8.66 -23.55 0.40
C ALA D 340 8.06 -24.17 1.65
N CYS D 341 7.54 -25.39 1.48
CA CYS D 341 6.84 -26.09 2.54
C CYS D 341 7.44 -27.48 2.74
N GLU D 342 7.08 -28.09 3.87
CA GLU D 342 7.47 -29.47 4.18
C GLU D 342 6.41 -30.05 5.09
N VAL D 343 5.65 -31.02 4.58
CA VAL D 343 4.62 -31.68 5.39
C VAL D 343 5.32 -32.65 6.34
N LEU D 344 5.17 -32.41 7.64
CA LEU D 344 5.80 -33.29 8.62
C LEU D 344 5.18 -34.68 8.54
N PHE D 345 6.04 -35.69 8.70
CA PHE D 345 5.58 -37.07 8.59
C PHE D 345 4.61 -37.41 9.70
N SER D 346 3.54 -38.12 9.34
CA SER D 346 2.53 -38.54 10.30
C SER D 346 1.78 -39.73 9.71
N PRO D 347 1.18 -40.58 10.55
CA PRO D 347 0.34 -41.66 10.01
C PRO D 347 -0.87 -41.15 9.24
N SER D 348 -1.28 -39.91 9.49
CA SER D 348 -2.42 -39.35 8.76
C SER D 348 -2.13 -39.22 7.27
N LEU D 349 -0.89 -38.83 6.93
CA LEU D 349 -0.54 -38.66 5.52
C LEU D 349 -0.64 -39.99 4.77
N ALA D 350 -0.06 -41.05 5.34
CA ALA D 350 -0.13 -42.36 4.70
C ALA D 350 -1.57 -42.87 4.65
N THR D 351 -2.34 -42.65 5.72
CA THR D 351 -3.72 -43.07 5.73
C THR D 351 -4.55 -42.30 4.70
N ALA D 352 -4.30 -41.00 4.58
CA ALA D 352 -5.06 -40.18 3.63
C ALA D 352 -4.83 -40.65 2.20
N ALA D 353 -3.58 -40.98 1.86
CA ALA D 353 -3.29 -41.47 0.52
C ALA D 353 -3.98 -42.80 0.26
N SER D 354 -3.99 -43.69 1.25
CA SER D 354 -4.66 -44.98 1.10
C SER D 354 -6.16 -44.81 0.92
N LEU D 355 -6.77 -43.94 1.74
CA LEU D 355 -8.21 -43.69 1.62
C LEU D 355 -8.55 -43.06 0.27
N LEU D 356 -7.74 -42.11 -0.18
CA LEU D 356 -7.93 -41.51 -1.49
C LEU D 356 -7.44 -42.41 -2.63
N GLU D 357 -6.70 -43.47 -2.30
CA GLU D 357 -6.14 -44.39 -3.30
C GLU D 357 -5.33 -43.63 -4.35
N VAL D 358 -4.39 -42.82 -3.86
CA VAL D 358 -3.46 -42.07 -4.71
C VAL D 358 -2.05 -42.37 -4.24
N ASN D 359 -1.10 -42.17 -5.14
CA ASN D 359 0.30 -42.41 -4.80
C ASN D 359 0.76 -41.40 -3.76
N PRO D 360 1.38 -41.85 -2.66
CA PRO D 360 1.82 -40.91 -1.61
C PRO D 360 2.75 -39.83 -2.15
N PRO D 361 3.69 -40.14 -3.05
CA PRO D 361 4.47 -39.03 -3.65
C PRO D 361 3.61 -38.05 -4.42
N ASP D 362 2.55 -38.51 -5.08
CA ASP D 362 1.69 -37.60 -5.83
C ASP D 362 0.93 -36.67 -4.89
N LEU D 363 0.47 -37.20 -3.75
CA LEU D 363 -0.24 -36.37 -2.79
C LEU D 363 0.67 -35.30 -2.20
N MET D 364 1.92 -35.66 -1.90
CA MET D 364 2.86 -34.70 -1.32
C MET D 364 3.13 -33.56 -2.29
N SER D 365 3.41 -33.89 -3.55
CA SER D 365 3.73 -32.85 -4.53
C SER D 365 2.53 -31.95 -4.79
N CYS D 366 1.33 -32.53 -4.83
CA CYS D 366 0.14 -31.74 -5.12
C CYS D 366 -0.18 -30.77 -3.98
N LEU D 367 0.13 -31.16 -2.75
CA LEU D 367 -0.15 -30.30 -1.61
C LEU D 367 0.86 -29.15 -1.50
N THR D 368 2.09 -29.36 -1.96
CA THR D 368 3.18 -28.42 -1.75
C THR D 368 3.74 -27.83 -3.03
N SER D 369 3.01 -27.90 -4.14
CA SER D 369 3.50 -27.34 -5.39
C SER D 369 2.34 -27.02 -6.31
N ARG D 370 2.63 -26.20 -7.32
CA ARG D 370 1.68 -25.86 -8.36
C ARG D 370 2.41 -25.82 -9.70
N THR D 371 1.68 -26.17 -10.76
CA THR D 371 2.23 -26.25 -12.11
C THR D 371 1.46 -25.30 -13.01
N LEU D 372 2.19 -24.53 -13.82
CA LEU D 372 1.56 -23.55 -14.70
C LEU D 372 0.81 -24.22 -15.85
N ILE D 373 1.45 -25.22 -16.48
CA ILE D 373 0.88 -25.96 -17.61
C ILE D 373 0.54 -24.96 -18.71
N THR D 374 1.48 -24.07 -19.03
CA THR D 374 1.35 -23.26 -20.22
C THR D 374 1.64 -24.10 -21.47
N ARG D 375 1.28 -23.56 -22.63
CA ARG D 375 1.45 -24.31 -23.86
C ARG D 375 2.93 -24.48 -24.19
N GLY D 376 3.39 -25.74 -24.16
CA GLY D 376 4.76 -26.08 -24.52
C GLY D 376 5.61 -26.60 -23.39
N GLU D 377 5.20 -26.40 -22.14
CA GLU D 377 5.99 -26.82 -20.99
C GLU D 377 5.06 -26.91 -19.78
N THR D 378 5.62 -27.24 -18.61
CA THR D 378 4.83 -27.37 -17.39
C THR D 378 5.19 -26.33 -16.35
N VAL D 379 6.45 -26.25 -15.93
CA VAL D 379 6.95 -25.29 -14.95
C VAL D 379 6.25 -25.46 -13.60
N SER D 380 6.98 -25.97 -12.61
CA SER D 380 6.46 -26.18 -11.27
C SER D 380 6.93 -25.06 -10.34
N THR D 381 6.02 -24.58 -9.50
CA THR D 381 6.30 -23.49 -8.59
C THR D 381 6.03 -23.91 -7.15
N PRO D 382 6.95 -23.66 -6.22
CA PRO D 382 6.70 -23.99 -4.82
C PRO D 382 5.63 -23.08 -4.21
N LEU D 383 5.04 -23.56 -3.12
CA LEU D 383 4.00 -22.83 -2.39
C LEU D 383 4.53 -22.36 -1.05
N SER D 384 4.00 -21.23 -0.58
CA SER D 384 4.29 -20.76 0.75
C SER D 384 3.44 -21.51 1.78
N ARG D 385 3.80 -21.34 3.05
CA ARG D 385 3.09 -22.08 4.11
C ARG D 385 1.62 -21.70 4.16
N GLU D 386 1.33 -20.40 4.04
CA GLU D 386 -0.06 -19.95 4.04
C GLU D 386 -0.81 -20.48 2.82
N GLN D 387 -0.15 -20.51 1.66
CA GLN D 387 -0.79 -21.05 0.46
C GLN D 387 -1.02 -22.55 0.58
N ALA D 388 -0.07 -23.27 1.21
CA ALA D 388 -0.23 -24.71 1.38
C ALA D 388 -1.44 -25.02 2.25
N LEU D 389 -1.64 -24.27 3.33
CA LEU D 389 -2.84 -24.46 4.14
C LEU D 389 -4.10 -24.15 3.34
N ASP D 390 -4.01 -23.22 2.40
CA ASP D 390 -5.17 -22.85 1.60
C ASP D 390 -5.60 -24.00 0.70
N VAL D 391 -4.65 -24.60 -0.02
CA VAL D 391 -5.00 -25.66 -0.97
C VAL D 391 -5.47 -26.91 -0.22
N ARG D 392 -4.93 -27.14 0.97
CA ARG D 392 -5.38 -28.27 1.77
C ARG D 392 -6.82 -28.08 2.24
N ASP D 393 -7.14 -26.89 2.74
CA ASP D 393 -8.50 -26.61 3.19
C ASP D 393 -9.47 -26.54 2.02
N ALA D 394 -9.01 -25.99 0.88
CA ALA D 394 -9.87 -25.93 -0.30
C ALA D 394 -10.20 -27.33 -0.80
N PHE D 395 -9.22 -28.24 -0.77
CA PHE D 395 -9.50 -29.62 -1.16
C PHE D 395 -10.49 -30.27 -0.20
N VAL D 396 -10.34 -30.02 1.11
CA VAL D 396 -11.26 -30.59 2.09
C VAL D 396 -12.67 -30.04 1.88
N LYS D 397 -12.78 -28.73 1.71
CA LYS D 397 -14.10 -28.13 1.45
C LYS D 397 -14.64 -28.58 0.11
N GLY D 398 -13.77 -28.81 -0.87
CA GLY D 398 -14.22 -29.27 -2.17
C GLY D 398 -14.85 -30.65 -2.12
N ILE D 399 -14.24 -31.56 -1.37
CA ILE D 399 -14.77 -32.92 -1.25
C ILE D 399 -16.13 -32.90 -0.55
N TYR D 400 -16.21 -32.17 0.57
CA TYR D 400 -17.45 -32.16 1.34
C TYR D 400 -18.59 -31.54 0.56
N GLY D 401 -18.31 -30.46 -0.18
CA GLY D 401 -19.35 -29.84 -0.98
C GLY D 401 -19.87 -30.75 -2.07
N ARG D 402 -18.95 -31.41 -2.78
CA ARG D 402 -19.36 -32.34 -3.84
C ARG D 402 -20.02 -33.58 -3.27
N LEU D 403 -19.54 -34.05 -2.11
CA LEU D 403 -20.20 -35.16 -1.44
C LEU D 403 -21.62 -34.80 -1.03
N PHE D 404 -21.81 -33.56 -0.57
CA PHE D 404 -23.16 -33.10 -0.21
C PHE D 404 -24.06 -33.04 -1.44
N VAL D 405 -23.52 -32.61 -2.57
CA VAL D 405 -24.31 -32.57 -3.80
C VAL D 405 -24.70 -33.98 -4.22
N TRP D 406 -23.77 -34.93 -4.10
CA TRP D 406 -24.06 -36.31 -4.49
C TRP D 406 -25.17 -36.90 -3.62
N ILE D 407 -25.14 -36.62 -2.32
CA ILE D 407 -26.18 -37.14 -1.43
C ILE D 407 -27.53 -36.56 -1.81
N VAL D 408 -27.58 -35.25 -2.09
CA VAL D 408 -28.82 -34.65 -2.56
C VAL D 408 -29.26 -35.26 -3.87
N GLU D 409 -28.31 -35.53 -4.77
CA GLU D 409 -28.64 -36.16 -6.04
C GLU D 409 -29.17 -37.57 -5.82
N LYS D 410 -28.54 -38.34 -4.93
CA LYS D 410 -28.99 -39.71 -4.67
C LYS D 410 -30.38 -39.71 -4.05
N ILE D 411 -30.63 -38.82 -3.09
CA ILE D 411 -31.96 -38.69 -2.50
C ILE D 411 -32.96 -38.25 -3.55
N ASN D 412 -32.56 -37.29 -4.40
CA ASN D 412 -33.46 -36.79 -5.44
C ASN D 412 -33.85 -37.91 -6.41
N ALA D 413 -32.91 -38.79 -6.74
CA ALA D 413 -33.16 -39.83 -7.73
C ALA D 413 -34.31 -40.74 -7.32
N ALA D 414 -34.47 -40.97 -6.02
CA ALA D 414 -35.49 -41.88 -5.53
C ALA D 414 -36.84 -41.20 -5.25
N ILE D 415 -36.91 -39.87 -5.33
CA ILE D 415 -38.14 -39.18 -4.97
C ILE D 415 -38.62 -38.29 -6.11
N TYR D 416 -37.72 -37.93 -7.03
CA TYR D 416 -38.06 -36.97 -8.07
C TYR D 416 -39.22 -37.46 -8.93
N LYS D 417 -39.14 -38.71 -9.41
CA LYS D 417 -40.13 -39.28 -10.31
C LYS D 417 -40.32 -38.31 -11.48
N PRO D 418 -39.36 -38.25 -12.41
CA PRO D 418 -39.34 -37.17 -13.42
C PRO D 418 -40.68 -37.00 -14.09
N PRO D 419 -41.31 -35.84 -13.90
CA PRO D 419 -42.64 -35.61 -14.48
C PRO D 419 -42.58 -35.65 -15.99
N PRO D 420 -43.60 -36.22 -16.64
CA PRO D 420 -43.65 -36.20 -18.10
C PRO D 420 -43.78 -34.77 -18.62
N LEU D 421 -42.72 -34.29 -19.26
CA LEU D 421 -42.65 -32.92 -19.74
C LEU D 421 -42.99 -32.78 -21.23
N GLU D 422 -43.46 -33.86 -21.86
CA GLU D 422 -43.91 -33.75 -23.25
C GLU D 422 -45.11 -32.82 -23.36
N VAL D 423 -45.92 -32.74 -22.32
CA VAL D 423 -47.03 -31.80 -22.27
C VAL D 423 -46.51 -30.43 -21.85
N LYS D 424 -47.04 -29.38 -22.47
CA LYS D 424 -46.59 -28.03 -22.16
C LYS D 424 -46.87 -27.67 -20.71
N ASN D 425 -48.06 -28.01 -20.22
CA ASN D 425 -48.37 -27.84 -18.80
C ASN D 425 -47.63 -28.92 -18.04
N SER D 426 -46.36 -28.67 -17.74
CA SER D 426 -45.50 -29.65 -17.10
C SER D 426 -46.03 -30.04 -15.73
N ARG D 427 -46.04 -29.09 -14.80
CA ARG D 427 -46.56 -29.30 -13.46
C ARG D 427 -46.60 -27.95 -12.75
N ARG D 428 -47.45 -27.86 -11.72
CA ARG D 428 -47.59 -26.62 -10.95
C ARG D 428 -46.94 -26.83 -9.59
N SER D 429 -45.71 -26.34 -9.44
CA SER D 429 -44.93 -26.61 -8.25
C SER D 429 -45.32 -25.70 -7.09
N ILE D 430 -45.11 -26.20 -5.88
CA ILE D 430 -45.21 -25.42 -4.65
C ILE D 430 -43.90 -25.58 -3.89
N GLY D 431 -43.01 -24.60 -4.02
CA GLY D 431 -41.74 -24.69 -3.33
C GLY D 431 -41.86 -24.41 -1.85
N LEU D 432 -41.10 -25.16 -1.07
CA LEU D 432 -40.98 -24.92 0.37
C LEU D 432 -39.52 -24.62 0.69
N LEU D 433 -39.25 -23.41 1.14
CA LEU D 433 -37.90 -22.95 1.42
C LEU D 433 -37.71 -22.82 2.92
N ASP D 434 -36.73 -23.54 3.46
CA ASP D 434 -36.36 -23.45 4.86
C ASP D 434 -35.03 -22.71 4.91
N ILE D 435 -35.08 -21.43 5.30
CA ILE D 435 -33.89 -20.61 5.25
C ILE D 435 -33.61 -20.05 6.64
N PHE D 436 -32.33 -19.93 6.95
CA PHE D 436 -31.85 -19.21 8.12
C PHE D 436 -32.41 -17.79 8.21
N GLY D 437 -32.31 -17.24 9.42
CA GLY D 437 -32.71 -15.86 9.68
C GLY D 437 -31.53 -14.96 10.05
N PHE D 438 -31.85 -13.68 10.21
CA PHE D 438 -30.86 -12.68 10.59
C PHE D 438 -30.37 -12.91 12.02
N GLU D 439 -29.05 -12.92 12.21
CA GLU D 439 -28.46 -13.02 13.54
C GLU D 439 -27.52 -11.84 13.75
N ASN D 440 -27.46 -11.35 14.99
CA ASN D 440 -26.48 -10.35 15.39
C ASN D 440 -25.79 -10.85 16.67
N PHE D 441 -24.74 -11.64 16.50
CA PHE D 441 -24.02 -12.20 17.63
C PHE D 441 -23.08 -11.16 18.25
N THR D 442 -22.45 -11.56 19.36
CA THR D 442 -21.44 -10.71 19.98
C THR D 442 -20.24 -10.53 19.07
N VAL D 443 -19.80 -11.60 18.41
CA VAL D 443 -18.72 -11.56 17.43
C VAL D 443 -19.27 -12.06 16.11
N ASN D 444 -19.26 -11.20 15.11
CA ASN D 444 -19.77 -11.53 13.78
C ASN D 444 -18.61 -11.62 12.80
N SER D 445 -18.62 -12.66 11.97
CA SER D 445 -17.49 -12.93 11.08
C SER D 445 -17.93 -13.06 9.63
N PHE D 446 -17.02 -13.56 8.79
CA PHE D 446 -17.33 -13.72 7.36
C PHE D 446 -18.61 -14.52 7.14
N GLU D 447 -18.82 -15.55 7.96
CA GLU D 447 -20.02 -16.36 7.79
C GLU D 447 -21.28 -15.52 8.01
N GLN D 448 -21.28 -14.70 9.06
CA GLN D 448 -22.46 -13.89 9.37
C GLN D 448 -22.71 -12.84 8.28
N LEU D 449 -21.65 -12.32 7.66
CA LEU D 449 -21.81 -11.28 6.65
C LEU D 449 -22.56 -11.80 5.44
N CYS D 450 -22.16 -12.98 4.94
CA CYS D 450 -22.89 -13.59 3.83
C CYS D 450 -24.31 -13.97 4.25
N ILE D 451 -24.45 -14.48 5.47
CA ILE D 451 -25.78 -14.79 6.00
C ILE D 451 -26.65 -13.54 6.07
N ASN D 452 -26.10 -12.45 6.60
CA ASN D 452 -26.86 -11.21 6.68
C ASN D 452 -27.11 -10.62 5.29
N PHE D 453 -26.17 -10.83 4.37
CA PHE D 453 -26.35 -10.33 3.00
C PHE D 453 -27.52 -11.04 2.33
N ALA D 454 -27.68 -12.35 2.58
CA ALA D 454 -28.77 -13.10 1.96
C ALA D 454 -30.14 -12.58 2.41
N ASN D 455 -30.30 -12.29 3.70
CA ASN D 455 -31.59 -11.81 4.19
C ASN D 455 -31.91 -10.41 3.65
N GLU D 456 -30.89 -9.67 3.23
CA GLU D 456 -31.13 -8.39 2.58
C GLU D 456 -31.92 -8.59 1.28
N HIS D 457 -31.56 -9.61 0.50
CA HIS D 457 -32.33 -9.94 -0.70
C HIS D 457 -33.72 -10.45 -0.35
N LEU D 458 -33.81 -11.33 0.65
CA LEU D 458 -35.11 -11.88 1.04
C LEU D 458 -36.01 -10.80 1.60
N GLN D 459 -35.46 -9.89 2.42
CA GLN D 459 -36.27 -8.79 2.94
C GLN D 459 -36.76 -7.88 1.83
N GLN D 460 -35.88 -7.57 0.86
CA GLN D 460 -36.32 -6.77 -0.28
C GLN D 460 -37.42 -7.48 -1.05
N PHE D 461 -37.27 -8.78 -1.26
CA PHE D 461 -38.33 -9.56 -1.88
C PHE D 461 -39.59 -9.54 -1.03
N PHE D 462 -39.43 -9.61 0.30
CA PHE D 462 -40.58 -9.56 1.20
C PHE D 462 -41.24 -8.19 1.17
N VAL D 463 -40.42 -7.12 1.19
CA VAL D 463 -40.98 -5.77 1.23
C VAL D 463 -41.77 -5.47 -0.04
N ARG D 464 -41.22 -5.86 -1.19
CA ARG D 464 -41.92 -5.63 -2.46
C ARG D 464 -43.26 -6.35 -2.49
N HIS D 465 -43.29 -7.60 -2.03
CA HIS D 465 -44.55 -8.34 -2.01
C HIS D 465 -45.57 -7.69 -1.09
N VAL D 466 -45.13 -7.26 0.10
CA VAL D 466 -46.03 -6.58 1.02
C VAL D 466 -46.48 -5.25 0.42
N PHE D 467 -45.54 -4.51 -0.17
CA PHE D 467 -45.90 -3.23 -0.78
C PHE D 467 -46.92 -3.43 -1.89
N LYS D 468 -46.76 -4.47 -2.70
CA LYS D 468 -47.70 -4.73 -3.78
C LYS D 468 -49.10 -4.98 -3.23
N LEU D 469 -49.21 -5.75 -2.14
CA LEU D 469 -50.49 -6.01 -1.50
C LEU D 469 -50.89 -4.90 -0.53
N GLU D 470 -50.04 -3.91 -0.32
CA GLU D 470 -50.34 -2.78 0.55
C GLU D 470 -51.19 -1.82 -0.28
N GLN D 471 -51.25 -0.53 0.06
CA GLN D 471 -52.09 0.41 -0.68
C GLN D 471 -51.99 0.22 -2.18
N GLU D 472 -50.87 -0.33 -2.67
CA GLU D 472 -50.77 -0.67 -4.07
C GLU D 472 -51.84 -1.67 -4.51
N GLU D 473 -52.46 -2.40 -3.58
CA GLU D 473 -53.55 -3.32 -3.93
C GLU D 473 -54.89 -2.92 -3.32
N TYR D 474 -54.99 -2.85 -1.98
CA TYR D 474 -56.31 -2.70 -1.38
C TYR D 474 -56.81 -1.27 -1.47
N ASP D 475 -55.91 -0.30 -1.57
CA ASP D 475 -56.34 1.05 -1.92
C ASP D 475 -56.73 1.11 -3.39
N LEU D 476 -55.95 0.45 -4.25
CA LEU D 476 -56.12 0.52 -5.70
C LEU D 476 -57.55 0.20 -6.12
N GLU D 477 -58.22 -0.69 -5.38
CA GLU D 477 -59.62 -0.98 -5.70
C GLU D 477 -60.51 0.23 -5.45
N SER D 478 -60.32 0.94 -4.33
CA SER D 478 -61.16 2.08 -4.04
C SER D 478 -60.39 3.39 -3.82
N ILE D 479 -59.38 3.36 -2.94
CA ILE D 479 -58.83 4.60 -2.41
C ILE D 479 -57.55 4.99 -3.15
N ASP D 480 -57.35 6.30 -3.32
CA ASP D 480 -56.12 6.79 -3.93
C ASP D 480 -54.91 6.44 -3.07
N TRP D 481 -53.82 6.08 -3.74
CA TRP D 481 -52.58 5.75 -3.04
C TRP D 481 -51.33 6.34 -3.67
N LEU D 482 -51.42 7.04 -4.80
CA LEU D 482 -50.21 7.52 -5.48
C LEU D 482 -49.47 8.55 -4.64
N HIS D 483 -50.20 9.32 -3.82
CA HIS D 483 -49.54 10.26 -2.92
C HIS D 483 -48.70 9.52 -1.88
N ILE D 484 -49.08 8.28 -1.58
CA ILE D 484 -48.44 7.54 -0.50
C ILE D 484 -47.08 7.02 -0.98
N GLU D 485 -46.07 7.16 -0.13
CA GLU D 485 -44.71 6.79 -0.50
C GLU D 485 -44.48 5.30 -0.36
N PHE D 486 -43.85 4.70 -1.38
CA PHE D 486 -43.51 3.28 -1.40
C PHE D 486 -42.06 3.08 -1.83
N THR D 487 -41.15 3.86 -1.24
CA THR D 487 -39.74 3.72 -1.58
C THR D 487 -39.21 2.39 -1.08
N ASP D 488 -38.25 1.84 -1.81
CA ASP D 488 -37.59 0.61 -1.42
C ASP D 488 -36.28 0.95 -0.70
N ASN D 489 -35.56 -0.07 -0.23
CA ASN D 489 -34.28 0.11 0.43
C ASN D 489 -33.26 -0.81 -0.26
N GLN D 490 -32.67 -0.30 -1.33
CA GLN D 490 -31.62 -1.00 -2.06
C GLN D 490 -30.24 -0.40 -1.83
N GLU D 491 -30.16 0.69 -1.07
CA GLU D 491 -28.88 1.32 -0.82
C GLU D 491 -27.94 0.39 -0.06
N ALA D 492 -28.48 -0.35 0.91
CA ALA D 492 -27.66 -1.32 1.64
C ALA D 492 -27.14 -2.41 0.71
N LEU D 493 -28.03 -2.94 -0.14
CA LEU D 493 -27.61 -3.98 -1.09
C LEU D 493 -26.61 -3.44 -2.11
N ASP D 494 -26.81 -2.20 -2.57
CA ASP D 494 -25.87 -1.61 -3.52
C ASP D 494 -24.48 -1.50 -2.92
N MET D 495 -24.40 -1.08 -1.66
CA MET D 495 -23.10 -0.98 -1.01
C MET D 495 -22.45 -2.35 -0.85
N ILE D 496 -23.25 -3.39 -0.59
CA ILE D 496 -22.69 -4.70 -0.30
C ILE D 496 -22.27 -5.41 -1.58
N ALA D 497 -23.19 -5.61 -2.53
CA ALA D 497 -22.88 -6.46 -3.67
C ALA D 497 -23.46 -6.01 -5.01
N ASN D 498 -24.10 -4.84 -5.06
CA ASN D 498 -24.86 -4.46 -6.26
C ASN D 498 -24.34 -3.19 -6.93
N ARG D 499 -23.15 -2.74 -6.59
CA ARG D 499 -22.57 -1.53 -7.15
C ARG D 499 -21.08 -1.77 -7.33
N PRO D 500 -20.44 -1.11 -8.30
CA PRO D 500 -18.99 -1.12 -8.34
C PRO D 500 -18.40 -0.57 -7.05
N MET D 501 -17.25 -1.13 -6.65
CA MET D 501 -16.59 -0.83 -5.38
C MET D 501 -17.43 -1.31 -4.20
N ASN D 502 -18.20 -2.38 -4.41
CA ASN D 502 -19.00 -2.94 -3.34
C ASN D 502 -18.13 -3.66 -2.32
N VAL D 503 -18.74 -3.97 -1.17
CA VAL D 503 -17.98 -4.51 -0.04
C VAL D 503 -17.37 -5.86 -0.39
N ILE D 504 -18.14 -6.72 -1.06
CA ILE D 504 -17.71 -8.09 -1.29
C ILE D 504 -16.48 -8.13 -2.20
N SER D 505 -16.50 -7.36 -3.28
CA SER D 505 -15.36 -7.38 -4.20
C SER D 505 -14.10 -6.83 -3.56
N LEU D 506 -14.25 -5.83 -2.67
CA LEU D 506 -13.09 -5.32 -1.94
C LEU D 506 -12.50 -6.40 -1.05
N ILE D 507 -13.33 -7.30 -0.54
CA ILE D 507 -12.82 -8.47 0.19
C ILE D 507 -12.13 -9.42 -0.78
N ASP D 508 -12.74 -9.64 -1.94
CA ASP D 508 -12.14 -10.52 -2.95
C ASP D 508 -10.85 -9.93 -3.50
N GLU D 509 -10.84 -8.62 -3.76
CA GLU D 509 -9.65 -7.96 -4.27
C GLU D 509 -8.49 -8.07 -3.28
N GLU D 510 -8.76 -7.85 -2.00
CA GLU D 510 -7.69 -7.87 -1.01
C GLU D 510 -7.20 -9.29 -0.75
N SER D 511 -8.03 -10.29 -1.05
CA SER D 511 -7.59 -11.68 -0.88
C SER D 511 -6.42 -12.02 -1.78
N LYS D 512 -6.45 -11.55 -3.03
CA LYS D 512 -5.42 -11.86 -4.00
C LYS D 512 -4.37 -10.76 -4.16
N PHE D 513 -4.60 -9.59 -3.58
CA PHE D 513 -3.63 -8.51 -3.72
C PHE D 513 -2.34 -8.86 -2.97
N PRO D 514 -1.19 -8.50 -3.52
CA PRO D 514 0.08 -8.83 -2.85
C PRO D 514 0.17 -8.21 -1.46
N LYS D 515 0.74 -8.96 -0.53
CA LYS D 515 0.90 -8.53 0.87
C LYS D 515 -0.43 -8.08 1.47
N GLY D 516 -1.47 -8.86 1.20
CA GLY D 516 -2.81 -8.53 1.66
C GLY D 516 -3.06 -9.06 3.06
N THR D 517 -3.61 -8.20 3.91
CA THR D 517 -3.96 -8.55 5.28
C THR D 517 -5.36 -8.03 5.59
N ASP D 518 -5.88 -8.47 6.74
CA ASP D 518 -7.19 -8.00 7.18
C ASP D 518 -7.16 -6.51 7.50
N ALA D 519 -6.05 -6.02 8.04
CA ALA D 519 -5.94 -4.59 8.32
C ALA D 519 -5.99 -3.78 7.04
N THR D 520 -5.34 -4.25 5.97
CA THR D 520 -5.38 -3.54 4.71
C THR D 520 -6.78 -3.59 4.09
N MET D 521 -7.48 -4.71 4.25
CA MET D 521 -8.84 -4.81 3.75
C MET D 521 -9.75 -3.78 4.41
N LEU D 522 -9.61 -3.62 5.73
CA LEU D 522 -10.43 -2.65 6.45
C LEU D 522 -10.17 -1.23 5.96
N HIS D 523 -8.91 -0.92 5.65
CA HIS D 523 -8.59 0.42 5.13
C HIS D 523 -9.24 0.67 3.78
N LYS D 524 -9.28 -0.35 2.92
CA LYS D 524 -9.97 -0.23 1.65
C LYS D 524 -11.45 0.05 1.85
N LEU D 525 -12.08 -0.69 2.76
CA LEU D 525 -13.50 -0.50 3.03
C LEU D 525 -13.77 0.90 3.58
N ASN D 526 -12.92 1.34 4.49
CA ASN D 526 -13.08 2.69 5.06
C ASN D 526 -12.90 3.76 3.99
N SER D 527 -11.87 3.62 3.15
CA SER D 527 -11.59 4.65 2.16
C SER D 527 -12.73 4.80 1.16
N GLN D 528 -13.28 3.67 0.70
CA GLN D 528 -14.32 3.73 -0.32
C GLN D 528 -15.66 4.16 0.27
N HIS D 529 -16.02 3.64 1.44
CA HIS D 529 -17.38 3.75 1.96
C HIS D 529 -17.48 4.66 3.19
N LYS D 530 -16.50 5.54 3.42
CA LYS D 530 -16.57 6.41 4.59
C LYS D 530 -17.76 7.36 4.49
N LEU D 531 -17.99 7.92 3.30
CA LEU D 531 -19.06 8.91 3.14
C LEU D 531 -20.44 8.27 3.19
N ASN D 532 -20.54 7.00 2.82
CA ASN D 532 -21.83 6.32 2.83
C ASN D 532 -22.39 6.24 4.23
N ALA D 533 -23.67 6.58 4.37
CA ALA D 533 -24.30 6.59 5.69
C ALA D 533 -24.50 5.19 6.23
N ASN D 534 -24.63 4.20 5.34
CA ASN D 534 -24.84 2.82 5.78
C ASN D 534 -23.58 2.23 6.41
N TYR D 535 -22.41 2.74 6.04
CA TYR D 535 -21.14 2.23 6.55
C TYR D 535 -20.73 3.01 7.79
N VAL D 536 -20.35 2.29 8.85
CA VAL D 536 -19.89 2.91 10.09
C VAL D 536 -18.40 2.59 10.27
N PRO D 537 -17.50 3.52 9.95
CA PRO D 537 -16.08 3.22 10.04
C PRO D 537 -15.65 3.04 11.48
N PRO D 538 -14.58 2.28 11.73
CA PRO D 538 -14.05 2.18 13.10
C PRO D 538 -13.58 3.53 13.61
N LYS D 539 -13.78 3.75 14.91
CA LYS D 539 -13.46 5.06 15.48
C LYS D 539 -11.95 5.29 15.52
N ASN D 540 -11.17 4.24 15.72
CA ASN D 540 -9.73 4.34 15.81
C ASN D 540 -9.07 3.52 14.72
N SER D 541 -7.76 3.71 14.56
CA SER D 541 -7.00 2.87 13.64
C SER D 541 -6.81 1.47 14.19
N HIS D 542 -6.76 1.34 15.52
CA HIS D 542 -6.55 0.03 16.13
C HIS D 542 -7.82 -0.80 16.14
N GLU D 543 -8.99 -0.16 16.05
CA GLU D 543 -10.24 -0.90 16.00
C GLU D 543 -10.31 -1.75 14.74
N THR D 544 -10.77 -2.99 14.89
CA THR D 544 -10.80 -3.96 13.81
C THR D 544 -12.23 -4.40 13.48
N GLN D 545 -13.19 -3.49 13.63
CA GLN D 545 -14.59 -3.80 13.35
C GLN D 545 -15.20 -2.69 12.50
N PHE D 546 -15.91 -3.08 11.44
CA PHE D 546 -16.65 -2.15 10.62
C PHE D 546 -18.13 -2.43 10.73
N GLY D 547 -18.93 -1.36 10.69
CA GLY D 547 -20.37 -1.47 10.87
C GLY D 547 -21.10 -1.25 9.55
N ILE D 548 -22.08 -2.11 9.29
CA ILE D 548 -22.93 -2.02 8.12
C ILE D 548 -24.37 -1.90 8.59
N ASN D 549 -25.06 -0.87 8.09
CA ASN D 549 -26.44 -0.58 8.51
C ASN D 549 -27.39 -1.45 7.70
N HIS D 550 -27.59 -2.68 8.19
CA HIS D 550 -28.57 -3.57 7.60
C HIS D 550 -29.99 -3.10 7.91
N PHE D 551 -30.97 -3.80 7.34
CA PHE D 551 -32.37 -3.44 7.57
C PHE D 551 -32.74 -3.59 9.04
N ALA D 552 -32.23 -4.63 9.69
CA ALA D 552 -32.52 -4.84 11.11
C ALA D 552 -31.81 -3.79 11.97
N GLY D 553 -30.57 -3.46 11.64
CA GLY D 553 -29.83 -2.48 12.41
C GLY D 553 -28.36 -2.51 12.03
N VAL D 554 -27.58 -1.75 12.79
CA VAL D 554 -26.14 -1.67 12.56
C VAL D 554 -25.49 -2.91 13.16
N VAL D 555 -24.77 -3.66 12.33
CA VAL D 555 -24.11 -4.89 12.73
C VAL D 555 -22.62 -4.74 12.52
N TYR D 556 -21.84 -5.05 13.54
CA TYR D 556 -20.39 -4.88 13.51
C TYR D 556 -19.73 -6.22 13.24
N TYR D 557 -18.88 -6.27 12.21
CA TYR D 557 -18.20 -7.48 11.79
C TYR D 557 -16.72 -7.37 12.12
N GLU D 558 -16.14 -8.43 12.67
CA GLU D 558 -14.73 -8.43 12.99
C GLU D 558 -13.90 -8.60 11.72
N SER D 559 -12.95 -7.69 11.51
CA SER D 559 -12.11 -7.75 10.31
C SER D 559 -11.27 -9.01 10.29
N GLN D 560 -10.74 -9.41 11.45
CA GLN D 560 -9.97 -10.64 11.53
C GLN D 560 -10.87 -11.83 11.23
N GLY D 561 -10.33 -12.81 10.49
CA GLY D 561 -11.08 -13.94 10.00
C GLY D 561 -11.34 -13.89 8.51
N PHE D 562 -11.58 -12.70 7.97
CA PHE D 562 -11.68 -12.53 6.53
C PHE D 562 -10.33 -12.81 5.88
N LEU D 563 -10.34 -12.92 4.55
CA LEU D 563 -9.15 -13.20 3.75
C LEU D 563 -8.52 -14.55 4.10
N GLU D 564 -9.14 -15.29 5.00
CA GLU D 564 -8.69 -16.63 5.37
C GLU D 564 -9.81 -17.61 5.05
N LYS D 565 -11.03 -17.24 5.45
CA LYS D 565 -12.20 -18.04 5.09
C LYS D 565 -12.54 -17.89 3.61
N ASN D 566 -12.43 -16.67 3.08
CA ASN D 566 -12.80 -16.39 1.70
C ASN D 566 -11.64 -16.66 0.75
N ARG D 567 -11.05 -17.86 0.84
CA ARG D 567 -10.01 -18.30 -0.10
C ARG D 567 -10.23 -19.79 -0.36
N ASP D 568 -10.91 -20.09 -1.47
CA ASP D 568 -11.08 -21.47 -1.93
C ASP D 568 -10.25 -21.63 -3.19
N THR D 569 -8.99 -22.02 -3.01
CA THR D 569 -8.02 -22.09 -4.10
C THR D 569 -7.81 -23.56 -4.49
N LEU D 570 -8.40 -23.96 -5.61
CA LEU D 570 -8.23 -25.29 -6.17
C LEU D 570 -7.39 -25.18 -7.44
N HIS D 571 -6.12 -25.57 -7.35
CA HIS D 571 -5.27 -25.57 -8.53
C HIS D 571 -5.65 -26.72 -9.46
N GLY D 572 -5.08 -26.69 -10.67
CA GLY D 572 -5.30 -27.77 -11.60
C GLY D 572 -4.72 -29.09 -11.13
N ASP D 573 -3.67 -29.04 -10.31
CA ASP D 573 -3.04 -30.26 -9.81
C ASP D 573 -3.99 -31.05 -8.92
N ILE D 574 -4.88 -30.36 -8.19
CA ILE D 574 -5.84 -31.05 -7.34
C ILE D 574 -6.75 -31.94 -8.17
N ILE D 575 -7.27 -31.40 -9.28
CA ILE D 575 -8.16 -32.18 -10.13
C ILE D 575 -7.40 -33.29 -10.85
N GLN D 576 -6.14 -33.03 -11.20
CA GLN D 576 -5.31 -34.08 -11.82
C GLN D 576 -5.13 -35.26 -10.86
N LEU D 577 -4.89 -34.97 -9.58
CA LEU D 577 -4.73 -36.04 -8.60
C LEU D 577 -6.01 -36.84 -8.45
N VAL D 578 -7.16 -36.16 -8.43
CA VAL D 578 -8.44 -36.86 -8.30
C VAL D 578 -8.69 -37.75 -9.50
N HIS D 579 -8.37 -37.27 -10.71
CA HIS D 579 -8.60 -38.06 -11.91
C HIS D 579 -7.76 -39.34 -11.90
N SER D 580 -6.51 -39.24 -11.44
CA SER D 580 -5.64 -40.41 -11.40
C SER D 580 -5.94 -41.33 -10.22
N SER D 581 -6.83 -40.93 -9.32
CA SER D 581 -7.12 -41.75 -8.15
C SER D 581 -7.78 -43.07 -8.55
N ARG D 582 -7.41 -44.14 -7.85
CA ARG D 582 -8.01 -45.44 -8.13
C ARG D 582 -9.47 -45.48 -7.69
N ASN D 583 -9.80 -44.78 -6.61
CA ASN D 583 -11.16 -44.78 -6.09
C ASN D 583 -12.12 -44.21 -7.14
N LYS D 584 -13.19 -44.95 -7.41
CA LYS D 584 -14.17 -44.51 -8.39
C LYS D 584 -15.09 -43.43 -7.82
N PHE D 585 -15.38 -43.50 -6.52
CA PHE D 585 -16.29 -42.53 -5.92
C PHE D 585 -15.72 -41.12 -5.95
N ILE D 586 -14.43 -40.97 -5.65
CA ILE D 586 -13.82 -39.64 -5.67
C ILE D 586 -13.80 -39.08 -7.09
N LYS D 587 -13.61 -39.96 -8.08
CA LYS D 587 -13.68 -39.50 -9.47
C LYS D 587 -15.11 -39.19 -9.87
N GLN D 588 -16.08 -39.93 -9.32
CA GLN D 588 -17.48 -39.74 -9.72
C GLN D 588 -18.00 -38.39 -9.25
N ILE D 589 -17.66 -37.99 -8.02
CA ILE D 589 -18.14 -36.71 -7.51
C ILE D 589 -17.42 -35.53 -8.15
N PHE D 590 -16.21 -35.75 -8.66
CA PHE D 590 -15.47 -34.72 -9.40
C PHE D 590 -15.67 -34.84 -10.91
N GLN D 591 -16.80 -35.43 -11.34
CA GLN D 591 -16.97 -35.78 -12.75
C GLN D 591 -16.90 -34.55 -13.65
N ALA D 592 -17.54 -33.46 -13.23
CA ALA D 592 -17.45 -32.22 -14.01
C ALA D 592 -16.02 -31.69 -14.03
N ASP D 593 -15.30 -31.84 -12.92
CA ASP D 593 -13.94 -31.31 -12.83
C ASP D 593 -12.95 -32.17 -13.61
N VAL D 594 -13.10 -33.50 -13.53
CA VAL D 594 -12.12 -34.38 -14.18
C VAL D 594 -12.16 -34.23 -15.70
N ALA D 595 -13.15 -33.52 -16.22
CA ALA D 595 -13.12 -33.06 -17.61
C ALA D 595 -12.46 -31.68 -17.69
N MET D 596 -11.23 -31.61 -17.18
CA MET D 596 -10.54 -30.34 -17.01
C MET D 596 -10.01 -29.85 -18.36
N GLY D 597 -9.17 -28.81 -18.28
CA GLY D 597 -8.58 -28.23 -19.48
C GLY D 597 -8.61 -26.72 -19.46
N ALA D 598 -9.07 -26.14 -18.35
CA ALA D 598 -9.22 -24.70 -18.21
C ALA D 598 -8.19 -24.16 -17.23
N GLU D 599 -7.43 -23.15 -17.66
CA GLU D 599 -6.50 -22.45 -16.79
C GLU D 599 -7.14 -21.32 -16.03
N THR D 600 -8.47 -21.20 -16.06
CA THR D 600 -9.24 -20.19 -15.34
C THR D 600 -9.24 -20.42 -13.84
N ARG D 601 -8.41 -21.35 -13.38
CA ARG D 601 -8.36 -21.68 -11.95
C ARG D 601 -7.81 -20.55 -11.11
N LYS D 602 -7.24 -19.51 -11.73
CA LYS D 602 -6.90 -18.30 -10.99
C LYS D 602 -8.16 -17.66 -10.41
N ARG D 603 -9.27 -17.77 -11.13
CA ARG D 603 -10.56 -17.41 -10.55
C ARG D 603 -10.84 -18.24 -9.32
N SER D 604 -10.96 -19.58 -9.50
CA SER D 604 -11.25 -20.54 -8.44
C SER D 604 -12.32 -19.97 -7.52
N PRO D 605 -13.58 -19.93 -7.98
CA PRO D 605 -14.59 -19.08 -7.31
C PRO D 605 -14.54 -19.15 -5.79
N THR D 606 -14.25 -18.03 -5.17
CA THR D 606 -14.09 -17.98 -3.73
C THR D 606 -15.45 -18.11 -3.05
N LEU D 607 -15.41 -18.32 -1.73
CA LEU D 607 -16.65 -18.55 -0.98
C LEU D 607 -17.62 -17.39 -1.14
N SER D 608 -17.09 -16.17 -1.30
CA SER D 608 -17.95 -15.03 -1.60
C SER D 608 -18.58 -15.17 -2.98
N SER D 609 -17.77 -15.55 -3.98
CA SER D 609 -18.28 -15.67 -5.34
C SER D 609 -19.29 -16.80 -5.46
N GLN D 610 -19.00 -17.94 -4.83
CA GLN D 610 -19.94 -19.07 -4.88
C GLN D 610 -21.23 -18.73 -4.15
N PHE D 611 -21.13 -18.02 -3.02
CA PHE D 611 -22.32 -17.68 -2.24
C PHE D 611 -23.22 -16.75 -3.03
N LYS D 612 -22.63 -15.77 -3.72
CA LYS D 612 -23.43 -14.84 -4.52
C LYS D 612 -24.17 -15.57 -5.63
N ARG D 613 -23.47 -16.40 -6.39
CA ARG D 613 -24.09 -17.10 -7.51
C ARG D 613 -25.18 -18.05 -7.03
N SER D 614 -24.95 -18.73 -5.90
CA SER D 614 -26.00 -19.55 -5.32
C SER D 614 -27.19 -18.70 -4.89
N LEU D 615 -26.93 -17.52 -4.32
CA LEU D 615 -28.01 -16.64 -3.92
C LEU D 615 -28.78 -16.13 -5.14
N GLU D 616 -28.08 -15.78 -6.22
CA GLU D 616 -28.76 -15.33 -7.43
C GLU D 616 -29.63 -16.43 -8.01
N LEU D 617 -29.13 -17.67 -8.02
CA LEU D 617 -29.94 -18.79 -8.49
C LEU D 617 -31.16 -18.98 -7.59
N LEU D 618 -30.97 -18.84 -6.28
CA LEU D 618 -32.10 -18.94 -5.35
C LEU D 618 -33.13 -17.85 -5.61
N MET D 619 -32.68 -16.62 -5.81
CA MET D 619 -33.61 -15.51 -5.97
C MET D 619 -34.39 -15.62 -7.27
N ARG D 620 -33.78 -16.17 -8.32
CA ARG D 620 -34.50 -16.37 -9.57
C ARG D 620 -35.64 -17.37 -9.39
N THR D 621 -35.41 -18.43 -8.59
CA THR D 621 -36.45 -19.41 -8.35
C THR D 621 -37.63 -18.80 -7.59
N LEU D 622 -37.34 -18.06 -6.52
CA LEU D 622 -38.40 -17.38 -5.78
C LEU D 622 -39.04 -16.28 -6.62
N GLY D 623 -38.27 -15.66 -7.50
CA GLY D 623 -38.82 -14.63 -8.36
C GLY D 623 -39.91 -15.14 -9.28
N ALA D 624 -39.76 -16.38 -9.75
CA ALA D 624 -40.73 -16.94 -10.70
C ALA D 624 -42.04 -17.34 -10.01
N CYS D 625 -42.02 -17.52 -8.70
CA CYS D 625 -43.18 -18.02 -7.96
C CYS D 625 -43.75 -16.95 -7.04
N GLN D 626 -45.07 -16.97 -6.89
CA GLN D 626 -45.73 -16.06 -5.97
C GLN D 626 -45.41 -16.46 -4.53
N PRO D 627 -45.01 -15.52 -3.68
CA PRO D 627 -44.49 -15.89 -2.35
C PRO D 627 -45.54 -15.92 -1.24
N PHE D 628 -45.31 -16.79 -0.27
CA PHE D 628 -46.05 -16.81 0.99
C PHE D 628 -45.03 -16.85 2.12
N PHE D 629 -45.19 -15.97 3.10
CA PHE D 629 -44.18 -15.78 4.14
C PHE D 629 -44.69 -16.29 5.49
N VAL D 630 -43.82 -16.98 6.22
CA VAL D 630 -44.12 -17.48 7.56
C VAL D 630 -42.92 -17.17 8.45
N ARG D 631 -43.19 -16.64 9.64
CA ARG D 631 -42.16 -16.33 10.62
C ARG D 631 -42.34 -17.23 11.85
N CYS D 632 -41.24 -17.83 12.30
CA CYS D 632 -41.23 -18.69 13.47
C CYS D 632 -40.41 -18.05 14.57
N ILE D 633 -40.95 -18.03 15.79
CA ILE D 633 -40.32 -17.36 16.92
C ILE D 633 -40.19 -18.36 18.07
N LYS D 634 -38.99 -18.46 18.63
CA LYS D 634 -38.79 -19.27 19.83
C LYS D 634 -39.05 -18.40 21.06
N PRO D 635 -40.00 -18.77 21.93
CA PRO D 635 -40.36 -17.85 23.02
C PRO D 635 -39.29 -17.70 24.08
N ASN D 636 -38.47 -18.72 24.30
CA ASN D 636 -37.53 -18.77 25.42
C ASN D 636 -36.34 -19.64 25.06
N GLU D 637 -35.23 -19.45 25.80
CA GLU D 637 -33.98 -20.10 25.44
C GLU D 637 -33.82 -21.47 26.11
N PHE D 638 -34.30 -21.61 27.34
CA PHE D 638 -34.30 -22.90 28.03
C PHE D 638 -35.60 -23.61 27.66
N LYS D 639 -35.50 -24.74 26.96
CA LYS D 639 -36.68 -25.37 26.38
C LYS D 639 -37.72 -25.69 27.46
N LYS D 640 -38.86 -24.99 27.42
CA LYS D 640 -39.93 -25.12 28.39
C LYS D 640 -41.26 -25.05 27.66
N PRO D 641 -42.23 -25.86 28.06
CA PRO D 641 -43.54 -25.83 27.37
C PRO D 641 -44.22 -24.47 27.41
N MET D 642 -44.16 -23.76 28.53
CA MET D 642 -44.82 -22.46 28.68
C MET D 642 -43.89 -21.49 29.41
N LEU D 643 -43.11 -20.74 28.63
CA LEU D 643 -42.28 -19.65 29.14
C LEU D 643 -42.06 -18.67 28.00
N PHE D 644 -42.60 -17.47 28.14
CA PHE D 644 -42.56 -16.45 27.10
C PHE D 644 -41.61 -15.35 27.54
N ASP D 645 -40.39 -15.35 26.99
CA ASP D 645 -39.41 -14.32 27.30
C ASP D 645 -39.64 -13.14 26.37
N ARG D 646 -39.93 -11.97 26.95
CA ARG D 646 -40.25 -10.79 26.16
C ARG D 646 -39.04 -10.29 25.39
N HIS D 647 -37.91 -10.13 26.08
CA HIS D 647 -36.73 -9.56 25.45
C HIS D 647 -36.24 -10.43 24.29
N LEU D 648 -36.31 -11.75 24.46
CA LEU D 648 -35.91 -12.65 23.39
C LEU D 648 -36.84 -12.52 22.20
N CYS D 649 -38.14 -12.41 22.45
CA CYS D 649 -39.11 -12.36 21.35
C CYS D 649 -38.97 -11.07 20.56
N VAL D 650 -38.98 -9.91 21.25
CA VAL D 650 -39.00 -8.63 20.55
C VAL D 650 -37.74 -8.47 19.70
N ARG D 651 -36.64 -9.08 20.13
CA ARG D 651 -35.44 -9.11 19.30
C ARG D 651 -35.71 -9.81 17.98
N GLN D 652 -36.45 -10.92 18.03
CA GLN D 652 -36.77 -11.64 16.80
C GLN D 652 -37.77 -10.88 15.94
N LEU D 653 -38.72 -10.18 16.57
CA LEU D 653 -39.63 -9.33 15.80
C LEU D 653 -38.89 -8.23 15.04
N ARG D 654 -37.94 -7.57 15.70
CA ARG D 654 -37.20 -6.51 15.04
C ARG D 654 -36.32 -7.05 13.91
N TYR D 655 -35.64 -8.18 14.15
CA TYR D 655 -34.75 -8.73 13.13
C TYR D 655 -35.51 -9.46 12.03
N SER D 656 -36.79 -9.77 12.24
CA SER D 656 -37.54 -10.48 11.21
C SER D 656 -37.88 -9.58 10.02
N GLY D 657 -37.99 -8.28 10.26
CA GLY D 657 -38.45 -7.36 9.25
C GLY D 657 -39.95 -7.25 9.14
N MET D 658 -40.70 -7.90 10.03
CA MET D 658 -42.16 -7.81 9.99
C MET D 658 -42.64 -6.39 10.28
N MET D 659 -41.84 -5.62 11.02
CA MET D 659 -42.24 -4.27 11.39
C MET D 659 -42.43 -3.37 10.19
N GLU D 660 -41.86 -3.72 9.03
CA GLU D 660 -42.04 -2.92 7.83
C GLU D 660 -43.49 -2.90 7.39
N THR D 661 -44.20 -4.02 7.59
CA THR D 661 -45.62 -4.07 7.28
C THR D 661 -46.39 -3.05 8.12
N ILE D 662 -46.04 -2.93 9.40
CA ILE D 662 -46.71 -1.98 10.28
C ILE D 662 -46.38 -0.56 9.89
N ARG D 663 -45.12 -0.31 9.50
CA ARG D 663 -44.70 1.05 9.16
C ARG D 663 -45.48 1.58 7.96
N ILE D 664 -45.64 0.75 6.93
CA ILE D 664 -46.33 1.22 5.72
C ILE D 664 -47.81 1.42 5.99
N ARG D 665 -48.35 0.77 7.02
CA ARG D 665 -49.70 1.09 7.48
C ARG D 665 -49.80 2.53 7.96
N HIS D 666 -48.85 2.96 8.78
CA HIS D 666 -48.89 4.32 9.31
C HIS D 666 -48.74 5.36 8.20
N ALA D 667 -47.88 5.07 7.22
CA ALA D 667 -47.75 5.96 6.08
C ALA D 667 -49.05 6.02 5.27
N GLY D 668 -49.76 4.90 5.16
CA GLY D 668 -51.02 4.87 4.46
C GLY D 668 -52.19 5.29 5.33
N TYR D 669 -53.23 4.47 5.41
CA TYR D 669 -54.41 4.74 6.23
C TYR D 669 -54.50 3.70 7.33
N PRO D 670 -53.96 3.99 8.53
CA PRO D 670 -53.99 3.05 9.66
C PRO D 670 -55.40 2.84 10.22
PB ADP E . 10.53 18.93 23.11
O1B ADP E . 9.24 18.73 22.37
O2B ADP E . 10.36 19.24 24.58
O3B ADP E . 11.49 19.86 22.38
PA ADP E . 12.46 17.06 24.02
O1A ADP E . 12.04 15.79 24.72
O2A ADP E . 12.87 18.25 24.85
O3A ADP E . 11.23 17.49 23.07
O5' ADP E . 13.67 16.68 23.02
C5' ADP E . 13.78 17.26 21.72
C4' ADP E . 15.25 17.24 21.29
O4' ADP E . 16.08 16.64 22.28
C3' ADP E . 15.48 16.45 20.01
O3' ADP E . 15.56 17.34 18.88
C2' ADP E . 16.81 15.76 20.21
O2' ADP E . 17.77 16.30 19.30
C1' ADP E . 17.22 16.09 21.64
N9 ADP E . 17.69 14.84 22.32
C8 ADP E . 16.91 13.81 22.67
N7 ADP E . 17.65 12.83 23.27
C5 ADP E . 18.92 13.25 23.30
C6 ADP E . 20.21 12.70 23.78
N6 ADP E . 20.28 11.50 24.37
N1 ADP E . 21.32 13.47 23.61
C2 ADP E . 21.26 14.67 23.02
N3 ADP E . 20.12 15.22 22.56
C4 ADP E . 18.94 14.57 22.66
MG MG F . 9.81 20.49 26.09
PB ADP G . 9.72 -10.85 -24.68
O1B ADP G . 8.27 -11.22 -24.52
O2B ADP G . 10.31 -10.18 -23.47
O3B ADP G . 10.07 -10.18 -25.99
PA ADP G . 10.39 -13.36 -23.58
O1A ADP G . 9.15 -14.21 -23.79
O2A ADP G . 10.61 -12.65 -22.28
O3A ADP G . 10.46 -12.27 -24.77
O5' ADP G . 11.68 -14.27 -23.92
C5' ADP G . 12.26 -14.17 -25.21
C4' ADP G . 13.76 -14.47 -25.15
O4' ADP G . 14.08 -15.31 -24.04
C3' ADP G . 14.23 -15.21 -26.41
O3' ADP G . 14.95 -14.31 -27.26
C2' ADP G . 15.15 -16.31 -25.90
O2' ADP G . 16.46 -16.11 -26.44
C1' ADP G . 15.18 -16.15 -24.39
N9 ADP G . 15.07 -17.47 -23.72
C8 ADP G . 13.95 -18.21 -23.63
N7 ADP G . 14.18 -19.36 -22.96
C5 ADP G . 15.47 -19.37 -22.60
C6 ADP G . 16.38 -20.29 -21.88
N6 ADP G . 15.91 -21.46 -21.38
N1 ADP G . 17.67 -19.92 -21.72
C2 ADP G . 18.12 -18.75 -22.22
N3 ADP G . 17.37 -17.88 -22.89
C4 ADP G . 16.06 -18.12 -23.11
MG MG H . 8.57 -9.15 -22.14
PB ADP I . 32.63 25.36 -14.59
O1B ADP I . 33.93 25.49 -15.32
O2B ADP I . 32.27 26.54 -13.73
O3B ADP I . 32.41 24.02 -13.92
PA ADP I . 31.26 26.70 -16.63
O1A ADP I . 32.53 27.07 -17.37
O2A ADP I . 30.59 27.72 -15.73
O3A ADP I . 31.53 25.38 -15.76
O5' ADP I . 30.18 26.16 -17.69
C5' ADP I . 29.96 24.75 -17.78
C4' ADP I . 28.52 24.44 -18.17
O4' ADP I . 27.84 25.60 -18.62
C3' ADP I . 28.45 23.42 -19.28
O3' ADP I . 28.13 22.13 -18.76
C2' ADP I . 27.33 23.91 -20.19
O2' ADP I . 26.27 22.96 -20.19
C1' ADP I . 26.86 25.21 -19.59
N9 ADP I . 26.71 26.25 -20.64
C8 ADP I . 27.71 26.92 -21.24
N7 ADP I . 27.23 27.80 -22.15
C5 ADP I . 25.88 27.70 -22.14
C6 ADP I . 24.76 28.35 -22.86
N6 ADP I . 24.98 29.29 -23.80
N1 ADP I . 23.51 27.94 -22.55
C2 ADP I . 23.27 27.00 -21.62
N3 ADP I . 24.24 26.38 -20.93
C4 ADP I . 25.55 26.68 -21.14
MG MG J . 32.70 27.61 -12.01
MG MG K . -33.91 -27.36 10.58
PB ADP L . -35.17 -25.63 13.33
O1B ADP L . -36.25 -24.71 12.84
O2B ADP L . -34.89 -26.80 12.43
O3B ADP L . -33.93 -24.93 13.86
PA ADP L . -36.85 -27.52 14.54
O1A ADP L . -37.97 -27.12 13.62
O2A ADP L . -36.05 -28.76 14.28
O3A ADP L . -35.81 -26.29 14.66
O5' ADP L . -37.41 -27.58 16.06
C5' ADP L . -36.68 -28.29 17.05
C4' ADP L . -37.64 -28.80 18.11
O4' ADP L . -38.75 -27.91 18.26
C3' ADP L . -38.20 -30.16 17.72
O3' ADP L . -37.65 -31.17 18.57
C2' ADP L . -39.70 -30.06 17.91
O2' ADP L . -40.12 -31.03 18.88
C1' ADP L . -39.96 -28.65 18.43
N9 ADP L . -41.05 -28.04 17.64
C8 ADP L . -40.89 -27.06 16.73
N7 ADP L . -42.10 -26.71 16.18
C5 ADP L . -43.03 -27.47 16.74
C6 ADP L . -44.50 -27.64 16.62
N6 ADP L . -45.22 -26.87 15.76
N1 ADP L . -45.10 -28.56 17.40
C2 ADP L . -44.41 -29.32 18.26
N3 ADP L . -43.08 -29.24 18.42
C4 ADP L . -42.34 -28.35 17.71
#